data_3VLI
#
_entry.id   3VLI
#
_cell.length_a   315.883
_cell.length_b   81.426
_cell.length_c   75.576
_cell.angle_alpha   90.00
_cell.angle_beta   99.72
_cell.angle_gamma   90.00
#
_symmetry.space_group_name_H-M   'C 1 2 1'
#
loop_
_entity.id
_entity.type
_entity.pdbx_description
1 polymer 'Catalase-peroxidase 2'
2 non-polymer 'PROTOPORPHYRIN IX CONTAINING FE'
3 non-polymer 'CYANIDE ION'
4 water water
#
_entity_poly.entity_id   1
_entity_poly.type   'polypeptide(L)'
_entity_poly.pdbx_seq_one_letter_code
;MAETPNSDMSGATGGRSKRPKSNQDWWPSKLNLEILDQNARDVGPVEDDFDYAEEFQKLDLEAVKSDLEELMTSSQDWWP
ADYGHYGPLFIRMAWHSAGTYRTADGRGGAAGGRQRFAPINSWPDNANLDKARRLLLPIKQKYGQKISWADLMILAGNVA
IESMGFKTFGYAGGREDAFEEDKAVNWGPEDEFETQERFDEPGEIQEGLGASVMGLIYVNPEGPDGNPDPEASAKNIRQT
FDRMAMNDKETAALIAGGHTFGKVHGADDPEENLGPEPEAAPIEQQGLGWQNKNGNSKGGEMITSGIEGPWTQSPTEWDM
GYINNLLDYEWEPEKGPGGAWQWAPKSEELKNSVPDAHDPDEKQTPMMLTTDIALKRDPDYREVMETFQENPMEFGMNFA
KAWYKLTHLDMGPPERFLGPEVPDEEMIWQDPLPDADYDLIGDEEIAELKEEILDSDLSVSQLVKTAWASASTYRDSDKR
GGANGARLRLEPQKNWEVNEPEQLETVLGTLENIQTEFNDSRSDGTQVSLADLIVLGGNAAVEQAAANAGYDVEIPFEPG
RVDAGPEHTDAPSFDALKPKVDGVRNYIQDDITRPAEEVLVDNADLLNLTASELTALIGGMRSIGANYQDTDLGVFTDEP
ETLTNDFFVNLLDMGTEWEPAADSEHRYKGLDRDTGEVKWEATRIDLIFGSNDRLRAISEVYGSADAEKKLVHDFVDTWS
KVMKLDRFDLEHHHHHH
;
_entity_poly.pdbx_strand_id   A,B
#
loop_
_chem_comp.id
_chem_comp.type
_chem_comp.name
_chem_comp.formula
CYN non-polymer 'CYANIDE ION' 'C N -1'
HEM non-polymer 'PROTOPORPHYRIN IX CONTAINING FE' 'C34 H32 Fe N4 O4'
#
# COMPACT_ATOMS: atom_id res chain seq x y z
N LYS A 18 9.91 12.66 12.27
CA LYS A 18 9.29 11.36 12.65
C LYS A 18 8.68 10.64 11.43
N ARG A 19 7.64 9.86 11.68
CA ARG A 19 6.96 9.14 10.62
C ARG A 19 5.46 9.41 10.68
N PRO A 20 4.82 9.60 9.51
CA PRO A 20 3.38 9.88 9.47
C PRO A 20 2.55 8.77 10.13
N LYS A 21 1.70 9.18 11.06
CA LYS A 21 0.83 8.26 11.80
C LYS A 21 -0.27 7.75 10.88
N SER A 22 -0.22 6.46 10.55
CA SER A 22 -1.20 5.85 9.66
C SER A 22 -2.65 6.05 10.15
N ASN A 23 -3.59 6.00 9.21
CA ASN A 23 -5.00 6.14 9.54
C ASN A 23 -5.45 4.99 10.44
N GLN A 24 -4.81 3.82 10.32
CA GLN A 24 -5.15 2.66 11.13
C GLN A 24 -4.82 2.92 12.62
N ASP A 25 -3.85 3.81 12.86
CA ASP A 25 -3.46 4.17 14.22
C ASP A 25 -4.52 5.05 14.85
N TRP A 26 -5.05 5.99 14.07
CA TRP A 26 -6.11 6.86 14.58
C TRP A 26 -7.45 6.13 14.71
N TRP A 27 -7.73 5.25 13.75
CA TRP A 27 -8.99 4.52 13.74
C TRP A 27 -8.70 3.04 13.54
N PRO A 28 -8.48 2.32 14.66
CA PRO A 28 -8.18 0.89 14.63
C PRO A 28 -9.20 0.07 13.86
N SER A 29 -10.44 0.52 13.79
CA SER A 29 -11.45 -0.26 13.08
C SER A 29 -11.62 0.10 11.60
N LYS A 30 -10.74 0.95 11.08
CA LYS A 30 -10.85 1.34 9.68
C LYS A 30 -10.61 0.14 8.77
N LEU A 31 -11.44 0.04 7.72
CA LEU A 31 -11.32 -1.07 6.76
C LEU A 31 -9.92 -1.18 6.21
N ASN A 32 -9.39 -2.41 6.17
CA ASN A 32 -8.03 -2.61 5.69
C ASN A 32 -7.96 -2.80 4.17
N LEU A 33 -8.22 -1.74 3.42
CA LEU A 33 -8.19 -1.83 1.96
C LEU A 33 -6.79 -1.99 1.37
N GLU A 34 -5.75 -1.80 2.19
CA GLU A 34 -4.39 -1.99 1.73
C GLU A 34 -4.24 -3.41 1.21
N ILE A 35 -5.01 -4.36 1.73
CA ILE A 35 -4.85 -5.72 1.20
C ILE A 35 -5.32 -5.81 -0.24
N LEU A 36 -6.32 -5.02 -0.62
CA LEU A 36 -6.77 -5.07 -2.01
C LEU A 36 -5.85 -4.24 -2.91
N ASP A 37 -5.19 -3.23 -2.34
CA ASP A 37 -4.27 -2.44 -3.14
C ASP A 37 -3.08 -3.33 -3.54
N GLN A 38 -2.76 -4.36 -2.76
CA GLN A 38 -1.66 -5.24 -3.14
C GLN A 38 -1.99 -5.98 -4.45
N ASN A 39 -3.28 -6.07 -4.78
CA ASN A 39 -3.69 -6.74 -6.00
C ASN A 39 -3.69 -5.78 -7.19
N ALA A 40 -3.48 -4.50 -6.90
CA ALA A 40 -3.48 -3.48 -7.94
C ALA A 40 -2.13 -3.30 -8.60
N ARG A 41 -1.07 -3.64 -7.87
CA ARG A 41 0.28 -3.50 -8.42
C ARG A 41 1.16 -4.63 -7.90
N ASP A 42 2.16 -4.99 -8.69
CA ASP A 42 3.08 -6.04 -8.30
C ASP A 42 4.42 -5.38 -8.03
N VAL A 43 4.74 -5.14 -6.76
CA VAL A 43 6.01 -4.49 -6.42
C VAL A 43 7.21 -5.32 -6.88
N GLY A 44 8.36 -4.68 -6.96
CA GLY A 44 9.52 -5.39 -7.43
C GLY A 44 9.88 -4.95 -8.82
N PRO A 45 11.08 -5.31 -9.28
CA PRO A 45 11.62 -4.96 -10.60
C PRO A 45 11.32 -5.89 -11.76
N VAL A 46 10.61 -6.99 -11.51
CA VAL A 46 10.32 -7.94 -12.59
C VAL A 46 9.45 -7.37 -13.70
N GLU A 47 9.78 -7.72 -14.94
CA GLU A 47 9.03 -7.26 -16.10
C GLU A 47 7.54 -7.54 -15.95
N ASP A 48 6.73 -6.71 -16.59
CA ASP A 48 5.28 -6.86 -16.53
C ASP A 48 4.86 -8.16 -17.22
N ASP A 49 5.53 -8.48 -18.33
CA ASP A 49 5.23 -9.69 -19.09
C ASP A 49 6.19 -10.84 -18.75
N PHE A 50 6.54 -10.95 -17.48
CA PHE A 50 7.46 -12.00 -17.02
C PHE A 50 6.72 -13.31 -16.78
N ASP A 51 7.29 -14.40 -17.26
CA ASP A 51 6.68 -15.71 -17.08
C ASP A 51 7.69 -16.60 -16.36
N TYR A 52 7.53 -16.76 -15.04
CA TYR A 52 8.48 -17.58 -14.27
C TYR A 52 8.53 -19.03 -14.73
N ALA A 53 7.38 -19.60 -15.06
CA ALA A 53 7.36 -21.00 -15.49
C ALA A 53 8.28 -21.20 -16.69
N GLU A 54 8.20 -20.26 -17.62
CA GLU A 54 9.03 -20.30 -18.81
C GLU A 54 10.51 -20.18 -18.46
N GLU A 55 10.81 -19.39 -17.45
CA GLU A 55 12.19 -19.20 -17.04
C GLU A 55 12.70 -20.44 -16.32
N PHE A 56 11.89 -20.99 -15.41
CA PHE A 56 12.26 -22.19 -14.67
C PHE A 56 12.49 -23.34 -15.66
N GLN A 57 11.75 -23.34 -16.76
CA GLN A 57 11.89 -24.37 -17.79
C GLN A 57 13.28 -24.36 -18.42
N LYS A 58 13.95 -23.22 -18.40
CA LYS A 58 15.30 -23.10 -18.98
C LYS A 58 16.37 -23.54 -17.99
N LEU A 59 15.98 -23.70 -16.73
CA LEU A 59 16.93 -24.10 -15.69
C LEU A 59 17.44 -25.54 -15.81
N ASP A 60 18.72 -25.74 -15.51
CA ASP A 60 19.30 -27.07 -15.50
C ASP A 60 19.16 -27.47 -14.03
N LEU A 61 18.06 -28.13 -13.67
CA LEU A 61 17.84 -28.49 -12.26
C LEU A 61 18.96 -29.35 -11.66
N GLU A 62 19.49 -30.29 -12.44
CA GLU A 62 20.57 -31.13 -11.96
C GLU A 62 21.81 -30.32 -11.57
N ALA A 63 22.09 -29.27 -12.34
CA ALA A 63 23.25 -28.43 -12.09
C ALA A 63 23.05 -27.68 -10.78
N VAL A 64 21.82 -27.22 -10.54
CA VAL A 64 21.56 -26.52 -9.28
C VAL A 64 21.69 -27.49 -8.12
N LYS A 65 21.17 -28.71 -8.29
CA LYS A 65 21.26 -29.70 -7.21
C LYS A 65 22.72 -30.05 -6.94
N SER A 66 23.53 -30.09 -8.00
CA SER A 66 24.95 -30.38 -7.83
C SER A 66 25.64 -29.31 -7.00
N ASP A 67 25.27 -28.04 -7.26
CA ASP A 67 25.84 -26.92 -6.54
C ASP A 67 25.38 -26.96 -5.09
N LEU A 68 24.13 -27.36 -4.86
CA LEU A 68 23.61 -27.45 -3.49
C LEU A 68 24.32 -28.56 -2.73
N GLU A 69 24.57 -29.69 -3.39
CA GLU A 69 25.24 -30.77 -2.70
C GLU A 69 26.64 -30.31 -2.26
N GLU A 70 27.32 -29.56 -3.13
CA GLU A 70 28.65 -29.06 -2.76
C GLU A 70 28.55 -28.11 -1.57
N LEU A 71 27.51 -27.28 -1.57
CA LEU A 71 27.32 -26.31 -0.51
C LEU A 71 27.14 -26.96 0.86
N MET A 72 26.49 -28.12 0.90
CA MET A 72 26.25 -28.81 2.18
C MET A 72 27.50 -28.97 3.04
N THR A 73 28.64 -29.20 2.39
CA THR A 73 29.87 -29.41 3.16
C THR A 73 30.90 -28.31 3.01
N SER A 74 30.45 -27.14 2.56
CA SER A 74 31.30 -25.97 2.39
C SER A 74 30.99 -24.96 3.48
N SER A 75 31.61 -25.17 4.65
CA SER A 75 31.42 -24.33 5.81
C SER A 75 31.94 -22.91 5.65
N GLN A 76 31.12 -21.94 6.05
CA GLN A 76 31.51 -20.53 6.00
C GLN A 76 31.85 -20.10 7.44
N ASP A 77 32.93 -19.34 7.59
CA ASP A 77 33.38 -18.91 8.92
C ASP A 77 32.37 -18.12 9.76
N TRP A 78 31.49 -17.38 9.08
CA TRP A 78 30.49 -16.58 9.78
C TRP A 78 29.32 -17.39 10.35
N TRP A 79 29.20 -18.65 9.96
CA TRP A 79 28.18 -19.53 10.53
C TRP A 79 28.64 -20.94 10.23
N PRO A 80 29.66 -21.41 10.96
CA PRO A 80 30.25 -22.74 10.76
C PRO A 80 29.28 -23.88 10.85
N ALA A 81 29.31 -24.75 9.84
CA ALA A 81 28.40 -25.89 9.81
C ALA A 81 28.58 -26.89 10.96
N ASP A 82 27.48 -27.27 11.58
CA ASP A 82 27.49 -28.32 12.62
C ASP A 82 27.85 -29.65 11.89
N TYR A 83 28.68 -30.48 12.51
CA TYR A 83 29.01 -31.80 11.97
C TYR A 83 29.57 -31.72 10.54
N GLY A 84 30.04 -30.53 10.17
CA GLY A 84 30.58 -30.28 8.83
C GLY A 84 29.59 -30.42 7.69
N HIS A 85 28.29 -30.35 8.03
CA HIS A 85 27.21 -30.52 7.04
C HIS A 85 26.02 -29.60 7.37
N TYR A 86 25.69 -28.71 6.45
CA TYR A 86 24.58 -27.78 6.66
C TYR A 86 23.23 -28.41 6.40
N GLY A 87 23.18 -29.69 6.00
CA GLY A 87 21.89 -30.33 5.67
C GLY A 87 20.76 -30.11 6.65
N PRO A 88 20.98 -30.44 7.92
CA PRO A 88 19.90 -30.27 8.91
C PRO A 88 19.40 -28.82 9.02
N LEU A 89 20.34 -27.88 8.96
CA LEU A 89 19.93 -26.47 9.01
C LEU A 89 19.02 -26.13 7.82
N PHE A 90 19.35 -26.65 6.63
CA PHE A 90 18.52 -26.36 5.46
C PHE A 90 17.14 -27.05 5.53
N ILE A 91 17.08 -28.22 6.18
CA ILE A 91 15.80 -28.91 6.33
C ILE A 91 14.92 -28.05 7.22
N ARG A 92 15.53 -27.52 8.30
CA ARG A 92 14.77 -26.66 9.20
C ARG A 92 14.27 -25.43 8.43
N MET A 93 15.13 -24.86 7.61
CA MET A 93 14.76 -23.67 6.85
C MET A 93 13.55 -23.98 5.97
N ALA A 94 13.57 -25.12 5.29
CA ALA A 94 12.46 -25.50 4.41
C ALA A 94 11.18 -25.82 5.17
N TRP A 95 11.31 -26.54 6.28
CA TRP A 95 10.15 -26.87 7.08
C TRP A 95 9.53 -25.54 7.59
N HIS A 96 10.36 -24.61 8.03
CA HIS A 96 9.76 -23.34 8.48
C HIS A 96 9.17 -22.56 7.32
N SER A 97 9.77 -22.65 6.13
CA SER A 97 9.20 -21.92 4.98
C SER A 97 7.78 -22.40 4.67
N ALA A 98 7.62 -23.71 4.61
CA ALA A 98 6.32 -24.31 4.29
C ALA A 98 5.38 -24.35 5.46
N GLY A 99 5.94 -24.42 6.67
CA GLY A 99 5.14 -24.63 7.87
C GLY A 99 4.18 -23.60 8.38
N THR A 100 4.16 -22.43 7.77
CA THR A 100 3.24 -21.37 8.22
C THR A 100 1.90 -21.49 7.51
N TYR A 101 1.78 -22.45 6.59
CA TYR A 101 0.52 -22.65 5.86
C TYR A 101 -0.67 -22.98 6.78
N ARG A 102 -1.83 -22.38 6.47
CA ARG A 102 -3.08 -22.62 7.22
C ARG A 102 -4.15 -23.02 6.18
N THR A 103 -4.88 -24.10 6.43
CA THR A 103 -5.92 -24.50 5.47
C THR A 103 -7.10 -23.55 5.49
N ALA A 104 -7.34 -22.88 6.63
CA ALA A 104 -8.52 -21.99 6.74
C ALA A 104 -8.63 -20.99 5.60
N ASP A 105 -7.53 -20.32 5.26
CA ASP A 105 -7.56 -19.35 4.17
C ASP A 105 -6.53 -19.65 3.10
N GLY A 106 -5.73 -20.69 3.32
CA GLY A 106 -4.73 -21.06 2.33
C GLY A 106 -3.51 -20.18 2.34
N ARG A 107 -3.48 -19.24 3.30
CA ARG A 107 -2.36 -18.32 3.38
C ARG A 107 -1.18 -18.92 4.15
N GLY A 108 -0.06 -18.21 4.12
CA GLY A 108 1.14 -18.74 4.75
C GLY A 108 1.74 -19.72 3.78
N GLY A 109 2.77 -20.45 4.19
CA GLY A 109 3.33 -21.41 3.25
C GLY A 109 4.60 -20.95 2.53
N ALA A 110 5.10 -21.84 1.67
CA ALA A 110 6.36 -21.60 0.99
C ALA A 110 6.30 -20.99 -0.40
N ALA A 111 5.12 -20.92 -0.99
CA ALA A 111 4.99 -20.45 -2.38
C ALA A 111 5.54 -19.09 -2.82
N GLY A 112 5.73 -18.14 -1.92
CA GLY A 112 6.26 -16.86 -2.35
C GLY A 112 7.60 -16.55 -1.69
N GLY A 113 8.08 -17.49 -0.88
CA GLY A 113 9.32 -17.31 -0.16
C GLY A 113 9.21 -16.16 0.84
N ARG A 114 8.02 -15.93 1.38
CA ARG A 114 7.85 -14.81 2.31
C ARG A 114 8.55 -14.88 3.66
N GLN A 115 9.25 -15.99 3.90
CA GLN A 115 10.03 -16.11 5.12
C GLN A 115 11.12 -15.04 5.04
N ARG A 116 11.40 -14.54 3.84
CA ARG A 116 12.43 -13.52 3.66
C ARG A 116 12.02 -12.12 4.10
N PHE A 117 10.73 -11.91 4.35
CA PHE A 117 10.22 -10.58 4.73
C PHE A 117 9.59 -10.53 6.11
N ALA A 118 9.51 -9.32 6.67
CA ALA A 118 8.88 -9.11 7.98
C ALA A 118 7.43 -9.55 7.74
N PRO A 119 6.71 -9.99 8.80
CA PRO A 119 7.31 -10.27 10.11
C PRO A 119 7.95 -11.62 10.27
N ILE A 120 7.69 -12.49 9.30
CA ILE A 120 8.17 -13.85 9.41
C ILE A 120 9.68 -13.95 9.55
N ASN A 121 10.38 -13.06 8.87
CA ASN A 121 11.84 -13.12 8.91
C ASN A 121 12.44 -12.83 10.26
N SER A 122 11.62 -12.28 11.15
CA SER A 122 12.08 -11.91 12.49
C SER A 122 11.37 -12.62 13.63
N TRP A 123 10.55 -13.63 13.31
CA TRP A 123 9.89 -14.42 14.34
C TRP A 123 10.93 -15.17 15.13
N PRO A 124 10.70 -15.35 16.44
CA PRO A 124 11.69 -16.08 17.23
C PRO A 124 11.95 -17.48 16.68
N ASP A 125 10.90 -18.13 16.15
CA ASP A 125 11.06 -19.49 15.60
C ASP A 125 11.97 -19.51 14.37
N ASN A 126 12.21 -18.36 13.75
CA ASN A 126 13.07 -18.35 12.57
C ASN A 126 14.48 -17.83 12.86
N ALA A 127 14.85 -17.82 14.13
CA ALA A 127 16.18 -17.39 14.51
C ALA A 127 17.24 -18.17 13.78
N ASN A 128 18.23 -17.42 13.31
CA ASN A 128 19.35 -17.92 12.56
C ASN A 128 19.07 -18.50 11.16
N LEU A 129 17.79 -18.52 10.72
CA LEU A 129 17.51 -18.96 9.35
C LEU A 129 17.94 -17.82 8.40
N ASP A 130 18.20 -16.65 8.99
CA ASP A 130 18.73 -15.55 8.18
C ASP A 130 20.12 -16.02 7.69
N LYS A 131 20.84 -16.76 8.54
CA LYS A 131 22.15 -17.27 8.10
C LYS A 131 21.97 -18.39 7.07
N ALA A 132 20.99 -19.26 7.29
CA ALA A 132 20.75 -20.34 6.34
C ALA A 132 20.42 -19.80 4.96
N ARG A 133 19.51 -18.82 4.89
CA ARG A 133 19.18 -18.24 3.60
C ARG A 133 20.40 -17.52 2.98
N ARG A 134 21.23 -16.90 3.83
CA ARG A 134 22.40 -16.18 3.33
C ARG A 134 23.38 -17.17 2.65
N LEU A 135 23.47 -18.39 3.17
CA LEU A 135 24.39 -19.39 2.57
C LEU A 135 23.99 -19.72 1.14
N LEU A 136 22.70 -19.53 0.83
CA LEU A 136 22.20 -19.84 -0.51
C LEU A 136 22.31 -18.70 -1.51
N LEU A 137 22.74 -17.53 -1.04
CA LEU A 137 22.82 -16.37 -1.93
C LEU A 137 23.70 -16.57 -3.18
N PRO A 138 24.89 -17.17 -3.05
CA PRO A 138 25.71 -17.35 -4.26
C PRO A 138 25.01 -18.20 -5.32
N ILE A 139 24.32 -19.27 -4.90
CA ILE A 139 23.61 -20.09 -5.88
C ILE A 139 22.47 -19.30 -6.49
N LYS A 140 21.75 -18.55 -5.66
CA LYS A 140 20.66 -17.72 -6.17
C LYS A 140 21.20 -16.74 -7.22
N GLN A 141 22.34 -16.10 -6.92
CA GLN A 141 22.89 -15.15 -7.88
C GLN A 141 23.35 -15.82 -9.17
N LYS A 142 23.91 -17.02 -9.05
CA LYS A 142 24.42 -17.76 -10.21
C LYS A 142 23.32 -18.13 -11.21
N TYR A 143 22.16 -18.54 -10.72
CA TYR A 143 21.09 -18.93 -11.63
C TYR A 143 20.08 -17.84 -11.94
N GLY A 144 20.11 -16.79 -11.13
CA GLY A 144 19.22 -15.67 -11.34
C GLY A 144 17.74 -15.98 -11.42
N GLN A 145 17.07 -15.36 -12.38
CA GLN A 145 15.63 -15.52 -12.54
C GLN A 145 15.18 -16.95 -12.84
N LYS A 146 16.11 -17.82 -13.23
CA LYS A 146 15.74 -19.19 -13.57
C LYS A 146 15.31 -19.99 -12.35
N ILE A 147 15.68 -19.55 -11.14
CA ILE A 147 15.17 -20.24 -9.96
C ILE A 147 14.83 -19.21 -8.89
N SER A 148 13.61 -19.29 -8.38
CA SER A 148 13.15 -18.37 -7.35
C SER A 148 13.69 -18.76 -5.99
N TRP A 149 13.72 -17.79 -5.08
CA TRP A 149 14.12 -18.08 -3.70
C TRP A 149 13.18 -19.12 -3.15
N ALA A 150 11.88 -18.97 -3.43
CA ALA A 150 10.89 -19.92 -2.93
C ALA A 150 11.21 -21.35 -3.39
N ASP A 151 11.53 -21.51 -4.67
CA ASP A 151 11.85 -22.83 -5.18
C ASP A 151 13.20 -23.30 -4.61
N LEU A 152 14.17 -22.39 -4.52
CA LEU A 152 15.50 -22.74 -4.03
C LEU A 152 15.49 -23.21 -2.56
N MET A 153 14.69 -22.56 -1.71
CA MET A 153 14.64 -22.99 -0.32
C MET A 153 14.11 -24.40 -0.18
N ILE A 154 13.04 -24.75 -0.90
CA ILE A 154 12.55 -26.10 -0.79
C ILE A 154 13.56 -27.06 -1.41
N LEU A 155 14.14 -26.70 -2.55
CA LEU A 155 15.13 -27.59 -3.20
C LEU A 155 16.31 -27.86 -2.28
N ALA A 156 16.77 -26.84 -1.55
CA ALA A 156 17.90 -27.04 -0.63
C ALA A 156 17.53 -28.06 0.44
N GLY A 157 16.30 -28.00 0.92
CA GLY A 157 15.88 -28.99 1.91
C GLY A 157 15.87 -30.40 1.30
N ASN A 158 15.40 -30.52 0.06
CA ASN A 158 15.38 -31.83 -0.57
C ASN A 158 16.79 -32.37 -0.75
N VAL A 159 17.67 -31.52 -1.26
CA VAL A 159 19.04 -31.94 -1.50
C VAL A 159 19.70 -32.31 -0.19
N ALA A 160 19.41 -31.57 0.87
CA ALA A 160 19.96 -31.93 2.19
C ALA A 160 19.55 -33.35 2.57
N ILE A 161 18.26 -33.65 2.48
CA ILE A 161 17.72 -34.97 2.82
C ILE A 161 18.37 -36.06 1.95
N GLU A 162 18.41 -35.85 0.65
CA GLU A 162 19.02 -36.84 -0.23
C GLU A 162 20.51 -37.07 0.07
N SER A 163 21.22 -35.98 0.35
CA SER A 163 22.65 -36.10 0.63
C SER A 163 22.92 -36.89 1.89
N MET A 164 21.96 -36.89 2.83
CA MET A 164 22.12 -37.59 4.09
C MET A 164 21.54 -38.99 4.06
N GLY A 165 21.32 -39.52 2.86
CA GLY A 165 20.85 -40.87 2.71
C GLY A 165 19.39 -41.23 2.63
N PHE A 166 18.53 -40.27 2.30
CA PHE A 166 17.10 -40.56 2.20
C PHE A 166 16.55 -40.03 0.89
N LYS A 167 15.94 -40.91 0.10
CA LYS A 167 15.38 -40.49 -1.19
C LYS A 167 14.04 -39.80 -1.05
N THR A 168 13.93 -38.64 -1.70
CA THR A 168 12.68 -37.88 -1.66
C THR A 168 11.70 -38.42 -2.70
N PHE A 169 10.43 -38.14 -2.47
CA PHE A 169 9.38 -38.62 -3.34
C PHE A 169 9.28 -37.83 -4.62
N GLY A 170 9.75 -36.59 -4.62
CA GLY A 170 9.68 -35.78 -5.82
C GLY A 170 9.90 -34.32 -5.52
N TYR A 171 9.91 -33.50 -6.56
CA TYR A 171 10.09 -32.08 -6.37
C TYR A 171 9.53 -31.34 -7.56
N ALA A 172 8.80 -30.26 -7.30
CA ALA A 172 8.29 -29.45 -8.39
C ALA A 172 8.71 -28.02 -8.18
N GLY A 173 9.07 -27.37 -9.28
CA GLY A 173 9.42 -25.97 -9.22
C GLY A 173 8.18 -25.22 -9.66
N GLY A 174 8.24 -23.89 -9.69
CA GLY A 174 7.09 -23.12 -10.12
C GLY A 174 6.59 -22.11 -9.11
N ARG A 175 7.26 -21.99 -7.96
CA ARG A 175 6.85 -21.01 -6.96
C ARG A 175 7.44 -19.63 -7.31
N GLU A 176 6.61 -18.66 -7.67
CA GLU A 176 7.12 -17.35 -8.02
C GLU A 176 7.40 -16.53 -6.76
N ASP A 177 8.55 -15.86 -6.72
CA ASP A 177 8.89 -15.07 -5.55
C ASP A 177 8.04 -13.85 -5.37
N ALA A 178 7.75 -13.56 -4.12
CA ALA A 178 7.04 -12.33 -3.75
C ALA A 178 8.14 -11.28 -3.46
N PHE A 179 7.75 -10.01 -3.43
CA PHE A 179 8.67 -8.93 -3.12
C PHE A 179 8.28 -8.14 -1.87
N GLU A 180 7.30 -8.67 -1.13
CA GLU A 180 6.85 -8.06 0.12
C GLU A 180 6.02 -9.08 0.88
N GLU A 181 5.67 -8.74 2.11
CA GLU A 181 4.86 -9.65 2.92
C GLU A 181 3.43 -9.68 2.41
N ASP A 182 2.67 -10.68 2.84
CA ASP A 182 1.26 -10.79 2.48
C ASP A 182 0.51 -10.03 3.55
N LYS A 183 0.00 -8.84 3.21
CA LYS A 183 -0.68 -8.04 4.20
C LYS A 183 -2.03 -8.57 4.70
N ALA A 184 -2.59 -9.56 4.00
CA ALA A 184 -3.87 -10.11 4.40
C ALA A 184 -3.83 -11.15 5.49
N VAL A 185 -2.65 -11.68 5.82
CA VAL A 185 -2.60 -12.70 6.85
C VAL A 185 -2.74 -12.17 8.26
N ASN A 186 -3.70 -12.71 8.99
CA ASN A 186 -3.84 -12.33 10.40
C ASN A 186 -3.13 -13.45 11.15
N TRP A 187 -1.98 -13.13 11.76
CA TRP A 187 -1.20 -14.15 12.47
C TRP A 187 -1.66 -14.40 13.89
N GLY A 188 -2.62 -13.61 14.36
CA GLY A 188 -3.13 -13.80 15.70
C GLY A 188 -3.37 -12.50 16.45
N PRO A 189 -4.00 -12.60 17.62
CA PRO A 189 -4.32 -11.45 18.46
C PRO A 189 -3.26 -10.84 19.35
N GLU A 190 -2.21 -11.61 19.62
CA GLU A 190 -1.16 -11.16 20.53
C GLU A 190 -0.37 -9.93 20.13
N ASP A 191 0.08 -9.19 21.13
CA ASP A 191 0.84 -7.98 20.85
C ASP A 191 2.33 -8.19 21.18
N GLU A 192 2.71 -9.43 21.46
CA GLU A 192 4.09 -9.72 21.75
C GLU A 192 4.47 -11.11 21.24
N PHE A 193 5.63 -11.24 20.61
CA PHE A 193 6.07 -12.55 20.14
C PHE A 193 6.30 -13.47 21.32
N GLU A 194 6.11 -14.77 21.09
CA GLU A 194 6.30 -15.81 22.12
C GLU A 194 5.31 -15.75 23.26
N THR A 195 4.13 -15.18 23.01
CA THR A 195 3.09 -15.15 24.02
C THR A 195 1.86 -15.70 23.30
N GLN A 196 0.87 -16.15 24.07
CA GLN A 196 -0.34 -16.66 23.45
C GLN A 196 -1.56 -16.21 24.21
N GLU A 197 -2.56 -15.78 23.44
CA GLU A 197 -3.85 -15.34 23.97
C GLU A 197 -4.85 -15.99 23.04
N ARG A 198 -4.55 -17.21 22.63
CA ARG A 198 -5.39 -17.93 21.71
C ARG A 198 -5.93 -19.28 22.16
N PHE A 199 -5.51 -19.80 23.32
CA PHE A 199 -6.12 -21.04 23.81
C PHE A 199 -6.17 -21.04 25.32
N ASP A 200 -7.28 -21.54 25.88
CA ASP A 200 -7.41 -21.65 27.33
C ASP A 200 -7.13 -23.09 27.73
N GLU A 201 -7.36 -24.01 26.81
CA GLU A 201 -7.09 -25.42 27.04
C GLU A 201 -6.38 -25.96 25.80
N PRO A 202 -5.39 -26.84 26.00
CA PRO A 202 -4.70 -27.36 24.82
C PRO A 202 -5.70 -28.07 23.90
N GLY A 203 -5.51 -27.89 22.59
CA GLY A 203 -6.40 -28.52 21.62
C GLY A 203 -7.66 -27.71 21.37
N GLU A 204 -7.73 -26.51 21.94
CA GLU A 204 -8.90 -25.62 21.75
C GLU A 204 -8.44 -24.23 21.31
N ILE A 205 -7.57 -24.19 20.31
CA ILE A 205 -7.06 -22.92 19.81
C ILE A 205 -8.14 -22.17 19.01
N GLN A 206 -8.11 -20.84 19.11
CA GLN A 206 -9.04 -19.98 18.38
C GLN A 206 -9.06 -20.37 16.92
N GLU A 207 -10.23 -20.36 16.30
CA GLU A 207 -10.34 -20.78 14.91
C GLU A 207 -9.59 -19.84 13.96
N GLY A 208 -9.09 -20.40 12.84
CA GLY A 208 -8.40 -19.62 11.85
C GLY A 208 -6.90 -19.42 12.03
N LEU A 209 -6.34 -20.01 13.07
CA LEU A 209 -4.90 -19.87 13.36
C LEU A 209 -4.21 -21.21 13.22
N GLY A 210 -3.01 -21.21 12.65
CA GLY A 210 -2.32 -22.46 12.46
C GLY A 210 -1.30 -22.81 13.53
N ALA A 211 -1.08 -21.90 14.47
CA ALA A 211 -0.10 -22.13 15.54
C ALA A 211 -0.76 -21.82 16.87
N SER A 212 -0.14 -22.29 17.96
CA SER A 212 -0.67 -22.09 19.30
C SER A 212 -0.05 -20.89 19.98
N VAL A 213 0.97 -20.29 19.35
CA VAL A 213 1.69 -19.15 19.95
C VAL A 213 2.08 -18.15 18.87
N MET A 214 2.06 -16.86 19.18
CA MET A 214 2.44 -15.86 18.18
C MET A 214 3.95 -15.91 17.91
N GLY A 215 4.32 -16.04 16.65
CA GLY A 215 5.73 -16.10 16.30
C GLY A 215 6.34 -17.48 16.22
N LEU A 216 5.54 -18.52 16.43
CA LEU A 216 6.04 -19.90 16.31
C LEU A 216 5.34 -20.54 15.10
N ILE A 217 5.93 -21.60 14.58
CA ILE A 217 5.39 -22.28 13.40
C ILE A 217 4.12 -23.05 13.76
N TYR A 218 4.23 -23.98 14.74
CA TYR A 218 3.03 -24.73 15.19
C TYR A 218 2.83 -24.64 16.69
N VAL A 219 3.79 -25.14 17.47
CA VAL A 219 3.62 -25.15 18.93
C VAL A 219 4.90 -24.77 19.67
N ASN A 220 4.75 -24.58 20.97
CA ASN A 220 5.89 -24.26 21.84
C ASN A 220 6.68 -25.55 22.08
N PRO A 221 7.98 -25.58 21.69
CA PRO A 221 8.79 -26.79 21.91
C PRO A 221 8.98 -27.19 23.37
N GLU A 222 8.77 -26.25 24.29
CA GLU A 222 8.91 -26.56 25.71
C GLU A 222 7.67 -27.14 26.31
N GLY A 223 6.54 -26.95 25.63
CA GLY A 223 5.27 -27.44 26.13
C GLY A 223 4.28 -26.30 26.14
N PRO A 224 2.98 -26.58 26.30
CA PRO A 224 1.94 -25.56 26.31
C PRO A 224 2.13 -24.59 27.45
N ASP A 225 2.09 -23.30 27.14
CA ASP A 225 2.31 -22.26 28.13
C ASP A 225 3.65 -22.40 28.84
N GLY A 226 4.58 -23.11 28.19
CA GLY A 226 5.91 -23.27 28.77
C GLY A 226 6.04 -24.31 29.87
N ASN A 227 5.03 -25.17 30.00
CA ASN A 227 5.02 -26.24 31.00
C ASN A 227 5.42 -27.50 30.24
N PRO A 228 6.37 -28.30 30.76
CA PRO A 228 6.82 -29.53 30.10
C PRO A 228 5.86 -30.72 30.28
N ASP A 229 4.63 -30.53 29.78
CA ASP A 229 3.53 -31.52 29.89
C ASP A 229 3.39 -32.14 28.50
N PRO A 230 3.96 -33.31 28.26
CA PRO A 230 3.85 -33.95 26.92
C PRO A 230 2.45 -34.32 26.44
N GLU A 231 1.62 -34.81 27.36
CA GLU A 231 0.26 -35.20 26.97
C GLU A 231 -0.52 -33.98 26.48
N ALA A 232 -0.36 -32.86 27.17
CA ALA A 232 -1.02 -31.63 26.76
C ALA A 232 -0.42 -31.08 25.48
N SER A 233 0.90 -31.19 25.35
CA SER A 233 1.57 -30.71 24.15
C SER A 233 0.98 -31.43 22.94
N ALA A 234 0.74 -32.72 23.08
CA ALA A 234 0.21 -33.51 21.96
C ALA A 234 -1.14 -32.99 21.44
N LYS A 235 -1.95 -32.41 22.33
CA LYS A 235 -3.24 -31.88 21.89
C LYS A 235 -3.05 -30.67 21.00
N ASN A 236 -2.06 -29.84 21.30
CA ASN A 236 -1.81 -28.68 20.46
C ASN A 236 -1.09 -29.11 19.20
N ILE A 237 -0.28 -30.15 19.28
CA ILE A 237 0.42 -30.62 18.06
C ILE A 237 -0.65 -31.14 17.12
N ARG A 238 -1.56 -31.92 17.69
CA ARG A 238 -2.60 -32.50 16.84
C ARG A 238 -3.47 -31.47 16.16
N GLN A 239 -3.90 -30.46 16.92
CA GLN A 239 -4.75 -29.47 16.32
C GLN A 239 -4.04 -28.60 15.30
N THR A 240 -2.84 -28.11 15.65
CA THR A 240 -2.14 -27.24 14.73
C THR A 240 -1.77 -27.97 13.44
N PHE A 241 -1.32 -29.22 13.54
CA PHE A 241 -0.98 -29.91 12.28
C PHE A 241 -2.25 -30.18 11.48
N ASP A 242 -3.37 -30.42 12.15
CA ASP A 242 -4.62 -30.64 11.41
C ASP A 242 -4.97 -29.35 10.66
N ARG A 243 -4.65 -28.21 11.27
CA ARG A 243 -4.91 -26.94 10.61
C ARG A 243 -3.96 -26.65 9.47
N MET A 244 -2.92 -27.50 9.34
CA MET A 244 -1.97 -27.42 8.24
C MET A 244 -2.14 -28.64 7.33
N ALA A 245 -3.33 -29.26 7.38
CA ALA A 245 -3.69 -30.37 6.53
C ALA A 245 -3.09 -31.75 6.81
N MET A 246 -2.48 -31.94 7.99
CA MET A 246 -1.80 -33.21 8.32
C MET A 246 -2.54 -34.04 9.38
N ASN A 247 -2.61 -35.37 9.17
CA ASN A 247 -3.26 -36.30 10.12
C ASN A 247 -2.19 -36.88 11.08
N ASP A 248 -2.56 -37.81 11.96
CA ASP A 248 -1.57 -38.37 12.92
C ASP A 248 -0.36 -39.03 12.30
N LYS A 249 -0.55 -39.89 11.29
CA LYS A 249 0.59 -40.54 10.66
C LYS A 249 1.51 -39.53 9.97
N GLU A 250 0.94 -38.55 9.29
CA GLU A 250 1.77 -37.55 8.61
C GLU A 250 2.53 -36.70 9.62
N THR A 251 1.83 -36.33 10.68
CA THR A 251 2.44 -35.48 11.71
C THR A 251 3.60 -36.21 12.38
N ALA A 252 3.35 -37.44 12.83
CA ALA A 252 4.41 -38.22 13.48
C ALA A 252 5.56 -38.46 12.52
N ALA A 253 5.25 -38.76 11.26
CA ALA A 253 6.33 -39.00 10.33
C ALA A 253 7.18 -37.77 10.08
N LEU A 254 6.54 -36.61 9.97
CA LEU A 254 7.28 -35.38 9.73
C LEU A 254 8.14 -35.01 10.92
N ILE A 255 7.60 -35.09 12.13
CA ILE A 255 8.42 -34.72 13.28
C ILE A 255 9.57 -35.70 13.49
N ALA A 256 9.26 -36.98 13.49
CA ALA A 256 10.30 -38.01 13.67
C ALA A 256 11.31 -37.97 12.53
N GLY A 257 10.82 -37.77 11.31
CA GLY A 257 11.72 -37.70 10.17
C GLY A 257 12.65 -36.50 10.25
N GLY A 258 12.07 -35.36 10.56
CA GLY A 258 12.87 -34.17 10.68
C GLY A 258 13.92 -34.25 11.77
N HIS A 259 13.50 -34.67 12.96
CA HIS A 259 14.41 -34.72 14.08
C HIS A 259 15.38 -35.89 14.06
N THR A 260 15.30 -36.70 12.99
CA THR A 260 16.32 -37.72 12.77
C THR A 260 17.62 -36.98 12.40
N PHE A 261 17.49 -35.71 12.02
CA PHE A 261 18.64 -34.90 11.61
C PHE A 261 18.92 -33.70 12.52
N GLY A 262 20.20 -33.38 12.66
CA GLY A 262 20.59 -32.18 13.38
C GLY A 262 20.47 -32.08 14.87
N LYS A 263 20.37 -30.85 15.34
CA LYS A 263 20.32 -30.60 16.78
C LYS A 263 19.63 -29.27 17.06
N VAL A 264 19.41 -29.00 18.35
CA VAL A 264 18.82 -27.74 18.81
C VAL A 264 20.00 -26.97 19.45
N HIS A 265 19.99 -25.65 19.31
CA HIS A 265 21.09 -24.81 19.80
C HIS A 265 20.70 -23.92 20.96
N GLY A 266 21.37 -24.07 22.09
CA GLY A 266 21.05 -23.28 23.26
C GLY A 266 22.23 -23.18 24.19
N ALA A 267 23.34 -22.65 23.69
CA ALA A 267 24.56 -22.59 24.51
C ALA A 267 24.37 -21.75 25.77
N ASP A 268 23.49 -20.75 25.66
CA ASP A 268 23.18 -19.87 26.77
C ASP A 268 21.78 -19.31 26.50
N ASP A 269 21.23 -18.53 27.43
CA ASP A 269 19.88 -17.99 27.28
C ASP A 269 19.77 -16.98 26.14
N PRO A 270 18.84 -17.20 25.20
CA PRO A 270 18.73 -16.23 24.09
C PRO A 270 18.25 -14.86 24.50
N GLU A 271 17.43 -14.81 25.54
CA GLU A 271 16.86 -13.55 25.99
C GLU A 271 17.91 -12.51 26.37
N GLU A 272 19.08 -12.96 26.78
CA GLU A 272 20.12 -12.03 27.17
C GLU A 272 21.44 -12.20 26.41
N ASN A 273 21.49 -13.15 25.50
CA ASN A 273 22.73 -13.36 24.77
C ASN A 273 22.63 -13.11 23.28
N LEU A 274 21.43 -12.89 22.78
CA LEU A 274 21.29 -12.60 21.34
C LEU A 274 20.85 -11.16 21.11
N GLY A 275 21.44 -10.56 20.09
CA GLY A 275 21.12 -9.19 19.68
C GLY A 275 19.77 -9.16 18.98
N PRO A 276 19.33 -7.97 18.56
CA PRO A 276 18.05 -7.77 17.90
C PRO A 276 17.80 -8.66 16.69
N GLU A 277 16.53 -9.02 16.52
CA GLU A 277 16.09 -9.82 15.37
C GLU A 277 16.38 -8.96 14.12
N PRO A 278 16.38 -9.55 12.91
CA PRO A 278 16.69 -8.77 11.71
C PRO A 278 16.04 -7.42 11.50
N GLU A 279 14.74 -7.33 11.68
CA GLU A 279 14.06 -6.06 11.44
C GLU A 279 14.51 -4.96 12.39
N ALA A 280 15.02 -5.34 13.55
CA ALA A 280 15.46 -4.37 14.56
C ALA A 280 16.96 -4.22 14.65
N ALA A 281 17.69 -4.96 13.82
CA ALA A 281 19.16 -4.94 13.89
C ALA A 281 19.83 -3.75 13.19
N PRO A 282 21.06 -3.41 13.62
CA PRO A 282 21.75 -2.28 12.97
C PRO A 282 21.97 -2.46 11.48
N ILE A 283 22.03 -1.34 10.78
CA ILE A 283 22.20 -1.36 9.33
C ILE A 283 23.44 -2.12 8.87
N GLU A 284 24.53 -2.10 9.67
CA GLU A 284 25.75 -2.79 9.30
C GLU A 284 25.58 -4.31 9.27
N GLN A 285 24.55 -4.83 9.94
CA GLN A 285 24.28 -6.29 9.96
C GLN A 285 23.82 -6.78 8.58
N GLN A 286 23.44 -5.83 7.73
CA GLN A 286 23.03 -6.13 6.37
C GLN A 286 22.04 -7.28 6.28
N GLY A 287 20.95 -7.12 7.01
CA GLY A 287 19.86 -8.10 6.93
C GLY A 287 19.91 -9.29 7.87
N LEU A 288 21.01 -9.45 8.59
CA LEU A 288 21.11 -10.55 9.52
C LEU A 288 20.68 -10.05 10.89
N GLY A 289 20.45 -10.97 11.81
CA GLY A 289 20.05 -10.57 13.16
C GLY A 289 20.50 -11.61 14.18
N TRP A 290 20.02 -11.47 15.42
CA TRP A 290 20.36 -12.38 16.49
C TRP A 290 21.87 -12.50 16.67
N GLN A 291 22.57 -11.38 16.52
CA GLN A 291 24.05 -11.41 16.67
C GLN A 291 24.37 -11.84 18.08
N ASN A 292 25.22 -12.86 18.21
CA ASN A 292 25.53 -13.36 19.54
C ASN A 292 26.42 -12.33 20.23
N LYS A 293 26.03 -11.91 21.43
CA LYS A 293 26.78 -10.90 22.16
C LYS A 293 28.14 -11.43 22.61
N ASN A 294 28.13 -12.26 23.66
CA ASN A 294 29.37 -12.81 24.20
C ASN A 294 30.00 -13.84 23.28
N LYS A 298 29.54 -17.41 14.88
CA LYS A 298 29.28 -18.22 16.07
C LYS A 298 29.03 -19.68 15.69
N GLY A 299 29.68 -20.60 16.39
CA GLY A 299 29.51 -22.03 16.11
C GLY A 299 29.34 -22.87 17.38
N GLY A 300 30.46 -23.15 18.05
CA GLY A 300 30.41 -23.91 19.29
C GLY A 300 29.45 -23.30 20.30
N GLU A 301 29.30 -21.98 20.25
CA GLU A 301 28.40 -21.29 21.15
C GLU A 301 27.13 -20.83 20.43
N MET A 302 26.61 -21.60 19.47
CA MET A 302 25.40 -21.15 18.79
C MET A 302 24.20 -21.19 19.74
N ILE A 303 23.37 -20.16 19.63
CA ILE A 303 22.13 -20.03 20.40
C ILE A 303 21.05 -19.71 19.37
N THR A 304 20.02 -20.54 19.30
CA THR A 304 18.93 -20.30 18.36
C THR A 304 17.65 -20.39 19.20
N SER A 305 17.25 -21.59 19.60
CA SER A 305 16.02 -21.74 20.41
C SER A 305 16.24 -21.60 21.88
N GLY A 306 17.47 -21.84 22.30
CA GLY A 306 17.78 -21.78 23.71
C GLY A 306 17.73 -23.18 24.30
N ILE A 307 17.40 -24.19 23.45
CA ILE A 307 17.37 -25.59 23.93
C ILE A 307 18.63 -26.17 23.31
N GLU A 308 19.31 -27.10 23.98
CA GLU A 308 20.59 -27.56 23.45
C GLU A 308 20.85 -29.05 23.36
N GLY A 309 21.27 -29.50 22.17
CA GLY A 309 21.63 -30.90 22.01
C GLY A 309 21.05 -31.60 20.80
N PRO A 310 21.64 -32.72 20.39
CA PRO A 310 21.24 -33.54 19.23
C PRO A 310 20.18 -34.54 19.68
N TRP A 311 19.33 -34.98 18.77
CA TRP A 311 18.33 -36.01 19.12
C TRP A 311 18.94 -37.40 18.94
N THR A 312 19.87 -37.52 17.98
CA THR A 312 20.42 -38.82 17.61
C THR A 312 21.94 -38.95 17.64
N GLN A 313 22.42 -40.19 17.56
CA GLN A 313 23.85 -40.45 17.56
C GLN A 313 24.59 -40.01 16.29
N SER A 314 23.90 -40.08 15.15
CA SER A 314 24.47 -39.68 13.86
C SER A 314 23.55 -38.64 13.25
N PRO A 315 23.70 -37.38 13.67
CA PRO A 315 22.81 -36.34 13.14
C PRO A 315 22.77 -35.97 11.67
N THR A 316 23.70 -36.51 10.88
CA THR A 316 23.72 -36.21 9.45
C THR A 316 23.50 -37.47 8.62
N GLU A 317 22.85 -38.45 9.23
CA GLU A 317 22.54 -39.72 8.55
C GLU A 317 21.10 -40.18 8.79
N TRP A 318 20.43 -40.56 7.71
CA TRP A 318 19.09 -41.11 7.87
C TRP A 318 19.19 -42.50 8.51
N ASP A 319 18.41 -42.71 9.55
CA ASP A 319 18.39 -43.99 10.24
C ASP A 319 17.18 -43.99 11.17
N MET A 320 17.14 -44.95 12.09
CA MET A 320 16.02 -45.06 13.04
C MET A 320 16.41 -44.48 14.38
N GLY A 321 17.46 -43.67 14.36
CA GLY A 321 18.03 -43.13 15.59
C GLY A 321 17.12 -42.31 16.46
N TYR A 322 16.21 -41.57 15.85
CA TYR A 322 15.31 -40.73 16.65
C TYR A 322 14.24 -41.62 17.27
N ILE A 323 13.64 -42.49 16.46
CA ILE A 323 12.59 -43.30 17.05
C ILE A 323 13.15 -44.24 18.10
N ASN A 324 14.34 -44.77 17.84
CA ASN A 324 14.93 -45.69 18.82
C ASN A 324 15.30 -44.96 20.12
N ASN A 325 15.93 -43.80 19.98
CA ASN A 325 16.31 -43.06 21.21
C ASN A 325 15.05 -42.70 21.99
N LEU A 326 14.02 -42.25 21.29
CA LEU A 326 12.79 -41.85 21.96
C LEU A 326 12.07 -42.99 22.64
N LEU A 327 11.87 -44.09 21.92
CA LEU A 327 11.09 -45.20 22.47
C LEU A 327 11.81 -46.20 23.33
N ASP A 328 13.11 -46.37 23.11
CA ASP A 328 13.85 -47.41 23.84
C ASP A 328 14.47 -47.01 25.18
N TYR A 329 14.39 -45.73 25.49
CA TYR A 329 14.96 -45.21 26.73
C TYR A 329 13.97 -44.32 27.46
N GLU A 330 14.12 -44.19 28.78
CA GLU A 330 13.24 -43.34 29.56
C GLU A 330 13.89 -41.98 29.63
N TRP A 331 13.05 -40.94 29.56
CA TRP A 331 13.52 -39.55 29.59
C TRP A 331 12.89 -38.78 30.75
N GLU A 332 13.64 -37.77 31.22
CA GLU A 332 13.19 -36.93 32.33
C GLU A 332 13.39 -35.48 31.97
N PRO A 333 12.47 -34.60 32.43
CA PRO A 333 12.57 -33.18 32.13
C PRO A 333 13.55 -32.46 33.03
N GLU A 334 14.21 -31.44 32.46
CA GLU A 334 15.20 -30.63 33.16
C GLU A 334 15.33 -29.28 32.47
N LYS A 335 16.04 -28.37 33.14
CA LYS A 335 16.32 -27.08 32.53
C LYS A 335 17.71 -27.27 31.88
N GLY A 336 17.83 -26.91 30.60
CA GLY A 336 19.10 -27.06 29.90
C GLY A 336 20.00 -25.87 30.09
N PRO A 337 21.12 -25.81 29.37
CA PRO A 337 22.06 -24.68 29.50
C PRO A 337 21.56 -23.33 29.03
N GLY A 338 20.50 -23.32 28.25
CA GLY A 338 19.94 -22.07 27.76
C GLY A 338 18.76 -21.68 28.63
N GLY A 339 18.54 -22.44 29.69
CA GLY A 339 17.44 -22.15 30.60
C GLY A 339 16.07 -22.60 30.13
N ALA A 340 16.03 -23.46 29.12
CA ALA A 340 14.75 -23.92 28.58
C ALA A 340 14.49 -25.38 28.96
N TRP A 341 13.23 -25.77 28.96
CA TRP A 341 12.89 -27.16 29.24
C TRP A 341 13.35 -28.09 28.12
N GLN A 342 13.98 -29.19 28.52
CA GLN A 342 14.37 -30.25 27.58
C GLN A 342 14.43 -31.52 28.38
N TRP A 343 14.51 -32.66 27.69
CA TRP A 343 14.52 -33.94 28.38
C TRP A 343 15.85 -34.65 28.21
N ALA A 344 16.27 -35.31 29.28
CA ALA A 344 17.54 -36.03 29.27
C ALA A 344 17.28 -37.50 29.53
N PRO A 345 18.14 -38.39 29.01
CA PRO A 345 17.91 -39.81 29.23
C PRO A 345 18.27 -40.16 30.68
N LYS A 346 17.51 -41.07 31.27
CA LYS A 346 17.78 -41.47 32.65
C LYS A 346 18.87 -42.51 32.70
N SER A 347 19.09 -43.22 31.59
CA SER A 347 20.12 -44.25 31.50
C SER A 347 21.46 -43.67 31.07
N GLU A 348 22.56 -44.24 31.54
CA GLU A 348 23.87 -43.74 31.16
C GLU A 348 24.35 -44.34 29.85
N GLU A 349 23.54 -45.20 29.24
CA GLU A 349 23.93 -45.82 27.98
C GLU A 349 24.05 -44.76 26.88
N LEU A 350 23.26 -43.69 26.98
CA LEU A 350 23.31 -42.63 25.96
C LEU A 350 24.24 -41.47 26.31
N LYS A 351 24.88 -41.52 27.47
CA LYS A 351 25.78 -40.43 27.84
C LYS A 351 26.95 -40.35 26.86
N ASN A 352 27.25 -39.14 26.39
CA ASN A 352 28.36 -38.90 25.48
C ASN A 352 28.37 -39.83 24.28
N SER A 353 27.19 -40.10 23.75
CA SER A 353 27.07 -40.97 22.59
C SER A 353 27.13 -40.28 21.24
N VAL A 354 27.12 -38.95 21.24
CA VAL A 354 27.11 -38.18 20.00
C VAL A 354 28.33 -37.28 19.85
N PRO A 355 28.90 -37.20 18.64
CA PRO A 355 30.07 -36.31 18.57
C PRO A 355 29.61 -34.86 18.74
N ASP A 356 30.47 -34.03 19.30
CA ASP A 356 30.15 -32.59 19.45
C ASP A 356 30.04 -32.00 18.06
N ALA A 357 29.08 -31.09 17.86
CA ALA A 357 28.85 -30.49 16.55
C ALA A 357 30.02 -29.78 15.93
N HIS A 358 30.93 -29.22 16.75
CA HIS A 358 32.08 -28.57 16.15
C HIS A 358 33.40 -29.19 16.56
N ASP A 359 33.32 -30.38 17.15
CA ASP A 359 34.55 -31.03 17.58
C ASP A 359 34.34 -32.53 17.71
N PRO A 360 34.63 -33.29 16.65
CA PRO A 360 34.51 -34.75 16.58
C PRO A 360 35.31 -35.47 17.68
N ASP A 361 36.29 -34.76 18.26
CA ASP A 361 37.14 -35.30 19.34
C ASP A 361 36.44 -35.29 20.69
N GLU A 362 35.30 -34.59 20.78
CA GLU A 362 34.55 -34.50 22.04
C GLU A 362 33.16 -35.11 21.81
N LYS A 363 32.44 -35.39 22.89
CA LYS A 363 31.12 -36.02 22.77
C LYS A 363 30.04 -35.24 23.52
N GLN A 364 28.78 -35.54 23.19
CA GLN A 364 27.61 -34.90 23.81
C GLN A 364 26.52 -35.97 24.01
N THR A 365 25.61 -35.70 24.94
CA THR A 365 24.49 -36.60 25.25
C THR A 365 23.26 -36.08 24.49
N PRO A 366 22.47 -37.00 23.87
CA PRO A 366 21.27 -36.55 23.14
C PRO A 366 20.19 -36.00 24.08
N MET A 367 19.21 -35.30 23.50
CA MET A 367 18.10 -34.75 24.30
C MET A 367 16.84 -34.95 23.49
N MET A 368 15.69 -34.73 24.12
CA MET A 368 14.40 -34.81 23.44
C MET A 368 13.64 -33.54 23.85
N LEU A 369 12.77 -33.06 22.97
CA LEU A 369 11.93 -31.90 23.35
C LEU A 369 10.64 -32.41 23.98
N THR A 370 9.94 -31.54 24.69
CA THR A 370 8.65 -31.94 25.25
C THR A 370 7.74 -32.37 24.09
N THR A 371 7.90 -31.75 22.92
CA THR A 371 7.07 -32.09 21.77
C THR A 371 7.45 -33.46 21.16
N ASP A 372 8.65 -33.97 21.44
CA ASP A 372 9.04 -35.31 20.96
C ASP A 372 8.45 -36.30 21.96
N ILE A 373 8.59 -35.99 23.26
CA ILE A 373 8.04 -36.89 24.28
C ILE A 373 6.51 -37.01 24.07
N ALA A 374 5.90 -35.94 23.56
CA ALA A 374 4.47 -35.95 23.28
C ALA A 374 4.11 -37.12 22.34
N LEU A 375 5.00 -37.43 21.40
CA LEU A 375 4.72 -38.52 20.46
C LEU A 375 4.77 -39.88 21.13
N LYS A 376 5.46 -39.97 22.26
CA LYS A 376 5.58 -41.23 23.00
C LYS A 376 4.50 -41.35 24.06
N ARG A 377 4.11 -40.23 24.66
CA ARG A 377 3.12 -40.28 25.72
C ARG A 377 1.66 -40.17 25.32
N ASP A 378 1.38 -39.62 24.14
CA ASP A 378 0.00 -39.54 23.64
C ASP A 378 -0.28 -40.96 23.08
N PRO A 379 -1.39 -41.58 23.51
CA PRO A 379 -1.74 -42.94 23.07
C PRO A 379 -1.79 -43.19 21.57
N ASP A 380 -2.44 -42.28 20.86
CA ASP A 380 -2.59 -42.37 19.42
C ASP A 380 -1.27 -42.19 18.69
N TYR A 381 -0.47 -41.20 19.12
CA TYR A 381 0.84 -41.04 18.49
C TYR A 381 1.74 -42.22 18.81
N ARG A 382 1.67 -42.72 20.03
CA ARG A 382 2.52 -43.84 20.42
C ARG A 382 2.29 -45.04 19.52
N GLU A 383 1.03 -45.32 19.19
CA GLU A 383 0.71 -46.47 18.33
C GLU A 383 1.35 -46.29 16.96
N VAL A 384 1.35 -45.06 16.47
CA VAL A 384 1.94 -44.79 15.17
C VAL A 384 3.46 -44.95 15.23
N MET A 385 4.07 -44.42 16.28
CA MET A 385 5.50 -44.53 16.43
C MET A 385 5.97 -45.98 16.58
N GLU A 386 5.18 -46.79 17.29
CA GLU A 386 5.54 -48.21 17.45
C GLU A 386 5.52 -48.90 16.09
N THR A 387 4.51 -48.58 15.28
CA THR A 387 4.42 -49.15 13.93
C THR A 387 5.62 -48.72 13.07
N PHE A 388 6.02 -47.44 13.18
CA PHE A 388 7.16 -46.94 12.45
C PHE A 388 8.46 -47.66 12.89
N GLN A 389 8.63 -47.85 14.20
CA GLN A 389 9.83 -48.51 14.66
C GLN A 389 9.93 -49.95 14.19
N GLU A 390 8.79 -50.61 14.09
CA GLU A 390 8.77 -52.01 13.67
C GLU A 390 8.92 -52.16 12.18
N ASN A 391 8.58 -51.11 11.44
CA ASN A 391 8.62 -51.14 9.98
C ASN A 391 9.30 -49.89 9.42
N PRO A 392 10.64 -49.87 9.36
CA PRO A 392 11.36 -48.71 8.82
C PRO A 392 10.91 -48.25 7.44
N MET A 393 10.46 -49.21 6.63
CA MET A 393 10.00 -48.89 5.30
C MET A 393 8.70 -48.10 5.36
N GLU A 394 7.86 -48.39 6.37
CA GLU A 394 6.60 -47.67 6.53
C GLU A 394 6.89 -46.25 7.02
N PHE A 395 7.83 -46.15 7.95
CA PHE A 395 8.24 -44.83 8.48
C PHE A 395 8.76 -43.99 7.32
N GLY A 396 9.66 -44.59 6.54
CA GLY A 396 10.29 -43.86 5.46
C GLY A 396 9.32 -43.36 4.42
N MET A 397 8.43 -44.23 3.96
CA MET A 397 7.51 -43.78 2.94
C MET A 397 6.51 -42.76 3.47
N ASN A 398 6.08 -42.89 4.74
CA ASN A 398 5.16 -41.89 5.26
C ASN A 398 5.87 -40.53 5.33
N PHE A 399 7.15 -40.53 5.73
CA PHE A 399 7.89 -39.26 5.80
C PHE A 399 8.08 -38.70 4.39
N ALA A 400 8.49 -39.53 3.44
CA ALA A 400 8.71 -39.02 2.09
C ALA A 400 7.44 -38.41 1.51
N LYS A 401 6.32 -39.10 1.68
CA LYS A 401 5.08 -38.55 1.13
C LYS A 401 4.62 -37.31 1.86
N ALA A 402 4.79 -37.28 3.18
CA ALA A 402 4.34 -36.11 3.91
C ALA A 402 5.24 -34.90 3.65
N TRP A 403 6.54 -35.14 3.47
CA TRP A 403 7.46 -34.04 3.18
C TRP A 403 7.10 -33.43 1.82
N TYR A 404 6.76 -34.28 0.85
CA TYR A 404 6.39 -33.74 -0.45
C TYR A 404 5.08 -32.93 -0.31
N LYS A 405 4.11 -33.50 0.41
CA LYS A 405 2.84 -32.80 0.61
C LYS A 405 3.10 -31.44 1.29
N LEU A 406 3.80 -31.46 2.43
CA LEU A 406 4.12 -30.24 3.19
C LEU A 406 4.66 -29.12 2.31
N THR A 407 5.59 -29.49 1.45
CA THR A 407 6.29 -28.51 0.65
C THR A 407 5.66 -28.12 -0.66
N HIS A 408 4.53 -28.76 -0.98
CA HIS A 408 3.82 -28.49 -2.23
C HIS A 408 2.33 -28.20 -2.07
N LEU A 409 1.84 -28.19 -0.83
CA LEU A 409 0.42 -27.97 -0.55
C LEU A 409 -0.16 -26.67 -1.09
N ASP A 410 0.65 -25.63 -1.21
CA ASP A 410 0.10 -24.36 -1.67
C ASP A 410 0.40 -24.03 -3.10
N MET A 411 0.79 -25.04 -3.87
CA MET A 411 1.11 -24.84 -5.28
C MET A 411 -0.04 -25.01 -6.27
N GLY A 412 -1.18 -25.47 -5.80
CA GLY A 412 -2.33 -25.61 -6.69
C GLY A 412 -2.39 -26.97 -7.36
N PRO A 413 -3.13 -27.09 -8.46
CA PRO A 413 -3.35 -28.30 -9.25
C PRO A 413 -2.09 -28.78 -9.95
N PRO A 414 -2.09 -30.03 -10.41
CA PRO A 414 -0.94 -30.64 -11.08
C PRO A 414 -0.32 -29.85 -12.23
N GLU A 415 -1.13 -29.09 -12.96
CA GLU A 415 -0.61 -28.31 -14.08
C GLU A 415 0.45 -27.30 -13.66
N ARG A 416 0.41 -26.91 -12.40
CA ARG A 416 1.36 -25.94 -11.90
C ARG A 416 2.68 -26.53 -11.41
N PHE A 417 2.78 -27.85 -11.36
CA PHE A 417 3.99 -28.53 -10.88
C PHE A 417 4.98 -28.65 -12.05
N LEU A 418 6.13 -27.97 -11.95
CA LEU A 418 7.10 -27.95 -13.05
C LEU A 418 8.40 -28.69 -12.87
N GLY A 419 8.98 -29.10 -13.99
CA GLY A 419 10.29 -29.74 -13.94
C GLY A 419 10.37 -31.24 -14.03
N PRO A 420 11.60 -31.76 -14.23
CA PRO A 420 11.89 -33.19 -14.36
C PRO A 420 11.76 -34.06 -13.12
N GLU A 421 11.57 -33.45 -11.95
CA GLU A 421 11.46 -34.25 -10.73
C GLU A 421 10.03 -34.40 -10.23
N VAL A 422 9.06 -33.93 -11.00
CA VAL A 422 7.66 -34.09 -10.61
C VAL A 422 7.31 -35.55 -10.78
N PRO A 423 6.76 -36.19 -9.74
CA PRO A 423 6.35 -37.60 -9.75
C PRO A 423 5.25 -37.81 -10.80
N ASP A 424 5.18 -39.00 -11.37
CA ASP A 424 4.13 -39.27 -12.35
C ASP A 424 2.80 -39.39 -11.59
N GLU A 425 2.87 -39.85 -10.35
CA GLU A 425 1.70 -40.03 -9.51
C GLU A 425 1.18 -38.68 -9.02
N GLU A 426 -0.11 -38.42 -9.17
CA GLU A 426 -0.74 -37.19 -8.69
C GLU A 426 -1.42 -37.56 -7.38
N MET A 427 -1.32 -36.69 -6.38
CA MET A 427 -1.89 -36.97 -5.08
C MET A 427 -3.23 -36.24 -4.92
N ILE A 428 -4.07 -36.75 -4.02
CA ILE A 428 -5.42 -36.20 -3.86
C ILE A 428 -5.42 -34.78 -3.33
N TRP A 429 -4.38 -34.41 -2.57
CA TRP A 429 -4.34 -33.05 -2.04
C TRP A 429 -3.97 -32.01 -3.13
N GLN A 430 -3.66 -32.48 -4.32
CA GLN A 430 -3.37 -31.58 -5.42
C GLN A 430 -4.70 -31.20 -6.10
N ASP A 431 -5.80 -31.82 -5.66
CA ASP A 431 -7.12 -31.57 -6.26
C ASP A 431 -6.96 -31.79 -7.78
N PRO A 432 -6.50 -33.00 -8.17
CA PRO A 432 -6.27 -33.35 -9.58
C PRO A 432 -7.52 -33.27 -10.47
N LEU A 433 -7.31 -33.13 -11.78
CA LEU A 433 -8.42 -33.03 -12.72
C LEU A 433 -8.20 -34.07 -13.81
N PRO A 434 -9.29 -34.69 -14.28
CA PRO A 434 -9.17 -35.70 -15.34
C PRO A 434 -8.91 -35.01 -16.68
N ASP A 435 -8.35 -35.75 -17.63
CA ASP A 435 -8.11 -35.20 -18.96
C ASP A 435 -9.43 -35.21 -19.72
N ALA A 436 -9.55 -34.37 -20.74
CA ALA A 436 -10.74 -34.30 -21.58
C ALA A 436 -10.54 -35.27 -22.75
N ASP A 437 -11.12 -36.45 -22.63
CA ASP A 437 -11.02 -37.48 -23.67
C ASP A 437 -12.04 -37.22 -24.77
N TYR A 438 -11.98 -36.03 -25.36
CA TYR A 438 -12.91 -35.64 -26.41
C TYR A 438 -12.50 -34.31 -27.04
N ASP A 439 -13.12 -33.95 -28.17
CA ASP A 439 -12.81 -32.70 -28.85
C ASP A 439 -13.58 -31.54 -28.25
N LEU A 440 -12.90 -30.40 -28.12
CA LEU A 440 -13.52 -29.20 -27.54
C LEU A 440 -14.48 -28.53 -28.53
N ILE A 441 -15.53 -27.92 -27.99
CA ILE A 441 -16.52 -27.24 -28.80
C ILE A 441 -15.95 -25.96 -29.39
N GLY A 442 -16.48 -25.58 -30.55
CA GLY A 442 -16.03 -24.37 -31.22
C GLY A 442 -17.05 -23.26 -31.13
N ASP A 443 -16.76 -22.13 -31.77
CA ASP A 443 -17.64 -20.97 -31.77
C ASP A 443 -19.08 -21.30 -32.12
N GLU A 444 -19.28 -22.10 -33.17
CA GLU A 444 -20.61 -22.46 -33.59
C GLU A 444 -21.37 -23.25 -32.53
N GLU A 445 -20.69 -24.19 -31.88
CA GLU A 445 -21.33 -25.00 -30.84
C GLU A 445 -21.56 -24.15 -29.58
N ILE A 446 -20.64 -23.25 -29.30
CA ILE A 446 -20.78 -22.36 -28.14
C ILE A 446 -22.06 -21.53 -28.30
N ALA A 447 -22.26 -20.98 -29.50
CA ALA A 447 -23.44 -20.17 -29.75
C ALA A 447 -24.70 -20.99 -29.58
N GLU A 448 -24.68 -22.21 -30.08
CA GLU A 448 -25.82 -23.10 -29.99
C GLU A 448 -26.19 -23.35 -28.54
N LEU A 449 -25.20 -23.77 -27.75
CA LEU A 449 -25.41 -24.04 -26.33
C LEU A 449 -25.86 -22.79 -25.58
N LYS A 450 -25.29 -21.65 -25.95
CA LYS A 450 -25.66 -20.39 -25.33
C LYS A 450 -27.17 -20.18 -25.49
N GLU A 451 -27.63 -20.34 -26.73
CA GLU A 451 -29.05 -20.16 -27.03
C GLU A 451 -29.93 -21.15 -26.27
N GLU A 452 -29.49 -22.40 -26.25
CA GLU A 452 -30.18 -23.48 -25.57
C GLU A 452 -30.35 -23.14 -24.10
N ILE A 453 -29.30 -22.59 -23.49
CA ILE A 453 -29.38 -22.24 -22.09
C ILE A 453 -30.38 -21.11 -21.87
N LEU A 454 -30.32 -20.09 -22.73
CA LEU A 454 -31.22 -18.95 -22.61
C LEU A 454 -32.67 -19.32 -22.93
N ASP A 455 -32.85 -20.40 -23.68
CA ASP A 455 -34.19 -20.85 -24.04
C ASP A 455 -34.82 -21.75 -22.98
N SER A 456 -34.02 -22.16 -21.99
CA SER A 456 -34.50 -23.03 -20.91
C SER A 456 -35.35 -22.24 -19.94
N ASP A 457 -35.85 -22.89 -18.89
CA ASP A 457 -36.67 -22.19 -17.92
C ASP A 457 -35.83 -21.50 -16.83
N LEU A 458 -34.51 -21.53 -17.00
CA LEU A 458 -33.62 -20.89 -16.04
C LEU A 458 -33.58 -19.39 -16.21
N SER A 459 -33.67 -18.67 -15.11
CA SER A 459 -33.65 -17.21 -15.14
C SER A 459 -32.21 -16.68 -15.11
N VAL A 460 -32.06 -15.41 -15.47
CA VAL A 460 -30.76 -14.74 -15.45
C VAL A 460 -30.17 -14.87 -14.05
N SER A 461 -31.00 -14.69 -13.03
CA SER A 461 -30.51 -14.79 -11.65
C SER A 461 -30.01 -16.18 -11.30
N GLN A 462 -30.76 -17.21 -11.67
CA GLN A 462 -30.33 -18.59 -11.39
C GLN A 462 -28.98 -18.89 -12.05
N LEU A 463 -28.84 -18.43 -13.30
CA LEU A 463 -27.61 -18.68 -14.05
C LEU A 463 -26.41 -17.96 -13.46
N VAL A 464 -26.58 -16.69 -13.14
CA VAL A 464 -25.48 -15.91 -12.56
C VAL A 464 -25.11 -16.46 -11.17
N LYS A 465 -26.12 -16.79 -10.37
CA LYS A 465 -25.89 -17.32 -9.03
C LYS A 465 -25.11 -18.62 -9.08
N THR A 466 -25.49 -19.48 -10.03
CA THR A 466 -24.84 -20.78 -10.15
C THR A 466 -23.40 -20.66 -10.65
N ALA A 467 -23.16 -19.81 -11.64
CA ALA A 467 -21.80 -19.64 -12.13
C ALA A 467 -20.93 -19.05 -11.02
N TRP A 468 -21.50 -18.11 -10.27
CA TRP A 468 -20.74 -17.50 -9.18
C TRP A 468 -20.40 -18.55 -8.11
N ALA A 469 -21.40 -19.39 -7.77
CA ALA A 469 -21.20 -20.44 -6.78
C ALA A 469 -20.07 -21.35 -7.23
N SER A 470 -19.97 -21.56 -8.55
CA SER A 470 -18.90 -22.42 -9.05
C SER A 470 -17.50 -21.76 -9.02
N ALA A 471 -17.41 -20.54 -9.53
CA ALA A 471 -16.13 -19.85 -9.64
C ALA A 471 -15.59 -19.23 -8.38
N SER A 472 -16.49 -18.84 -7.48
CA SER A 472 -16.09 -18.07 -6.31
C SER A 472 -15.31 -18.77 -5.20
N THR A 473 -15.12 -20.08 -5.29
CA THR A 473 -14.37 -20.82 -4.28
C THR A 473 -12.87 -20.70 -4.50
N TYR A 474 -12.46 -20.17 -5.64
CA TYR A 474 -11.04 -20.00 -5.91
C TYR A 474 -10.33 -19.11 -4.90
N ARG A 475 -9.14 -19.50 -4.47
CA ARG A 475 -8.40 -18.59 -3.61
C ARG A 475 -6.98 -18.55 -4.13
N ASP A 476 -6.47 -17.34 -4.33
CA ASP A 476 -5.15 -17.17 -4.90
C ASP A 476 -4.01 -17.56 -3.96
N SER A 477 -4.32 -17.64 -2.67
CA SER A 477 -3.35 -18.02 -1.65
C SER A 477 -2.74 -19.39 -1.93
N ASP A 478 -3.58 -20.41 -2.06
CA ASP A 478 -3.05 -21.75 -2.35
C ASP A 478 -3.55 -22.32 -3.67
N LYS A 479 -4.15 -21.46 -4.49
CA LYS A 479 -4.63 -21.83 -5.82
C LYS A 479 -5.61 -22.97 -5.85
N ARG A 480 -6.41 -23.11 -4.78
CA ARG A 480 -7.43 -24.16 -4.75
C ARG A 480 -8.76 -23.54 -5.16
N GLY A 481 -9.70 -24.39 -5.60
CA GLY A 481 -11.02 -23.87 -5.95
C GLY A 481 -11.17 -23.34 -7.35
N GLY A 482 -12.36 -22.81 -7.60
CA GLY A 482 -12.65 -22.29 -8.92
C GLY A 482 -13.63 -23.17 -9.67
N ALA A 483 -14.02 -22.70 -10.87
CA ALA A 483 -15.01 -23.40 -11.69
C ALA A 483 -14.54 -24.67 -12.44
N ASN A 484 -13.23 -24.82 -12.67
CA ASN A 484 -12.77 -26.02 -13.37
C ASN A 484 -13.02 -27.24 -12.50
N GLY A 485 -13.59 -28.30 -13.09
CA GLY A 485 -13.90 -29.48 -12.32
C GLY A 485 -15.37 -29.63 -11.96
N ALA A 486 -16.13 -28.53 -11.97
CA ALA A 486 -17.55 -28.53 -11.59
C ALA A 486 -17.74 -29.23 -10.23
N ARG A 487 -16.84 -28.97 -9.27
CA ARG A 487 -16.97 -29.59 -7.97
C ARG A 487 -18.18 -29.04 -7.18
N LEU A 488 -18.79 -27.99 -7.71
CA LEU A 488 -20.00 -27.42 -7.12
C LEU A 488 -21.09 -28.51 -7.04
N ARG A 489 -21.04 -29.46 -7.98
CA ARG A 489 -22.05 -30.52 -8.03
C ARG A 489 -21.75 -31.71 -7.11
N LEU A 490 -20.59 -31.70 -6.48
CA LEU A 490 -20.13 -32.80 -5.64
C LEU A 490 -20.16 -32.43 -4.18
N GLU A 491 -19.96 -33.42 -3.31
CA GLU A 491 -19.84 -33.11 -1.90
C GLU A 491 -18.48 -32.42 -1.78
N PRO A 492 -18.37 -31.46 -0.85
CA PRO A 492 -19.41 -30.98 0.06
C PRO A 492 -20.17 -29.76 -0.46
N GLN A 493 -19.68 -29.18 -1.55
CA GLN A 493 -20.25 -27.93 -2.07
C GLN A 493 -21.70 -27.98 -2.41
N LYS A 494 -22.17 -29.14 -2.92
CA LYS A 494 -23.58 -29.24 -3.31
C LYS A 494 -24.52 -29.11 -2.12
N ASN A 495 -24.00 -29.28 -0.91
CA ASN A 495 -24.83 -29.20 0.29
C ASN A 495 -24.57 -27.99 1.17
N TRP A 496 -23.69 -27.10 0.74
CA TRP A 496 -23.42 -25.90 1.53
C TRP A 496 -24.66 -25.02 1.55
N GLU A 497 -24.99 -24.52 2.74
CA GLU A 497 -26.14 -23.62 2.92
C GLU A 497 -26.10 -22.44 1.96
N VAL A 498 -24.92 -21.84 1.79
CA VAL A 498 -24.82 -20.66 0.91
C VAL A 498 -25.20 -20.99 -0.52
N ASN A 499 -25.05 -22.26 -0.92
CA ASN A 499 -25.37 -22.65 -2.27
C ASN A 499 -26.81 -23.06 -2.51
N GLU A 500 -27.65 -22.95 -1.48
CA GLU A 500 -29.09 -23.27 -1.57
C GLU A 500 -29.25 -24.60 -2.33
N PRO A 501 -28.88 -25.69 -1.65
CA PRO A 501 -28.93 -27.04 -2.23
C PRO A 501 -30.09 -27.40 -3.14
N GLU A 502 -31.30 -27.17 -2.65
CA GLU A 502 -32.51 -27.46 -3.42
C GLU A 502 -32.55 -26.67 -4.74
N GLN A 503 -32.30 -25.37 -4.65
CA GLN A 503 -32.31 -24.49 -5.81
C GLN A 503 -31.18 -24.86 -6.77
N LEU A 504 -30.01 -25.19 -6.20
CA LEU A 504 -28.86 -25.58 -7.01
C LEU A 504 -29.16 -26.84 -7.84
N GLU A 505 -29.80 -27.81 -7.21
CA GLU A 505 -30.13 -29.05 -7.90
C GLU A 505 -31.05 -28.81 -9.08
N THR A 506 -31.98 -27.88 -8.95
CA THR A 506 -32.86 -27.56 -10.07
C THR A 506 -32.02 -27.04 -11.26
N VAL A 507 -31.10 -26.12 -10.99
CA VAL A 507 -30.27 -25.57 -12.04
C VAL A 507 -29.34 -26.62 -12.65
N LEU A 508 -28.64 -27.37 -11.80
CA LEU A 508 -27.73 -28.36 -12.34
C LEU A 508 -28.49 -29.41 -13.15
N GLY A 509 -29.68 -29.77 -12.69
CA GLY A 509 -30.49 -30.75 -13.42
C GLY A 509 -30.75 -30.29 -14.84
N THR A 510 -31.17 -29.04 -15.00
CA THR A 510 -31.44 -28.50 -16.31
C THR A 510 -30.18 -28.43 -17.18
N LEU A 511 -29.06 -27.95 -16.61
CA LEU A 511 -27.85 -27.90 -17.41
C LEU A 511 -27.36 -29.30 -17.80
N GLU A 512 -27.51 -30.28 -16.89
CA GLU A 512 -27.07 -31.64 -17.18
C GLU A 512 -27.89 -32.23 -18.33
N ASN A 513 -29.17 -31.90 -18.39
CA ASN A 513 -30.03 -32.39 -19.50
C ASN A 513 -29.58 -31.76 -20.82
N ILE A 514 -29.17 -30.50 -20.78
CA ILE A 514 -28.68 -29.81 -21.97
C ILE A 514 -27.39 -30.49 -22.40
N GLN A 515 -26.55 -30.81 -21.42
CA GLN A 515 -25.27 -31.46 -21.71
C GLN A 515 -25.50 -32.82 -22.37
N THR A 516 -26.41 -33.60 -21.82
CA THR A 516 -26.72 -34.94 -22.33
C THR A 516 -27.23 -34.88 -23.77
N GLU A 517 -28.21 -34.01 -24.02
CA GLU A 517 -28.79 -33.87 -25.35
C GLU A 517 -27.75 -33.44 -26.37
N PHE A 518 -26.84 -32.56 -25.98
CA PHE A 518 -25.80 -32.09 -26.87
C PHE A 518 -24.77 -33.18 -27.19
N ASN A 519 -24.24 -33.80 -26.14
CA ASN A 519 -23.24 -34.84 -26.31
C ASN A 519 -23.76 -35.99 -27.16
N ASP A 520 -25.05 -36.30 -27.02
CA ASP A 520 -25.63 -37.41 -27.80
C ASP A 520 -25.81 -37.04 -29.28
N SER A 521 -26.13 -35.78 -29.54
CA SER A 521 -26.36 -35.32 -30.91
C SER A 521 -25.08 -35.21 -31.75
N ARG A 522 -23.93 -35.35 -31.10
CA ARG A 522 -22.64 -35.26 -31.77
C ARG A 522 -22.18 -36.60 -32.31
N SER A 523 -21.27 -36.56 -33.29
CA SER A 523 -20.71 -37.76 -33.91
C SER A 523 -19.22 -37.59 -34.23
N ASP A 524 -18.77 -36.34 -34.23
CA ASP A 524 -17.39 -36.03 -34.51
C ASP A 524 -16.51 -36.23 -33.28
N GLY A 525 -17.11 -36.69 -32.18
CA GLY A 525 -16.34 -36.90 -30.96
C GLY A 525 -16.27 -35.68 -30.05
N THR A 526 -17.00 -34.63 -30.43
CA THR A 526 -17.02 -33.40 -29.63
C THR A 526 -17.96 -33.59 -28.44
N GLN A 527 -17.57 -33.03 -27.30
CA GLN A 527 -18.40 -33.09 -26.10
C GLN A 527 -18.25 -31.78 -25.34
N VAL A 528 -19.19 -31.53 -24.45
CA VAL A 528 -19.12 -30.33 -23.60
C VAL A 528 -19.23 -30.80 -22.15
N SER A 529 -18.46 -30.16 -21.28
CA SER A 529 -18.50 -30.52 -19.88
C SER A 529 -19.52 -29.66 -19.15
N LEU A 530 -19.96 -30.14 -18.00
CA LEU A 530 -20.91 -29.38 -17.20
C LEU A 530 -20.17 -28.14 -16.67
N ALA A 531 -18.89 -28.30 -16.34
CA ALA A 531 -18.10 -27.18 -15.84
C ALA A 531 -18.16 -26.02 -16.83
N ASP A 532 -18.01 -26.32 -18.12
CA ASP A 532 -18.08 -25.25 -19.12
C ASP A 532 -19.50 -24.71 -19.26
N LEU A 533 -20.52 -25.56 -19.19
CA LEU A 533 -21.90 -25.08 -19.35
C LEU A 533 -22.28 -24.13 -18.23
N ILE A 534 -21.80 -24.41 -17.03
CA ILE A 534 -22.12 -23.54 -15.91
C ILE A 534 -21.57 -22.15 -16.19
N VAL A 535 -20.32 -22.06 -16.62
CA VAL A 535 -19.73 -20.75 -16.89
C VAL A 535 -20.39 -20.09 -18.12
N LEU A 536 -20.61 -20.88 -19.16
CA LEU A 536 -21.22 -20.34 -20.36
C LEU A 536 -22.59 -19.78 -20.06
N GLY A 537 -23.35 -20.47 -19.19
CA GLY A 537 -24.68 -20.00 -18.83
C GLY A 537 -24.61 -18.68 -18.08
N GLY A 538 -23.62 -18.58 -17.20
CA GLY A 538 -23.43 -17.36 -16.44
C GLY A 538 -23.09 -16.21 -17.39
N ASN A 539 -22.19 -16.45 -18.33
CA ASN A 539 -21.81 -15.42 -19.29
C ASN A 539 -23.01 -14.99 -20.12
N ALA A 540 -23.79 -15.97 -20.60
CA ALA A 540 -24.97 -15.66 -21.43
C ALA A 540 -25.94 -14.81 -20.64
N ALA A 541 -26.10 -15.11 -19.35
CA ALA A 541 -27.00 -14.35 -18.51
C ALA A 541 -26.51 -12.93 -18.27
N VAL A 542 -25.21 -12.74 -18.06
CA VAL A 542 -24.69 -11.38 -17.88
C VAL A 542 -24.87 -10.60 -19.18
N GLU A 543 -24.62 -11.26 -20.31
CA GLU A 543 -24.78 -10.60 -21.59
C GLU A 543 -26.22 -10.18 -21.78
N GLN A 544 -27.16 -11.01 -21.35
CA GLN A 544 -28.58 -10.71 -21.48
C GLN A 544 -28.96 -9.54 -20.59
N ALA A 545 -28.38 -9.50 -19.38
CA ALA A 545 -28.66 -8.42 -18.45
C ALA A 545 -28.15 -7.12 -19.02
N ALA A 546 -27.00 -7.16 -19.68
CA ALA A 546 -26.42 -5.96 -20.28
C ALA A 546 -27.30 -5.51 -21.46
N ALA A 547 -27.79 -6.49 -22.22
CA ALA A 547 -28.64 -6.19 -23.37
C ALA A 547 -29.94 -5.55 -22.92
N ASN A 548 -30.45 -5.99 -21.76
CA ASN A 548 -31.69 -5.42 -21.21
C ASN A 548 -31.49 -3.94 -20.87
N ALA A 549 -30.24 -3.56 -20.60
CA ALA A 549 -29.91 -2.19 -20.26
C ALA A 549 -29.53 -1.39 -21.50
N GLY A 550 -29.54 -2.04 -22.65
CA GLY A 550 -29.20 -1.37 -23.89
C GLY A 550 -27.75 -1.48 -24.33
N TYR A 551 -26.97 -2.35 -23.69
CA TYR A 551 -25.56 -2.50 -24.04
C TYR A 551 -25.24 -3.84 -24.69
N ASP A 552 -24.51 -3.83 -25.79
CA ASP A 552 -24.14 -5.06 -26.47
C ASP A 552 -22.74 -5.46 -26.01
N VAL A 553 -22.65 -6.50 -25.18
CA VAL A 553 -21.34 -6.93 -24.72
C VAL A 553 -21.12 -8.39 -25.08
N GLU A 554 -19.88 -8.73 -25.37
CA GLU A 554 -19.50 -10.09 -25.72
C GLU A 554 -18.44 -10.51 -24.72
N ILE A 555 -18.76 -11.47 -23.86
CA ILE A 555 -17.82 -11.90 -22.86
C ILE A 555 -16.93 -13.01 -23.40
N PRO A 556 -15.60 -12.85 -23.26
CA PRO A 556 -14.72 -13.89 -23.77
C PRO A 556 -14.97 -15.21 -23.03
N PHE A 557 -15.01 -16.30 -23.77
CA PHE A 557 -15.23 -17.62 -23.17
C PHE A 557 -14.12 -18.57 -23.55
N GLU A 558 -13.57 -19.25 -22.55
CA GLU A 558 -12.49 -20.20 -22.73
C GLU A 558 -12.97 -21.61 -22.44
N PRO A 559 -13.22 -22.39 -23.50
CA PRO A 559 -13.68 -23.78 -23.35
C PRO A 559 -12.52 -24.66 -22.90
N GLY A 560 -12.84 -25.77 -22.24
CA GLY A 560 -11.75 -26.66 -21.83
C GLY A 560 -11.85 -27.11 -20.41
N ARG A 561 -12.76 -26.54 -19.63
CA ARG A 561 -12.89 -27.00 -18.26
C ARG A 561 -13.41 -28.42 -18.29
N VAL A 562 -13.03 -29.22 -17.30
CA VAL A 562 -13.48 -30.60 -17.24
C VAL A 562 -14.34 -30.86 -16.00
N ASP A 563 -15.00 -32.03 -15.98
CA ASP A 563 -15.81 -32.45 -14.86
C ASP A 563 -15.02 -33.45 -14.00
N ALA A 564 -14.66 -33.03 -12.79
CA ALA A 564 -13.93 -33.86 -11.84
C ALA A 564 -14.93 -34.75 -11.13
N GLY A 565 -14.48 -35.92 -10.70
CA GLY A 565 -15.39 -36.80 -10.01
C GLY A 565 -15.06 -36.85 -8.53
N PRO A 566 -15.86 -37.61 -7.76
CA PRO A 566 -15.61 -37.74 -6.33
C PRO A 566 -14.21 -38.32 -6.12
N GLU A 567 -13.74 -39.13 -7.06
CA GLU A 567 -12.41 -39.74 -6.91
C GLU A 567 -11.25 -38.74 -7.07
N HIS A 568 -11.54 -37.53 -7.54
CA HIS A 568 -10.53 -36.48 -7.72
C HIS A 568 -10.77 -35.44 -6.64
N THR A 569 -11.59 -35.77 -5.65
CA THR A 569 -11.98 -34.78 -4.65
C THR A 569 -11.91 -35.28 -3.20
N ASP A 570 -11.06 -34.67 -2.39
CA ASP A 570 -10.99 -35.03 -0.95
C ASP A 570 -12.05 -34.08 -0.35
N ALA A 571 -13.30 -34.56 -0.23
CA ALA A 571 -14.38 -33.70 0.23
C ALA A 571 -14.14 -32.94 1.52
N PRO A 572 -13.68 -33.62 2.57
CA PRO A 572 -13.46 -32.89 3.83
C PRO A 572 -12.54 -31.69 3.67
N SER A 573 -11.55 -31.82 2.79
CA SER A 573 -10.57 -30.74 2.55
C SER A 573 -11.19 -29.51 1.91
N PHE A 574 -12.32 -29.71 1.24
CA PHE A 574 -13.01 -28.59 0.60
C PHE A 574 -13.81 -27.78 1.58
N ASP A 575 -14.03 -28.27 2.79
CA ASP A 575 -14.79 -27.46 3.70
C ASP A 575 -14.05 -26.16 4.07
N ALA A 576 -12.73 -26.17 3.93
CA ALA A 576 -11.93 -24.97 4.20
C ALA A 576 -12.32 -23.84 3.25
N LEU A 577 -12.88 -24.18 2.09
CA LEU A 577 -13.25 -23.17 1.13
C LEU A 577 -14.67 -22.62 1.33
N LYS A 578 -15.38 -23.15 2.33
CA LYS A 578 -16.77 -22.71 2.59
C LYS A 578 -16.78 -21.28 3.09
N PRO A 579 -17.54 -20.39 2.42
CA PRO A 579 -17.66 -18.97 2.76
C PRO A 579 -18.52 -18.70 4.00
N LYS A 580 -18.13 -17.69 4.79
CA LYS A 580 -18.90 -17.29 5.98
C LYS A 580 -19.70 -16.09 5.52
N VAL A 581 -19.17 -15.39 4.53
CA VAL A 581 -19.82 -14.21 3.95
C VAL A 581 -19.65 -14.31 2.42
N ASP A 582 -20.69 -13.97 1.67
CA ASP A 582 -20.57 -13.94 0.21
C ASP A 582 -21.19 -12.61 -0.26
N GLY A 583 -20.33 -11.72 -0.74
CA GLY A 583 -20.80 -10.40 -1.16
C GLY A 583 -21.73 -10.40 -2.35
N VAL A 584 -21.39 -11.18 -3.37
CA VAL A 584 -22.22 -11.23 -4.56
C VAL A 584 -23.63 -11.71 -4.26
N ARG A 585 -23.78 -12.66 -3.34
CA ARG A 585 -25.09 -13.19 -3.00
C ARG A 585 -25.72 -12.60 -1.73
N ASN A 586 -25.04 -11.60 -1.15
CA ASN A 586 -25.50 -10.93 0.09
C ASN A 586 -25.87 -11.95 1.16
N TYR A 587 -24.93 -12.89 1.38
CA TYR A 587 -25.09 -13.95 2.37
C TYR A 587 -24.16 -13.66 3.55
N ILE A 588 -24.70 -13.71 4.77
CA ILE A 588 -23.88 -13.49 5.96
C ILE A 588 -24.28 -14.54 6.98
N GLN A 589 -23.34 -15.41 7.29
CA GLN A 589 -23.59 -16.48 8.26
C GLN A 589 -23.79 -15.82 9.63
N ASP A 590 -24.71 -16.37 10.42
CA ASP A 590 -24.99 -15.78 11.71
C ASP A 590 -24.13 -16.42 12.81
N ASP A 591 -22.84 -16.09 12.81
CA ASP A 591 -21.92 -16.62 13.80
C ASP A 591 -20.56 -15.94 13.64
N ILE A 592 -20.42 -15.13 12.58
CA ILE A 592 -19.16 -14.44 12.33
C ILE A 592 -18.84 -13.46 13.44
N THR A 593 -17.56 -13.36 13.78
CA THR A 593 -17.14 -12.44 14.82
C THR A 593 -16.85 -11.07 14.22
N ARG A 594 -16.09 -11.04 13.13
CA ARG A 594 -15.75 -9.79 12.48
C ARG A 594 -16.94 -9.14 11.79
N PRO A 595 -16.88 -7.82 11.55
CA PRO A 595 -17.98 -7.13 10.86
C PRO A 595 -18.02 -7.74 9.44
N ALA A 596 -19.21 -7.83 8.86
CA ALA A 596 -19.34 -8.44 7.54
C ALA A 596 -18.41 -7.85 6.48
N GLU A 597 -18.27 -6.53 6.47
CA GLU A 597 -17.42 -5.92 5.44
C GLU A 597 -15.94 -6.29 5.55
N GLU A 598 -15.48 -6.62 6.76
CA GLU A 598 -14.09 -7.04 6.92
C GLU A 598 -13.88 -8.41 6.26
N VAL A 599 -14.88 -9.28 6.40
CA VAL A 599 -14.80 -10.62 5.80
C VAL A 599 -14.90 -10.46 4.27
N LEU A 600 -15.72 -9.52 3.84
CA LEU A 600 -15.88 -9.28 2.40
C LEU A 600 -14.54 -8.90 1.78
N VAL A 601 -13.82 -8.01 2.44
CA VAL A 601 -12.52 -7.59 1.92
C VAL A 601 -11.51 -8.76 1.93
N ASP A 602 -11.55 -9.55 3.00
CA ASP A 602 -10.67 -10.72 3.12
C ASP A 602 -10.96 -11.65 1.93
N ASN A 603 -12.25 -11.88 1.66
CA ASN A 603 -12.61 -12.77 0.56
C ASN A 603 -12.25 -12.21 -0.81
N ALA A 604 -12.45 -10.89 -0.99
CA ALA A 604 -12.12 -10.23 -2.25
C ALA A 604 -10.64 -10.40 -2.56
N ASP A 605 -9.82 -10.35 -1.52
CA ASP A 605 -8.37 -10.52 -1.70
C ASP A 605 -8.05 -11.89 -2.28
N LEU A 606 -8.78 -12.92 -1.85
CA LEU A 606 -8.54 -14.26 -2.35
C LEU A 606 -8.88 -14.38 -3.83
N LEU A 607 -9.72 -13.49 -4.35
CA LEU A 607 -10.09 -13.49 -5.77
C LEU A 607 -9.22 -12.50 -6.54
N ASN A 608 -8.18 -12.00 -5.89
CA ASN A 608 -7.23 -11.06 -6.50
C ASN A 608 -7.91 -9.76 -6.95
N LEU A 609 -8.95 -9.34 -6.25
CA LEU A 609 -9.61 -8.11 -6.65
C LEU A 609 -9.04 -6.85 -6.00
N THR A 610 -9.13 -5.75 -6.74
CA THR A 610 -8.75 -4.44 -6.20
C THR A 610 -10.04 -3.84 -5.62
N ALA A 611 -9.94 -2.73 -4.90
CA ALA A 611 -11.13 -2.11 -4.32
C ALA A 611 -12.11 -1.70 -5.42
N SER A 612 -11.57 -1.22 -6.55
CA SER A 612 -12.42 -0.81 -7.66
C SER A 612 -13.14 -1.96 -8.34
N GLU A 613 -12.46 -3.10 -8.46
CA GLU A 613 -13.08 -4.28 -9.08
C GLU A 613 -14.16 -4.83 -8.16
N LEU A 614 -13.91 -4.80 -6.86
CA LEU A 614 -14.90 -5.30 -5.90
C LEU A 614 -16.14 -4.41 -5.94
N THR A 615 -15.92 -3.10 -6.02
CA THR A 615 -17.05 -2.15 -6.08
C THR A 615 -17.87 -2.35 -7.33
N ALA A 616 -17.19 -2.46 -8.48
CA ALA A 616 -17.91 -2.70 -9.77
C ALA A 616 -18.71 -4.00 -9.68
N LEU A 617 -18.08 -5.03 -9.11
CA LEU A 617 -18.72 -6.32 -8.97
C LEU A 617 -19.99 -6.29 -8.13
N ILE A 618 -19.88 -5.79 -6.91
CA ILE A 618 -21.05 -5.78 -6.03
C ILE A 618 -22.13 -4.86 -6.59
N GLY A 619 -21.75 -3.65 -6.98
CA GLY A 619 -22.73 -2.71 -7.52
C GLY A 619 -23.46 -3.21 -8.76
N GLY A 620 -22.71 -3.77 -9.69
CA GLY A 620 -23.32 -4.30 -10.90
C GLY A 620 -24.18 -5.48 -10.55
N MET A 621 -23.68 -6.33 -9.66
CA MET A 621 -24.44 -7.50 -9.29
C MET A 621 -25.79 -7.17 -8.67
N ARG A 622 -25.85 -6.12 -7.85
CA ARG A 622 -27.12 -5.77 -7.23
C ARG A 622 -28.17 -5.33 -8.23
N SER A 623 -27.76 -4.85 -9.40
CA SER A 623 -28.74 -4.45 -10.43
C SER A 623 -29.27 -5.72 -11.11
N ILE A 624 -28.45 -6.78 -11.11
CA ILE A 624 -28.87 -8.06 -11.68
C ILE A 624 -29.80 -8.76 -10.69
N GLY A 625 -29.40 -8.81 -9.42
CA GLY A 625 -30.20 -9.45 -8.39
C GLY A 625 -29.92 -10.94 -8.31
N ALA A 626 -28.84 -11.30 -7.63
CA ALA A 626 -28.45 -12.70 -7.48
C ALA A 626 -28.33 -13.07 -6.01
N ASN A 627 -29.21 -12.54 -5.18
CA ASN A 627 -29.11 -12.81 -3.76
C ASN A 627 -29.52 -14.17 -3.28
N TYR A 628 -28.83 -14.58 -2.22
CA TYR A 628 -29.12 -15.79 -1.47
C TYR A 628 -30.60 -15.64 -1.05
N GLN A 629 -31.39 -16.69 -1.23
CA GLN A 629 -32.82 -16.69 -0.88
C GLN A 629 -33.65 -15.65 -1.61
N ASP A 630 -33.11 -15.15 -2.71
CA ASP A 630 -33.76 -14.18 -3.57
C ASP A 630 -34.29 -12.96 -2.84
N THR A 631 -33.58 -12.51 -1.80
CA THR A 631 -34.02 -11.34 -1.05
C THR A 631 -33.78 -10.07 -1.88
N ASP A 632 -34.30 -8.95 -1.39
CA ASP A 632 -34.11 -7.69 -2.09
C ASP A 632 -33.06 -6.84 -1.41
N LEU A 633 -32.24 -7.49 -0.57
CA LEU A 633 -31.22 -6.75 0.15
C LEU A 633 -30.16 -6.15 -0.77
N GLY A 634 -30.06 -4.83 -0.71
CA GLY A 634 -29.10 -4.09 -1.51
C GLY A 634 -29.52 -3.99 -2.97
N VAL A 635 -30.70 -4.50 -3.32
CA VAL A 635 -31.15 -4.47 -4.71
C VAL A 635 -31.84 -3.11 -4.96
N PHE A 636 -31.03 -2.07 -5.09
CA PHE A 636 -31.56 -0.71 -5.26
C PHE A 636 -31.86 -0.37 -6.71
N THR A 637 -32.80 -1.11 -7.27
CA THR A 637 -33.23 -0.89 -8.66
C THR A 637 -34.69 -1.27 -8.79
N ASP A 638 -35.40 -0.61 -9.70
CA ASP A 638 -36.80 -0.90 -9.95
C ASP A 638 -36.90 -1.97 -11.04
N GLU A 639 -35.79 -2.29 -11.67
CA GLU A 639 -35.77 -3.29 -12.74
C GLU A 639 -34.63 -4.28 -12.60
N PRO A 640 -34.84 -5.34 -11.82
CA PRO A 640 -33.78 -6.34 -11.66
C PRO A 640 -33.48 -7.02 -12.99
N GLU A 641 -32.40 -7.79 -13.02
CA GLU A 641 -31.94 -8.51 -14.20
C GLU A 641 -31.58 -7.57 -15.34
N THR A 642 -31.32 -6.31 -15.01
CA THR A 642 -30.95 -5.29 -15.99
C THR A 642 -29.68 -4.65 -15.44
N LEU A 643 -28.55 -4.88 -16.11
CA LEU A 643 -27.26 -4.38 -15.66
C LEU A 643 -27.08 -2.88 -15.82
N THR A 644 -27.19 -2.16 -14.72
CA THR A 644 -27.07 -0.70 -14.75
C THR A 644 -26.26 -0.20 -13.55
N ASN A 645 -26.16 1.12 -13.41
CA ASN A 645 -25.48 1.70 -12.25
C ASN A 645 -26.49 2.17 -11.20
N ASP A 646 -27.72 1.64 -11.25
CA ASP A 646 -28.76 2.02 -10.28
C ASP A 646 -28.32 1.85 -8.82
N PHE A 647 -27.54 0.82 -8.54
CA PHE A 647 -27.13 0.61 -7.15
C PHE A 647 -26.45 1.87 -6.63
N PHE A 648 -25.53 2.40 -7.41
CA PHE A 648 -24.78 3.59 -7.00
C PHE A 648 -25.62 4.85 -6.94
N VAL A 649 -26.42 5.08 -7.98
CA VAL A 649 -27.28 6.25 -8.00
C VAL A 649 -28.20 6.30 -6.79
N ASN A 650 -28.83 5.16 -6.49
CA ASN A 650 -29.74 5.08 -5.38
C ASN A 650 -29.04 5.07 -4.01
N LEU A 651 -27.88 4.43 -3.93
CA LEU A 651 -27.14 4.40 -2.67
C LEU A 651 -26.70 5.82 -2.28
N LEU A 652 -26.31 6.62 -3.27
CA LEU A 652 -25.81 7.96 -2.99
C LEU A 652 -26.88 9.05 -2.84
N ASP A 653 -28.12 8.73 -3.16
CA ASP A 653 -29.20 9.73 -3.09
C ASP A 653 -29.44 10.23 -1.67
N MET A 654 -29.20 11.52 -1.42
CA MET A 654 -29.42 12.04 -0.06
C MET A 654 -30.90 12.14 0.32
N GLY A 655 -31.78 11.84 -0.62
CA GLY A 655 -33.20 11.85 -0.34
C GLY A 655 -33.57 10.62 0.49
N THR A 656 -32.59 9.75 0.69
CA THR A 656 -32.77 8.53 1.46
C THR A 656 -31.89 8.60 2.70
N GLU A 657 -32.44 8.19 3.83
CA GLU A 657 -31.73 8.18 5.10
C GLU A 657 -31.67 6.72 5.54
N TRP A 658 -30.57 6.28 6.15
CA TRP A 658 -30.43 4.89 6.55
C TRP A 658 -30.36 4.70 8.03
N GLU A 659 -30.87 3.56 8.48
CA GLU A 659 -30.88 3.22 9.91
C GLU A 659 -30.91 1.72 10.08
N PRO A 660 -30.35 1.23 11.19
CA PRO A 660 -30.39 -0.22 11.37
C PRO A 660 -31.84 -0.68 11.54
N ALA A 661 -32.17 -1.87 11.04
CA ALA A 661 -33.53 -2.40 11.17
C ALA A 661 -33.70 -2.93 12.58
N ALA A 662 -34.76 -2.50 13.26
CA ALA A 662 -35.00 -2.93 14.62
C ALA A 662 -35.12 -4.45 14.73
N ASP A 663 -34.59 -5.01 15.82
CA ASP A 663 -34.64 -6.44 16.05
C ASP A 663 -33.97 -7.22 14.93
N SER A 664 -33.01 -6.59 14.26
CA SER A 664 -32.31 -7.25 13.17
C SER A 664 -30.81 -7.23 13.44
N GLU A 665 -30.15 -8.34 13.18
CA GLU A 665 -28.72 -8.42 13.39
C GLU A 665 -27.90 -7.94 12.20
N HIS A 666 -28.41 -8.15 10.99
CA HIS A 666 -27.66 -7.76 9.81
C HIS A 666 -28.34 -6.75 8.90
N ARG A 667 -29.62 -6.47 9.12
CA ARG A 667 -30.30 -5.55 8.20
C ARG A 667 -30.41 -4.09 8.58
N TYR A 668 -30.51 -3.26 7.54
CA TYR A 668 -30.66 -1.80 7.63
C TYR A 668 -31.80 -1.39 6.70
N LYS A 669 -32.46 -0.28 7.05
CA LYS A 669 -33.54 0.23 6.21
C LYS A 669 -33.19 1.58 5.61
N GLY A 670 -33.55 1.79 4.35
CA GLY A 670 -33.31 3.06 3.68
C GLY A 670 -34.67 3.71 3.63
N LEU A 671 -34.82 4.85 4.30
CA LEU A 671 -36.12 5.54 4.38
C LEU A 671 -36.14 6.85 3.62
N ASP A 672 -37.33 7.21 3.12
CA ASP A 672 -37.47 8.48 2.43
C ASP A 672 -37.27 9.52 3.53
N ARG A 673 -36.36 10.47 3.31
CA ARG A 673 -36.03 11.50 4.30
C ARG A 673 -37.20 12.43 4.59
N ASP A 674 -38.14 12.55 3.65
CA ASP A 674 -39.29 13.42 3.83
C ASP A 674 -40.62 12.65 3.81
N THR A 675 -40.68 11.55 4.57
CA THR A 675 -41.87 10.71 4.65
C THR A 675 -41.71 9.61 5.70
N GLY A 676 -40.53 9.01 5.71
CA GLY A 676 -40.27 7.95 6.67
C GLY A 676 -40.63 6.59 6.09
N GLU A 677 -41.15 6.56 4.86
CA GLU A 677 -41.53 5.31 4.21
C GLU A 677 -40.29 4.51 3.81
N VAL A 678 -40.32 3.19 4.03
CA VAL A 678 -39.18 2.36 3.64
C VAL A 678 -39.05 2.27 2.12
N LYS A 679 -37.85 2.58 1.60
CA LYS A 679 -37.62 2.50 0.17
C LYS A 679 -36.80 1.26 -0.17
N TRP A 680 -35.83 0.97 0.70
CA TRP A 680 -34.92 -0.16 0.49
C TRP A 680 -34.52 -0.88 1.79
N GLU A 681 -33.95 -2.08 1.65
CA GLU A 681 -33.42 -2.89 2.75
C GLU A 681 -31.97 -3.18 2.30
N ALA A 682 -31.05 -3.31 3.25
CA ALA A 682 -29.65 -3.58 2.88
C ALA A 682 -28.88 -4.18 4.04
N THR A 683 -27.67 -4.66 3.76
CA THR A 683 -26.79 -5.18 4.80
C THR A 683 -25.53 -4.29 4.81
N ARG A 684 -24.59 -4.60 5.70
CA ARG A 684 -23.35 -3.81 5.74
C ARG A 684 -22.57 -4.02 4.45
N ILE A 685 -22.77 -5.16 3.79
CA ILE A 685 -22.09 -5.43 2.53
C ILE A 685 -22.43 -4.36 1.51
N ASP A 686 -23.69 -3.96 1.48
CA ASP A 686 -24.13 -2.93 0.56
C ASP A 686 -23.73 -1.53 1.04
N LEU A 687 -23.99 -1.26 2.30
CA LEU A 687 -23.73 0.08 2.80
C LEU A 687 -22.28 0.51 2.96
N ILE A 688 -21.36 -0.43 3.04
CA ILE A 688 -19.98 -0.02 3.21
C ILE A 688 -19.51 0.80 2.00
N PHE A 689 -20.12 0.55 0.83
CA PHE A 689 -19.70 1.30 -0.34
C PHE A 689 -20.12 2.76 -0.32
N GLY A 690 -20.96 3.11 0.64
CA GLY A 690 -21.38 4.49 0.79
C GLY A 690 -20.90 5.07 2.10
N SER A 691 -20.10 4.31 2.85
CA SER A 691 -19.60 4.78 4.15
C SER A 691 -18.10 4.97 4.19
N ASN A 692 -17.36 3.96 3.75
CA ASN A 692 -15.92 4.03 3.72
C ASN A 692 -15.47 5.15 2.78
N ASP A 693 -14.50 5.96 3.22
CA ASP A 693 -14.08 7.12 2.41
C ASP A 693 -13.58 6.77 1.02
N ARG A 694 -12.74 5.75 0.93
CA ARG A 694 -12.21 5.36 -0.35
C ARG A 694 -13.24 4.68 -1.23
N LEU A 695 -14.08 3.82 -0.65
CA LEU A 695 -15.08 3.14 -1.48
C LEU A 695 -16.13 4.15 -1.95
N ARG A 696 -16.43 5.15 -1.13
CA ARG A 696 -17.40 6.16 -1.54
C ARG A 696 -16.89 6.90 -2.77
N ALA A 697 -15.59 7.17 -2.80
CA ALA A 697 -15.02 7.87 -3.94
C ALA A 697 -15.20 7.05 -5.21
N ILE A 698 -15.09 5.72 -5.11
CA ILE A 698 -15.27 4.84 -6.26
C ILE A 698 -16.75 4.83 -6.63
N SER A 699 -17.61 4.72 -5.64
CA SER A 699 -19.06 4.72 -5.86
C SER A 699 -19.53 5.98 -6.57
N GLU A 700 -18.94 7.12 -6.20
CA GLU A 700 -19.30 8.37 -6.83
C GLU A 700 -18.98 8.36 -8.31
N VAL A 701 -17.86 7.76 -8.69
CA VAL A 701 -17.51 7.69 -10.11
C VAL A 701 -18.62 6.90 -10.84
N TYR A 702 -18.92 5.71 -10.33
CA TYR A 702 -19.92 4.87 -10.99
C TYR A 702 -21.34 5.38 -10.94
N GLY A 703 -21.65 6.26 -9.98
CA GLY A 703 -23.01 6.77 -9.84
C GLY A 703 -23.20 8.09 -10.56
N SER A 704 -22.22 8.48 -11.35
CA SER A 704 -22.31 9.73 -12.10
C SER A 704 -23.14 9.57 -13.37
N ALA A 705 -23.64 10.68 -13.86
CA ALA A 705 -24.50 10.70 -15.04
C ALA A 705 -23.99 9.97 -16.27
N ASP A 706 -22.71 10.06 -16.55
CA ASP A 706 -22.20 9.43 -17.76
C ASP A 706 -21.28 8.26 -17.51
N ALA A 707 -21.54 7.55 -16.42
CA ALA A 707 -20.69 6.43 -16.07
C ALA A 707 -21.31 5.06 -16.21
N GLU A 708 -22.56 4.97 -16.61
CA GLU A 708 -23.18 3.66 -16.73
C GLU A 708 -22.45 2.70 -17.66
N LYS A 709 -22.07 3.15 -18.84
CA LYS A 709 -21.37 2.25 -19.74
C LYS A 709 -20.06 1.75 -19.12
N LYS A 710 -19.30 2.66 -18.49
CA LYS A 710 -18.05 2.25 -17.85
C LYS A 710 -18.30 1.20 -16.77
N LEU A 711 -19.35 1.38 -15.97
CA LEU A 711 -19.66 0.40 -14.93
C LEU A 711 -20.00 -0.94 -15.55
N VAL A 712 -20.82 -0.93 -16.61
CA VAL A 712 -21.15 -2.18 -17.28
C VAL A 712 -19.89 -2.89 -17.75
N HIS A 713 -18.99 -2.15 -18.40
CA HIS A 713 -17.78 -2.77 -18.87
C HIS A 713 -16.87 -3.22 -17.74
N ASP A 714 -16.80 -2.46 -16.66
CA ASP A 714 -15.94 -2.86 -15.54
C ASP A 714 -16.51 -4.09 -14.84
N PHE A 715 -17.83 -4.18 -14.78
CA PHE A 715 -18.45 -5.34 -14.14
C PHE A 715 -18.14 -6.56 -14.99
N VAL A 716 -18.35 -6.43 -16.31
CA VAL A 716 -18.11 -7.57 -17.19
C VAL A 716 -16.64 -8.03 -17.11
N ASP A 717 -15.72 -7.08 -17.08
CA ASP A 717 -14.30 -7.43 -17.02
C ASP A 717 -14.00 -8.21 -15.74
N THR A 718 -14.61 -7.79 -14.62
CA THR A 718 -14.37 -8.44 -13.33
C THR A 718 -15.00 -9.82 -13.29
N TRP A 719 -16.22 -9.92 -13.80
CA TRP A 719 -16.92 -11.21 -13.89
C TRP A 719 -16.05 -12.22 -14.66
N SER A 720 -15.61 -11.81 -15.84
CA SER A 720 -14.77 -12.66 -16.70
C SER A 720 -13.47 -13.05 -16.01
N LYS A 721 -12.86 -12.09 -15.29
CA LYS A 721 -11.62 -12.38 -14.59
C LYS A 721 -11.88 -13.47 -13.54
N VAL A 722 -12.94 -13.33 -12.77
CA VAL A 722 -13.22 -14.33 -11.76
C VAL A 722 -13.51 -15.72 -12.36
N MET A 723 -14.26 -15.75 -13.47
CA MET A 723 -14.60 -17.02 -14.09
C MET A 723 -13.36 -17.78 -14.53
N LYS A 724 -12.30 -17.05 -14.86
CA LYS A 724 -11.08 -17.66 -15.37
C LYS A 724 -9.91 -17.81 -14.41
N LEU A 725 -10.11 -17.50 -13.13
CA LEU A 725 -8.99 -17.59 -12.19
C LEU A 725 -8.25 -18.93 -12.13
N ASP A 726 -8.94 -20.06 -12.23
CA ASP A 726 -8.21 -21.33 -12.12
C ASP A 726 -7.76 -21.90 -13.45
N ARG A 727 -7.82 -21.09 -14.51
CA ARG A 727 -7.40 -21.55 -15.82
C ARG A 727 -5.89 -21.31 -15.96
N PHE A 728 -5.09 -22.20 -15.38
CA PHE A 728 -3.66 -22.03 -15.47
C PHE A 728 -3.18 -22.59 -16.81
N ASP A 729 -3.37 -21.82 -17.88
CA ASP A 729 -2.97 -22.23 -19.22
C ASP A 729 -3.25 -21.14 -20.25
N LEU A 730 -3.11 -19.88 -19.83
CA LEU A 730 -3.35 -18.75 -20.72
C LEU A 730 -2.22 -17.72 -20.62
N GLU A 731 -2.24 -16.92 -19.55
CA GLU A 731 -1.24 -15.90 -19.33
C GLU A 731 -0.52 -16.08 -17.99
N LYS B 18 -10.03 -9.44 14.42
CA LYS B 18 -9.54 -8.05 14.60
C LYS B 18 -8.85 -7.53 13.35
N ARG B 19 -7.66 -6.96 13.52
CA ARG B 19 -6.89 -6.42 12.40
C ARG B 19 -5.62 -7.25 12.22
N PRO B 20 -5.22 -7.48 10.96
CA PRO B 20 -4.02 -8.24 10.62
C PRO B 20 -2.71 -7.62 11.10
N LYS B 21 -2.80 -6.54 11.87
CA LYS B 21 -1.62 -5.84 12.39
C LYS B 21 -0.72 -5.32 11.29
N SER B 22 0.37 -4.66 11.68
CA SER B 22 1.30 -4.10 10.71
C SER B 22 2.74 -4.25 11.18
N ASN B 23 3.66 -4.40 10.23
CA ASN B 23 5.06 -4.52 10.60
C ASN B 23 5.47 -3.23 11.28
N GLN B 24 4.83 -2.12 10.89
CA GLN B 24 5.14 -0.82 11.48
C GLN B 24 4.85 -0.84 12.98
N ASP B 25 3.86 -1.65 13.37
CA ASP B 25 3.50 -1.76 14.79
C ASP B 25 4.55 -2.56 15.56
N TRP B 26 5.06 -3.62 14.94
CA TRP B 26 6.10 -4.43 15.59
C TRP B 26 7.43 -3.67 15.59
N TRP B 27 7.71 -2.97 14.50
CA TRP B 27 8.97 -2.23 14.36
C TRP B 27 8.69 -0.79 13.91
N PRO B 28 8.39 0.08 14.88
CA PRO B 28 8.10 1.50 14.62
C PRO B 28 9.14 2.20 13.75
N SER B 29 10.39 1.76 13.81
CA SER B 29 11.45 2.40 13.03
C SER B 29 11.59 1.85 11.62
N LYS B 30 10.73 0.91 11.24
CA LYS B 30 10.84 0.29 9.93
C LYS B 30 10.66 1.28 8.79
N LEU B 31 11.53 1.21 7.79
CA LEU B 31 11.48 2.14 6.68
C LEU B 31 10.10 2.14 6.03
N ASN B 32 9.55 3.34 5.82
CA ASN B 32 8.21 3.49 5.26
C ASN B 32 8.14 3.39 3.74
N LEU B 33 8.41 2.22 3.18
CA LEU B 33 8.38 2.09 1.72
C LEU B 33 6.96 2.17 1.13
N GLU B 34 5.93 2.12 1.96
CA GLU B 34 4.58 2.22 1.43
C GLU B 34 4.40 3.52 0.66
N ILE B 35 5.14 4.56 1.06
CA ILE B 35 4.99 5.84 0.35
C ILE B 35 5.44 5.68 -1.10
N LEU B 36 6.46 4.86 -1.35
CA LEU B 36 6.94 4.66 -2.72
C LEU B 36 6.02 3.69 -3.46
N ASP B 37 5.39 2.76 -2.74
CA ASP B 37 4.47 1.84 -3.40
C ASP B 37 3.29 2.62 -3.99
N GLN B 38 2.97 3.78 -3.40
CA GLN B 38 1.88 4.59 -3.92
C GLN B 38 2.21 5.08 -5.33
N ASN B 39 3.50 5.13 -5.66
CA ASN B 39 3.90 5.56 -6.99
C ASN B 39 3.89 4.43 -8.02
N ALA B 40 3.67 3.19 -7.55
CA ALA B 40 3.68 2.03 -8.46
C ALA B 40 2.36 1.80 -9.17
N ARG B 41 1.31 2.48 -8.73
CA ARG B 41 0.00 2.34 -9.36
C ARG B 41 -0.92 3.42 -8.90
N ASP B 42 -1.98 3.65 -9.66
CA ASP B 42 -2.96 4.65 -9.33
C ASP B 42 -4.25 3.93 -8.94
N VAL B 43 -4.59 3.98 -7.66
CA VAL B 43 -5.82 3.35 -7.20
C VAL B 43 -7.01 4.09 -7.77
N GLY B 44 -8.16 3.44 -7.74
CA GLY B 44 -9.32 4.09 -8.29
C GLY B 44 -9.67 3.41 -9.58
N PRO B 45 -10.87 3.68 -10.11
CA PRO B 45 -11.34 3.08 -11.34
C PRO B 45 -10.99 3.77 -12.63
N VAL B 46 -10.27 4.87 -12.54
CA VAL B 46 -9.90 5.65 -13.73
C VAL B 46 -8.97 4.88 -14.67
N GLU B 47 -9.33 4.84 -15.96
CA GLU B 47 -8.51 4.15 -16.96
C GLU B 47 -7.07 4.65 -16.98
N ASP B 48 -6.16 3.87 -17.58
CA ASP B 48 -4.76 4.27 -17.64
C ASP B 48 -4.55 5.41 -18.63
N ASP B 49 -5.44 5.51 -19.62
CA ASP B 49 -5.34 6.55 -20.63
C ASP B 49 -6.28 7.73 -20.37
N PHE B 50 -6.59 7.99 -19.10
CA PHE B 50 -7.48 9.10 -18.76
C PHE B 50 -6.72 10.41 -18.80
N ASP B 51 -7.24 11.37 -19.56
CA ASP B 51 -6.63 12.69 -19.67
C ASP B 51 -7.63 13.69 -19.09
N TYR B 52 -7.46 14.04 -17.82
CA TYR B 52 -8.38 14.97 -17.16
C TYR B 52 -8.42 16.31 -17.87
N ALA B 53 -7.25 16.86 -18.18
CA ALA B 53 -7.19 18.15 -18.86
C ALA B 53 -8.08 18.12 -20.11
N GLU B 54 -8.04 17.01 -20.83
CA GLU B 54 -8.85 16.85 -22.02
C GLU B 54 -10.32 16.84 -21.69
N GLU B 55 -10.66 16.20 -20.56
CA GLU B 55 -12.06 16.13 -20.16
C GLU B 55 -12.58 17.47 -19.67
N PHE B 56 -11.78 18.17 -18.88
CA PHE B 56 -12.19 19.47 -18.35
C PHE B 56 -12.43 20.44 -19.51
N GLN B 57 -11.68 20.25 -20.60
CA GLN B 57 -11.81 21.12 -21.76
C GLN B 57 -13.19 21.03 -22.38
N LYS B 58 -13.85 19.90 -22.15
CA LYS B 58 -15.19 19.62 -22.66
C LYS B 58 -16.28 20.19 -21.76
N LEU B 59 -15.89 20.64 -20.58
CA LEU B 59 -16.83 21.19 -19.61
C LEU B 59 -17.31 22.60 -19.91
N ASP B 60 -18.60 22.84 -19.70
CA ASP B 60 -19.18 24.17 -19.88
C ASP B 60 -19.06 24.77 -18.48
N LEU B 61 -17.96 25.48 -18.22
CA LEU B 61 -17.74 26.06 -16.90
C LEU B 61 -18.86 26.95 -16.43
N GLU B 62 -19.42 27.77 -17.33
CA GLU B 62 -20.50 28.66 -16.94
C GLU B 62 -21.73 27.92 -16.45
N ALA B 63 -22.02 26.76 -17.04
CA ALA B 63 -23.17 25.96 -16.66
C ALA B 63 -22.98 25.46 -15.24
N VAL B 64 -21.77 25.00 -14.93
CA VAL B 64 -21.49 24.52 -13.57
C VAL B 64 -21.62 25.71 -12.59
N LYS B 65 -21.10 26.88 -12.97
CA LYS B 65 -21.18 28.05 -12.08
C LYS B 65 -22.64 28.44 -11.85
N SER B 66 -23.46 28.37 -12.89
CA SER B 66 -24.87 28.69 -12.74
C SER B 66 -25.54 27.72 -11.78
N ASP B 67 -25.19 26.44 -11.86
CA ASP B 67 -25.76 25.44 -10.94
C ASP B 67 -25.29 25.67 -9.51
N LEU B 68 -24.04 26.06 -9.35
CA LEU B 68 -23.50 26.35 -8.02
C LEU B 68 -24.22 27.58 -7.46
N GLU B 69 -24.44 28.58 -8.31
CA GLU B 69 -25.12 29.79 -7.86
C GLU B 69 -26.49 29.45 -7.30
N GLU B 70 -27.23 28.61 -8.02
CA GLU B 70 -28.56 28.20 -7.58
C GLU B 70 -28.47 27.38 -6.30
N LEU B 71 -27.47 26.53 -6.19
CA LEU B 71 -27.33 25.73 -4.99
C LEU B 71 -27.15 26.62 -3.77
N MET B 72 -26.41 27.72 -3.93
CA MET B 72 -26.15 28.64 -2.81
C MET B 72 -27.38 28.97 -1.97
N THR B 73 -28.53 29.12 -2.62
CA THR B 73 -29.76 29.46 -1.89
C THR B 73 -30.80 28.35 -1.84
N SER B 74 -30.38 27.13 -2.16
CA SER B 74 -31.29 25.99 -2.12
C SER B 74 -31.02 25.20 -0.84
N SER B 75 -31.61 25.65 0.25
CA SER B 75 -31.42 25.01 1.55
C SER B 75 -31.94 23.58 1.62
N GLN B 76 -31.12 22.68 2.16
CA GLN B 76 -31.50 21.28 2.32
C GLN B 76 -31.83 21.08 3.81
N ASP B 77 -32.98 20.47 4.09
CA ASP B 77 -33.42 20.24 5.45
C ASP B 77 -32.42 19.54 6.37
N TRP B 78 -31.64 18.60 5.83
CA TRP B 78 -30.67 17.89 6.65
C TRP B 78 -29.46 18.75 7.06
N TRP B 79 -29.41 19.98 6.57
CA TRP B 79 -28.35 20.91 6.95
C TRP B 79 -28.73 22.29 6.43
N PRO B 80 -29.74 22.93 7.06
CA PRO B 80 -30.23 24.26 6.66
C PRO B 80 -29.16 25.32 6.50
N ALA B 81 -29.27 26.10 5.43
CA ALA B 81 -28.32 27.15 5.16
C ALA B 81 -28.48 28.34 6.11
N ASP B 82 -27.37 28.80 6.68
CA ASP B 82 -27.36 29.99 7.58
C ASP B 82 -27.77 31.19 6.74
N TYR B 83 -28.70 32.00 7.25
CA TYR B 83 -29.14 33.21 6.52
C TYR B 83 -29.67 32.88 5.14
N GLY B 84 -30.04 31.62 4.93
CA GLY B 84 -30.55 31.19 3.64
C GLY B 84 -29.51 31.21 2.53
N HIS B 85 -28.22 31.19 2.88
CA HIS B 85 -27.16 31.21 1.88
C HIS B 85 -26.00 30.32 2.34
N TYR B 86 -25.66 29.30 1.55
CA TYR B 86 -24.55 28.39 1.86
C TYR B 86 -23.20 28.95 1.48
N GLY B 87 -23.17 30.13 0.87
CA GLY B 87 -21.91 30.69 0.42
C GLY B 87 -20.76 30.68 1.41
N PRO B 88 -20.95 31.22 2.63
CA PRO B 88 -19.88 31.25 3.62
C PRO B 88 -19.39 29.84 3.98
N LEU B 89 -20.31 28.89 4.05
CA LEU B 89 -19.89 27.50 4.35
C LEU B 89 -18.96 26.98 3.24
N PHE B 90 -19.29 27.29 1.99
CA PHE B 90 -18.46 26.83 0.88
C PHE B 90 -17.10 27.53 0.86
N ILE B 91 -17.05 28.80 1.29
CA ILE B 91 -15.77 29.48 1.34
C ILE B 91 -14.88 28.78 2.37
N ARG B 92 -15.46 28.45 3.52
CA ARG B 92 -14.70 27.76 4.56
C ARG B 92 -14.21 26.42 4.01
N MET B 93 -15.08 25.71 3.29
CA MET B 93 -14.68 24.42 2.73
C MET B 93 -13.48 24.59 1.81
N ALA B 94 -13.53 25.62 0.95
CA ALA B 94 -12.43 25.85 0.04
C ALA B 94 -11.15 26.29 0.76
N TRP B 95 -11.29 27.16 1.74
CA TRP B 95 -10.12 27.60 2.48
C TRP B 95 -9.49 26.39 3.18
N HIS B 96 -10.31 25.53 3.79
CA HIS B 96 -9.72 24.37 4.45
C HIS B 96 -9.10 23.41 3.44
N SER B 97 -9.68 23.29 2.25
CA SER B 97 -9.10 22.41 1.23
C SER B 97 -7.70 22.83 0.82
N ALA B 98 -7.50 24.13 0.57
CA ALA B 98 -6.19 24.63 0.16
C ALA B 98 -5.29 24.90 1.36
N GLY B 99 -5.93 25.16 2.50
CA GLY B 99 -5.21 25.53 3.71
C GLY B 99 -4.20 24.58 4.32
N THR B 100 -4.20 23.32 3.94
CA THR B 100 -3.21 22.38 4.50
C THR B 100 -1.84 22.40 3.81
N TYR B 101 -1.70 23.19 2.75
CA TYR B 101 -0.44 23.31 2.01
C TYR B 101 0.76 23.73 2.86
N ARG B 102 1.90 23.11 2.63
CA ARG B 102 3.14 23.41 3.33
C ARG B 102 4.20 23.67 2.27
N THR B 103 4.96 24.76 2.39
CA THR B 103 5.98 25.04 1.40
C THR B 103 7.18 24.10 1.58
N ALA B 104 7.40 23.64 2.81
CA ALA B 104 8.54 22.76 3.12
C ALA B 104 8.67 21.59 2.15
N ASP B 105 7.58 20.89 1.89
CA ASP B 105 7.65 19.77 0.96
C ASP B 105 6.64 19.86 -0.17
N GLY B 106 5.85 20.93 -0.17
CA GLY B 106 4.83 21.14 -1.19
C GLY B 106 3.61 20.26 -1.03
N ARG B 107 3.56 19.48 0.05
CA ARG B 107 2.45 18.57 0.30
C ARG B 107 1.24 19.28 0.95
N GLY B 108 0.10 18.59 1.00
CA GLY B 108 -1.12 19.22 1.52
C GLY B 108 -1.66 20.07 0.38
N GLY B 109 -2.70 20.86 0.63
CA GLY B 109 -3.21 21.67 -0.46
C GLY B 109 -4.45 21.06 -1.10
N ALA B 110 -5.09 21.81 -2.00
CA ALA B 110 -6.33 21.37 -2.62
C ALA B 110 -6.21 20.60 -3.93
N ALA B 111 -5.01 20.48 -4.47
CA ALA B 111 -4.78 19.82 -5.76
C ALA B 111 -5.37 18.42 -5.99
N GLY B 112 -5.48 17.60 -4.95
CA GLY B 112 -6.04 16.27 -5.15
C GLY B 112 -7.40 16.04 -4.47
N GLY B 113 -7.90 17.07 -3.83
CA GLY B 113 -9.16 17.03 -3.12
C GLY B 113 -9.06 16.05 -1.96
N ARG B 114 -7.87 15.91 -1.37
CA ARG B 114 -7.75 14.95 -0.29
C ARG B 114 -8.45 15.27 1.04
N GLN B 115 -9.17 16.40 1.10
CA GLN B 115 -9.96 16.71 2.30
C GLN B 115 -11.04 15.62 2.39
N ARG B 116 -11.28 14.91 1.28
CA ARG B 116 -12.32 13.88 1.26
C ARG B 116 -11.90 12.58 1.92
N PHE B 117 -10.62 12.45 2.26
CA PHE B 117 -10.14 11.18 2.84
C PHE B 117 -9.53 11.35 4.21
N ALA B 118 -9.47 10.25 4.97
CA ALA B 118 -8.83 10.30 6.28
C ALA B 118 -7.35 10.61 6.01
N PRO B 119 -6.68 11.32 6.93
CA PRO B 119 -7.27 11.73 8.21
C PRO B 119 -7.94 13.09 8.13
N ILE B 120 -7.61 13.84 7.07
CA ILE B 120 -8.12 15.20 6.93
C ILE B 120 -9.63 15.31 7.01
N ASN B 121 -10.34 14.35 6.42
CA ASN B 121 -11.81 14.44 6.46
C ASN B 121 -12.37 14.37 7.87
N SER B 122 -11.56 13.94 8.82
CA SER B 122 -12.01 13.79 10.20
C SER B 122 -11.31 14.67 11.23
N TRP B 123 -10.52 15.62 10.73
CA TRP B 123 -9.85 16.56 11.63
C TRP B 123 -10.93 17.39 12.29
N PRO B 124 -10.71 17.77 13.54
CA PRO B 124 -11.72 18.58 14.22
C PRO B 124 -12.02 19.89 13.48
N ASP B 125 -10.99 20.47 12.87
CA ASP B 125 -11.13 21.74 12.13
C ASP B 125 -11.99 21.55 10.88
N ASN B 126 -12.17 20.31 10.43
CA ASN B 126 -13.02 20.12 9.25
C ASN B 126 -14.42 19.65 9.63
N ALA B 127 -14.77 19.84 10.90
CA ALA B 127 -16.10 19.45 11.34
C ALA B 127 -17.18 20.10 10.47
N ASN B 128 -18.11 19.27 10.04
CA ASN B 128 -19.25 19.64 9.22
C ASN B 128 -18.97 20.01 7.77
N LEU B 129 -17.71 19.93 7.35
CA LEU B 129 -17.41 20.17 5.93
C LEU B 129 -17.84 18.90 5.19
N ASP B 130 -18.10 17.83 5.95
CA ASP B 130 -18.62 16.61 5.34
C ASP B 130 -20.01 16.96 4.77
N LYS B 131 -20.77 17.80 5.48
CA LYS B 131 -22.08 18.18 4.95
C LYS B 131 -21.91 19.15 3.78
N ALA B 132 -20.92 20.02 3.86
CA ALA B 132 -20.68 20.97 2.77
C ALA B 132 -20.32 20.23 1.49
N ARG B 133 -19.42 19.26 1.59
CA ARG B 133 -19.05 18.50 0.39
C ARG B 133 -20.25 17.70 -0.10
N ARG B 134 -21.07 17.21 0.83
CA ARG B 134 -22.26 16.43 0.44
C ARG B 134 -23.27 17.29 -0.36
N LEU B 135 -23.34 18.59 -0.04
CA LEU B 135 -24.28 19.45 -0.77
C LEU B 135 -23.90 19.56 -2.25
N LEU B 136 -22.63 19.34 -2.54
CA LEU B 136 -22.10 19.42 -3.90
C LEU B 136 -22.21 18.13 -4.70
N LEU B 137 -22.61 17.04 -4.08
CA LEU B 137 -22.68 15.74 -4.76
C LEU B 137 -23.53 15.72 -6.04
N PRO B 138 -24.74 16.31 -6.01
CA PRO B 138 -25.56 16.31 -7.21
C PRO B 138 -24.85 16.97 -8.40
N ILE B 139 -24.18 18.09 -8.16
CA ILE B 139 -23.45 18.75 -9.26
C ILE B 139 -22.30 17.86 -9.73
N LYS B 140 -21.57 17.28 -8.81
CA LYS B 140 -20.48 16.38 -9.18
C LYS B 140 -21.00 15.26 -10.05
N GLN B 141 -22.13 14.66 -9.68
CA GLN B 141 -22.68 13.54 -10.44
C GLN B 141 -23.15 13.99 -11.81
N LYS B 142 -23.74 15.18 -11.87
CA LYS B 142 -24.24 15.71 -13.14
C LYS B 142 -23.15 15.90 -14.19
N TYR B 143 -22.00 16.42 -13.78
CA TYR B 143 -20.91 16.65 -14.72
C TYR B 143 -19.91 15.51 -14.81
N GLY B 144 -19.95 14.58 -13.84
CA GLY B 144 -19.04 13.44 -13.91
C GLY B 144 -17.55 13.74 -14.06
N GLN B 145 -16.88 12.99 -14.92
CA GLN B 145 -15.45 13.18 -15.11
C GLN B 145 -15.01 14.55 -15.61
N LYS B 146 -15.95 15.31 -16.14
CA LYS B 146 -15.61 16.63 -16.66
C LYS B 146 -15.15 17.60 -15.58
N ILE B 147 -15.51 17.37 -14.32
CA ILE B 147 -14.99 18.25 -13.29
C ILE B 147 -14.67 17.42 -12.06
N SER B 148 -13.43 17.56 -11.60
CA SER B 148 -12.96 16.83 -10.44
C SER B 148 -13.51 17.42 -9.15
N TRP B 149 -13.51 16.61 -8.09
CA TRP B 149 -13.97 17.11 -6.79
C TRP B 149 -13.03 18.27 -6.41
N ALA B 150 -11.74 18.09 -6.69
CA ALA B 150 -10.75 19.11 -6.33
C ALA B 150 -11.09 20.45 -6.98
N ASP B 151 -11.37 20.42 -8.28
CA ASP B 151 -11.72 21.65 -9.00
C ASP B 151 -13.05 22.19 -8.52
N LEU B 152 -13.99 21.29 -8.26
CA LEU B 152 -15.32 21.71 -7.84
C LEU B 152 -15.33 22.39 -6.48
N MET B 153 -14.56 21.87 -5.54
CA MET B 153 -14.55 22.51 -4.22
C MET B 153 -14.03 23.96 -4.29
N ILE B 154 -13.01 24.20 -5.10
CA ILE B 154 -12.46 25.57 -5.22
C ILE B 154 -13.44 26.43 -5.99
N LEU B 155 -14.06 25.87 -7.04
CA LEU B 155 -15.03 26.64 -7.81
C LEU B 155 -16.24 27.05 -6.97
N ALA B 156 -16.64 26.19 -6.04
CA ALA B 156 -17.79 26.49 -5.21
C ALA B 156 -17.45 27.69 -4.33
N GLY B 157 -16.22 27.72 -3.82
CA GLY B 157 -15.78 28.84 -3.00
C GLY B 157 -15.81 30.12 -3.82
N ASN B 158 -15.30 30.04 -5.05
CA ASN B 158 -15.29 31.22 -5.92
C ASN B 158 -16.70 31.71 -6.20
N VAL B 159 -17.60 30.80 -6.58
CA VAL B 159 -18.97 31.21 -6.90
C VAL B 159 -19.62 31.82 -5.67
N ALA B 160 -19.36 31.24 -4.51
CA ALA B 160 -19.93 31.78 -3.27
C ALA B 160 -19.50 33.25 -3.10
N ILE B 161 -18.22 33.51 -3.23
CA ILE B 161 -17.71 34.88 -3.08
C ILE B 161 -18.33 35.79 -4.13
N GLU B 162 -18.38 35.33 -5.38
CA GLU B 162 -18.96 36.16 -6.42
C GLU B 162 -20.45 36.44 -6.17
N SER B 163 -21.18 35.42 -5.73
CA SER B 163 -22.61 35.58 -5.51
C SER B 163 -22.91 36.56 -4.37
N MET B 164 -21.94 36.80 -3.51
CA MET B 164 -22.14 37.71 -2.37
C MET B 164 -21.55 39.10 -2.59
N GLY B 165 -21.28 39.41 -3.86
CA GLY B 165 -20.82 40.74 -4.21
C GLY B 165 -19.37 41.04 -4.49
N PHE B 166 -18.55 40.01 -4.65
CA PHE B 166 -17.13 40.22 -4.86
C PHE B 166 -16.60 39.41 -6.03
N LYS B 167 -16.23 40.08 -7.10
CA LYS B 167 -15.70 39.39 -8.28
C LYS B 167 -14.32 38.80 -8.00
N THR B 168 -14.14 37.52 -8.29
CA THR B 168 -12.82 36.91 -8.05
C THR B 168 -11.79 37.30 -9.12
N PHE B 169 -10.51 37.10 -8.80
CA PHE B 169 -9.39 37.45 -9.69
C PHE B 169 -9.27 36.50 -10.87
N GLY B 170 -9.71 35.27 -10.65
CA GLY B 170 -9.63 34.28 -11.72
C GLY B 170 -9.84 32.90 -11.16
N TYR B 171 -9.81 31.91 -12.04
CA TYR B 171 -9.98 30.51 -11.65
C TYR B 171 -9.39 29.62 -12.71
N ALA B 172 -8.69 28.57 -12.31
CA ALA B 172 -8.15 27.60 -13.26
C ALA B 172 -8.57 26.22 -12.80
N GLY B 173 -8.89 25.38 -13.78
CA GLY B 173 -9.23 23.99 -13.51
C GLY B 173 -7.96 23.21 -13.79
N GLY B 174 -7.99 21.89 -13.60
CA GLY B 174 -6.79 21.08 -13.85
C GLY B 174 -6.31 20.23 -12.69
N ARG B 175 -6.99 20.31 -11.55
CA ARG B 175 -6.63 19.53 -10.37
C ARG B 175 -7.23 18.12 -10.51
N GLU B 176 -6.40 17.10 -10.73
CA GLU B 176 -6.92 15.73 -10.87
C GLU B 176 -7.18 15.12 -9.50
N ASP B 177 -8.33 14.46 -9.36
CA ASP B 177 -8.73 13.85 -8.09
C ASP B 177 -7.85 12.69 -7.69
N ALA B 178 -7.59 12.61 -6.39
CA ALA B 178 -6.82 11.52 -5.81
C ALA B 178 -7.91 10.52 -5.36
N PHE B 179 -7.53 9.26 -5.12
CA PHE B 179 -8.51 8.27 -4.66
C PHE B 179 -8.13 7.70 -3.29
N GLU B 180 -7.12 8.33 -2.68
CA GLU B 180 -6.70 7.95 -1.33
C GLU B 180 -5.86 9.06 -0.71
N GLU B 181 -5.48 8.90 0.55
CA GLU B 181 -4.70 9.92 1.22
C GLU B 181 -3.26 9.89 0.76
N ASP B 182 -2.54 10.96 1.06
CA ASP B 182 -1.13 11.01 0.68
C ASP B 182 -0.39 10.44 1.89
N LYS B 183 0.14 9.23 1.73
CA LYS B 183 0.82 8.59 2.84
C LYS B 183 2.15 9.20 3.23
N ALA B 184 2.70 10.05 2.37
CA ALA B 184 3.99 10.64 2.70
C ALA B 184 3.92 11.85 3.60
N VAL B 185 2.74 12.39 3.86
CA VAL B 185 2.65 13.57 4.70
C VAL B 185 2.75 13.31 6.19
N ASN B 186 3.72 13.94 6.83
CA ASN B 186 3.82 13.81 8.28
C ASN B 186 3.13 15.05 8.81
N TRP B 187 1.99 14.86 9.45
CA TRP B 187 1.22 15.98 9.97
C TRP B 187 1.67 16.45 11.35
N GLY B 188 2.60 15.75 11.97
CA GLY B 188 3.03 16.17 13.29
C GLY B 188 3.28 15.00 14.21
N PRO B 189 3.97 15.24 15.33
CA PRO B 189 4.29 14.20 16.31
C PRO B 189 3.22 13.82 17.33
N GLU B 190 2.15 14.61 17.42
CA GLU B 190 1.09 14.36 18.40
C GLU B 190 0.37 13.03 18.21
N ASP B 191 -0.13 12.48 19.31
CA ASP B 191 -0.85 11.21 19.26
C ASP B 191 -2.34 11.46 19.45
N GLU B 192 -2.70 12.74 19.60
CA GLU B 192 -4.09 13.10 19.82
C GLU B 192 -4.48 14.39 19.10
N PHE B 193 -5.66 14.39 18.49
CA PHE B 193 -6.13 15.60 17.80
C PHE B 193 -6.37 16.73 18.81
N GLU B 194 -6.22 17.97 18.34
CA GLU B 194 -6.41 19.15 19.19
C GLU B 194 -5.36 19.26 20.31
N THR B 195 -4.20 18.65 20.12
CA THR B 195 -3.13 18.76 21.13
C THR B 195 -1.91 19.24 20.36
N GLN B 196 -0.92 19.76 21.08
CA GLN B 196 0.28 20.22 20.42
C GLN B 196 1.53 19.88 21.24
N GLU B 197 2.55 19.41 20.54
CA GLU B 197 3.84 19.06 21.13
C GLU B 197 4.86 19.51 20.09
N ARG B 198 4.57 20.65 19.47
CA ARG B 198 5.42 21.17 18.42
C ARG B 198 5.96 22.57 18.68
N PHE B 199 5.57 23.18 19.81
CA PHE B 199 6.12 24.49 20.15
C PHE B 199 6.01 24.79 21.64
N ASP B 200 7.02 25.48 22.15
CA ASP B 200 7.06 25.87 23.56
C ASP B 200 6.61 27.32 23.60
N GLU B 201 7.18 28.12 22.71
CA GLU B 201 6.84 29.54 22.62
C GLU B 201 6.29 29.81 21.23
N PRO B 202 5.22 30.64 21.12
CA PRO B 202 4.61 30.98 19.83
C PRO B 202 5.65 31.52 18.86
N GLY B 203 5.54 31.15 17.59
CA GLY B 203 6.50 31.60 16.59
C GLY B 203 7.73 30.71 16.60
N GLU B 204 7.68 29.63 17.37
CA GLU B 204 8.80 28.70 17.48
C GLU B 204 8.33 27.27 17.18
N ILE B 205 7.48 27.13 16.18
CA ILE B 205 6.95 25.83 15.81
C ILE B 205 8.01 24.91 15.18
N GLN B 206 7.91 23.62 15.46
CA GLN B 206 8.82 22.64 14.90
C GLN B 206 8.86 22.81 13.38
N GLU B 207 10.06 22.81 12.80
CA GLU B 207 10.23 22.97 11.37
C GLU B 207 9.53 21.89 10.56
N GLY B 208 9.01 22.27 9.39
CA GLY B 208 8.36 21.29 8.53
C GLY B 208 6.85 21.20 8.66
N LEU B 209 6.31 21.79 9.71
CA LEU B 209 4.88 21.77 9.97
C LEU B 209 4.21 23.09 9.60
N GLY B 210 3.03 22.99 8.98
CA GLY B 210 2.31 24.18 8.58
C GLY B 210 1.28 24.67 9.58
N ALA B 211 1.07 23.93 10.67
CA ALA B 211 0.09 24.33 11.67
C ALA B 211 0.73 24.24 13.05
N SER B 212 0.13 24.89 14.03
CA SER B 212 0.67 24.89 15.40
C SER B 212 0.02 23.83 16.28
N VAL B 213 -0.97 23.11 15.75
CA VAL B 213 -1.69 22.09 16.51
C VAL B 213 -2.11 20.93 15.60
N MET B 214 -2.09 19.70 16.11
CA MET B 214 -2.49 18.55 15.29
C MET B 214 -3.98 18.57 15.01
N GLY B 215 -4.34 18.44 13.73
CA GLY B 215 -5.75 18.45 13.37
C GLY B 215 -6.32 19.83 13.06
N LEU B 216 -5.50 20.88 13.08
CA LEU B 216 -6.00 22.21 12.74
C LEU B 216 -5.33 22.68 11.45
N ILE B 217 -5.98 23.60 10.75
CA ILE B 217 -5.44 24.13 9.49
C ILE B 217 -4.17 24.96 9.74
N TYR B 218 -4.27 26.03 10.55
CA TYR B 218 -3.08 26.81 10.86
C TYR B 218 -2.85 26.94 12.36
N VAL B 219 -3.79 27.57 13.04
CA VAL B 219 -3.63 27.83 14.48
C VAL B 219 -4.93 27.62 15.26
N ASN B 220 -4.83 27.65 16.59
CA ASN B 220 -5.99 27.48 17.47
C ASN B 220 -6.80 28.79 17.53
N PRO B 221 -8.10 28.74 17.15
CA PRO B 221 -8.93 29.95 17.17
C PRO B 221 -9.12 30.60 18.54
N GLU B 222 -8.86 29.84 19.61
CA GLU B 222 -9.04 30.36 20.95
C GLU B 222 -7.78 31.01 21.48
N GLY B 223 -6.67 30.77 20.79
CA GLY B 223 -5.39 31.31 21.19
C GLY B 223 -4.40 30.18 21.40
N PRO B 224 -3.10 30.48 21.53
CA PRO B 224 -2.10 29.42 21.72
C PRO B 224 -2.34 28.65 23.03
N ASP B 225 -2.25 27.33 22.95
CA ASP B 225 -2.47 26.47 24.11
C ASP B 225 -3.84 26.69 24.74
N GLY B 226 -4.77 27.26 23.96
CA GLY B 226 -6.11 27.49 24.47
C GLY B 226 -6.28 28.75 25.30
N ASN B 227 -5.21 29.55 25.38
CA ASN B 227 -5.25 30.81 26.15
C ASN B 227 -5.55 32.01 25.24
N PRO B 228 -6.56 32.81 25.60
CA PRO B 228 -6.95 33.99 24.83
C PRO B 228 -5.91 35.10 24.83
N ASP B 229 -4.72 34.79 24.35
CA ASP B 229 -3.62 35.74 24.27
C ASP B 229 -3.40 36.14 22.80
N PRO B 230 -3.99 37.26 22.38
CA PRO B 230 -3.90 37.78 21.02
C PRO B 230 -2.48 38.05 20.53
N GLU B 231 -1.66 38.66 21.37
CA GLU B 231 -0.28 38.95 21.02
C GLU B 231 0.46 37.66 20.66
N ALA B 232 0.29 36.64 21.49
CA ALA B 232 0.99 35.38 21.26
C ALA B 232 0.39 34.66 20.06
N SER B 233 -0.92 34.80 19.90
CA SER B 233 -1.62 34.18 18.78
C SER B 233 -1.03 34.67 17.46
N ALA B 234 -0.79 35.98 17.38
CA ALA B 234 -0.25 36.57 16.17
C ALA B 234 1.10 35.96 15.77
N LYS B 235 1.89 35.51 16.75
CA LYS B 235 3.18 34.92 16.45
C LYS B 235 3.02 33.60 15.71
N ASN B 236 2.04 32.81 16.13
CA ASN B 236 1.78 31.54 15.48
C ASN B 236 1.09 31.74 14.13
N ILE B 237 0.24 32.75 14.07
CA ILE B 237 -0.45 33.07 12.81
C ILE B 237 0.59 33.45 11.78
N ARG B 238 1.49 34.35 12.17
CA ARG B 238 2.54 34.77 11.26
C ARG B 238 3.42 33.63 10.81
N GLN B 239 3.84 32.76 11.74
CA GLN B 239 4.72 31.68 11.35
C GLN B 239 4.04 30.63 10.47
N THR B 240 2.83 30.24 10.83
CA THR B 240 2.12 29.22 10.06
C THR B 240 1.76 29.72 8.66
N PHE B 241 1.31 30.97 8.55
CA PHE B 241 0.98 31.47 7.22
C PHE B 241 2.24 31.63 6.39
N ASP B 242 3.36 31.97 7.02
CA ASP B 242 4.61 32.10 6.28
C ASP B 242 4.97 30.74 5.70
N ARG B 243 4.73 29.69 6.47
CA ARG B 243 5.03 28.33 6.06
C ARG B 243 4.03 27.86 5.01
N MET B 244 3.03 28.67 4.74
CA MET B 244 2.04 28.36 3.71
C MET B 244 2.16 29.39 2.57
N ALA B 245 3.35 30.00 2.49
CA ALA B 245 3.73 30.99 1.48
C ALA B 245 3.09 32.37 1.50
N MET B 246 2.49 32.76 2.63
CA MET B 246 1.83 34.05 2.72
C MET B 246 2.52 35.05 3.64
N ASN B 247 2.62 36.30 3.19
CA ASN B 247 3.25 37.33 4.02
C ASN B 247 2.20 38.03 4.86
N ASP B 248 2.59 39.05 5.61
CA ASP B 248 1.67 39.77 6.48
C ASP B 248 0.46 40.34 5.77
N LYS B 249 0.69 41.06 4.68
CA LYS B 249 -0.42 41.65 3.95
C LYS B 249 -1.38 40.61 3.37
N GLU B 250 -0.84 39.53 2.81
CA GLU B 250 -1.69 38.47 2.25
C GLU B 250 -2.49 37.77 3.35
N THR B 251 -1.83 37.57 4.50
CA THR B 251 -2.43 36.91 5.66
C THR B 251 -3.59 37.70 6.21
N ALA B 252 -3.35 38.98 6.44
CA ALA B 252 -4.41 39.83 6.94
C ALA B 252 -5.54 39.94 5.92
N ALA B 253 -5.21 40.01 4.64
CA ALA B 253 -6.23 40.13 3.61
C ALA B 253 -7.10 38.87 3.59
N LEU B 254 -6.47 37.71 3.70
CA LEU B 254 -7.21 36.44 3.68
C LEU B 254 -8.12 36.29 4.89
N ILE B 255 -7.58 36.51 6.09
CA ILE B 255 -8.41 36.36 7.28
C ILE B 255 -9.57 37.34 7.31
N ALA B 256 -9.28 38.62 7.06
CA ALA B 256 -10.33 39.62 7.06
C ALA B 256 -11.33 39.41 5.93
N GLY B 257 -10.85 38.98 4.76
CA GLY B 257 -11.77 38.76 3.66
C GLY B 257 -12.68 37.59 3.95
N GLY B 258 -12.09 36.51 4.47
CA GLY B 258 -12.90 35.36 4.80
C GLY B 258 -13.90 35.60 5.91
N HIS B 259 -13.47 36.23 7.00
CA HIS B 259 -14.39 36.44 8.09
C HIS B 259 -15.40 37.57 7.87
N THR B 260 -15.34 38.17 6.68
CA THR B 260 -16.32 39.17 6.30
C THR B 260 -17.62 38.39 6.09
N PHE B 261 -17.52 37.09 5.84
CA PHE B 261 -18.70 36.26 5.58
C PHE B 261 -19.02 35.22 6.65
N GLY B 262 -20.30 34.90 6.79
CA GLY B 262 -20.69 33.84 7.72
C GLY B 262 -20.54 34.03 9.22
N LYS B 263 -20.48 32.90 9.90
CA LYS B 263 -20.42 32.91 11.37
C LYS B 263 -19.75 31.66 11.90
N VAL B 264 -19.49 31.64 13.21
CA VAL B 264 -18.91 30.45 13.84
C VAL B 264 -20.07 29.73 14.56
N HIS B 265 -19.99 28.41 14.70
CA HIS B 265 -21.09 27.66 15.31
C HIS B 265 -20.74 26.93 16.60
N GLY B 266 -21.51 27.21 17.65
CA GLY B 266 -21.24 26.61 18.94
C GLY B 266 -22.41 26.76 19.89
N ALA B 267 -23.58 26.26 19.50
CA ALA B 267 -24.77 26.38 20.34
C ALA B 267 -24.56 25.69 21.69
N ASP B 268 -23.65 24.72 21.72
CA ASP B 268 -23.31 24.00 22.96
C ASP B 268 -21.94 23.34 22.76
N ASP B 269 -21.43 22.71 23.81
CA ASP B 269 -20.12 22.08 23.78
C ASP B 269 -20.05 20.92 22.79
N PRO B 270 -19.15 21.01 21.81
CA PRO B 270 -19.03 19.94 20.80
C PRO B 270 -18.55 18.62 21.39
N GLU B 271 -17.79 18.71 22.47
CA GLU B 271 -17.26 17.52 23.14
C GLU B 271 -18.36 16.60 23.65
N GLU B 272 -19.48 17.18 24.07
CA GLU B 272 -20.59 16.40 24.61
C GLU B 272 -21.86 16.37 23.77
N ASN B 273 -21.88 17.13 22.69
CA ASN B 273 -23.07 17.21 21.86
C ASN B 273 -22.92 16.76 20.41
N LEU B 274 -21.70 16.44 20.01
CA LEU B 274 -21.47 15.98 18.63
C LEU B 274 -21.01 14.55 18.63
N GLY B 275 -21.58 13.77 17.73
CA GLY B 275 -21.20 12.38 17.59
C GLY B 275 -19.81 12.19 16.99
N PRO B 276 -19.40 10.94 16.77
CA PRO B 276 -18.09 10.61 16.21
C PRO B 276 -17.78 11.25 14.86
N GLU B 277 -16.50 11.61 14.67
CA GLU B 277 -16.00 12.18 13.40
C GLU B 277 -16.31 11.11 12.32
N PRO B 278 -16.33 11.50 11.03
CA PRO B 278 -16.64 10.54 9.96
C PRO B 278 -15.96 9.18 9.99
N GLU B 279 -14.65 9.14 10.20
CA GLU B 279 -13.98 7.85 10.19
C GLU B 279 -14.42 6.92 11.31
N ALA B 280 -14.96 7.50 12.37
CA ALA B 280 -15.40 6.69 13.51
C ALA B 280 -16.92 6.53 13.60
N ALA B 281 -17.66 7.15 12.68
CA ALA B 281 -19.12 7.12 12.74
C ALA B 281 -19.78 5.83 12.25
N PRO B 282 -21.01 5.56 12.69
CA PRO B 282 -21.73 4.33 12.27
C PRO B 282 -21.90 4.24 10.77
N ILE B 283 -21.96 3.01 10.27
CA ILE B 283 -22.10 2.81 8.83
C ILE B 283 -23.33 3.52 8.25
N GLU B 284 -24.42 3.61 9.03
CA GLU B 284 -25.66 4.23 8.52
C GLU B 284 -25.53 5.74 8.26
N GLN B 285 -24.48 6.37 8.82
CA GLN B 285 -24.20 7.80 8.61
C GLN B 285 -23.71 8.05 7.18
N GLN B 286 -23.37 6.98 6.49
CA GLN B 286 -22.92 7.05 5.12
C GLN B 286 -21.90 8.16 4.81
N GLY B 287 -20.80 8.13 5.57
CA GLY B 287 -19.71 9.06 5.34
C GLY B 287 -19.78 10.38 6.07
N LEU B 288 -20.91 10.67 6.71
CA LEU B 288 -21.00 11.91 7.46
C LEU B 288 -20.57 11.64 8.89
N GLY B 289 -20.40 12.70 9.65
CA GLY B 289 -19.98 12.54 11.04
C GLY B 289 -20.48 13.70 11.87
N TRP B 290 -20.00 13.79 13.11
CA TRP B 290 -20.38 14.84 14.03
C TRP B 290 -21.91 14.98 14.14
N GLN B 291 -22.60 13.85 14.18
CA GLN B 291 -24.05 13.90 14.29
C GLN B 291 -24.42 14.61 15.59
N ASN B 292 -25.29 15.61 15.48
CA ASN B 292 -25.69 16.40 16.63
C ASN B 292 -26.73 15.62 17.43
N LYS B 293 -26.47 15.44 18.72
CA LYS B 293 -27.42 14.71 19.57
C LYS B 293 -28.81 15.35 19.50
N ASN B 294 -29.68 14.79 18.68
CA ASN B 294 -31.05 15.27 18.49
C ASN B 294 -31.14 16.69 17.90
N GLY B 295 -30.86 16.82 16.61
CA GLY B 295 -30.95 18.12 15.97
C GLY B 295 -29.86 18.49 14.97
N ASN B 296 -29.64 17.63 13.97
CA ASN B 296 -28.63 17.89 12.94
C ASN B 296 -29.27 18.89 11.96
N SER B 297 -30.60 18.83 11.85
CA SER B 297 -31.33 19.73 10.97
C SER B 297 -31.76 20.99 11.74
N LYS B 298 -31.57 20.99 13.05
CA LYS B 298 -31.94 22.14 13.87
C LYS B 298 -30.84 23.21 13.79
N GLY B 299 -30.94 24.09 12.79
CA GLY B 299 -29.95 25.14 12.60
C GLY B 299 -29.69 25.99 13.84
N GLY B 300 -30.75 26.18 14.62
CA GLY B 300 -30.65 26.96 15.84
C GLY B 300 -29.69 26.37 16.84
N GLU B 301 -29.44 25.08 16.74
CA GLU B 301 -28.50 24.46 17.66
C GLU B 301 -27.31 23.84 16.94
N MET B 302 -26.93 24.43 15.80
CA MET B 302 -25.80 23.94 15.03
C MET B 302 -24.50 24.07 15.84
N ILE B 303 -23.65 23.06 15.78
CA ILE B 303 -22.38 23.09 16.50
C ILE B 303 -21.27 22.61 15.59
N THR B 304 -20.19 23.39 15.49
CA THR B 304 -19.05 23.02 14.66
C THR B 304 -17.78 23.21 15.47
N SER B 305 -17.31 24.45 15.61
CA SER B 305 -16.08 24.69 16.36
C SER B 305 -16.31 24.77 17.87
N GLY B 306 -17.52 25.10 18.26
CA GLY B 306 -17.79 25.26 19.69
C GLY B 306 -17.79 26.74 20.03
N ILE B 307 -17.48 27.59 19.04
CA ILE B 307 -17.48 29.05 19.22
C ILE B 307 -18.76 29.52 18.52
N GLU B 308 -19.46 30.51 19.09
CA GLU B 308 -20.73 30.97 18.52
C GLU B 308 -20.85 32.46 18.19
N GLY B 309 -21.38 32.74 17.00
CA GLY B 309 -21.61 34.11 16.60
C GLY B 309 -21.10 34.56 15.25
N PRO B 310 -21.72 35.62 14.67
CA PRO B 310 -21.30 36.16 13.37
C PRO B 310 -20.25 37.24 13.62
N TRP B 311 -19.47 37.56 12.60
CA TRP B 311 -18.46 38.61 12.73
C TRP B 311 -19.05 39.97 12.33
N THR B 312 -19.99 39.94 11.40
CA THR B 312 -20.59 41.16 10.85
C THR B 312 -22.11 41.23 10.84
N GLN B 313 -22.62 42.43 10.54
CA GLN B 313 -24.07 42.66 10.50
C GLN B 313 -24.77 42.01 9.31
N SER B 314 -24.04 41.83 8.21
CA SER B 314 -24.58 41.24 6.99
C SER B 314 -23.61 40.15 6.56
N PRO B 315 -23.67 38.97 7.23
CA PRO B 315 -22.78 37.84 6.94
C PRO B 315 -22.79 37.26 5.54
N THR B 316 -23.72 37.67 4.68
CA THR B 316 -23.75 37.14 3.32
C THR B 316 -23.54 38.23 2.25
N GLU B 317 -22.88 39.32 2.65
CA GLU B 317 -22.60 40.42 1.74
C GLU B 317 -21.16 40.90 1.89
N TRP B 318 -20.49 41.17 0.77
CA TRP B 318 -19.13 41.69 0.84
C TRP B 318 -19.19 43.18 1.22
N ASP B 319 -18.43 43.54 2.24
CA ASP B 319 -18.40 44.92 2.71
C ASP B 319 -17.24 45.07 3.69
N MET B 320 -17.16 46.22 4.35
CA MET B 320 -16.08 46.47 5.29
C MET B 320 -16.48 46.12 6.72
N GLY B 321 -17.58 45.41 6.87
CA GLY B 321 -18.10 45.04 8.18
C GLY B 321 -17.15 44.39 9.15
N TYR B 322 -16.33 43.47 8.66
CA TYR B 322 -15.40 42.81 9.57
C TYR B 322 -14.33 43.78 10.06
N ILE B 323 -13.69 44.48 9.15
CA ILE B 323 -12.64 45.40 9.53
C ILE B 323 -13.19 46.53 10.41
N ASN B 324 -14.40 46.99 10.11
CA ASN B 324 -14.99 48.05 10.92
C ASN B 324 -15.34 47.57 12.32
N ASN B 325 -16.03 46.44 12.43
CA ASN B 325 -16.39 45.92 13.75
C ASN B 325 -15.15 45.63 14.59
N LEU B 326 -14.10 45.12 13.96
CA LEU B 326 -12.88 44.80 14.68
C LEU B 326 -12.13 46.03 15.19
N LEU B 327 -11.87 46.98 14.29
CA LEU B 327 -11.11 48.17 14.63
C LEU B 327 -11.83 49.31 15.34
N ASP B 328 -13.10 49.50 15.05
CA ASP B 328 -13.84 50.62 15.64
C ASP B 328 -14.50 50.34 16.99
N TYR B 329 -14.23 49.18 17.57
CA TYR B 329 -14.81 48.81 18.85
C TYR B 329 -13.81 48.06 19.73
N GLU B 330 -14.02 48.15 21.03
CA GLU B 330 -13.16 47.46 21.99
C GLU B 330 -13.76 46.09 22.27
N TRP B 331 -12.93 45.08 22.42
CA TRP B 331 -13.41 43.74 22.68
C TRP B 331 -12.80 43.14 23.95
N GLU B 332 -13.54 42.24 24.59
CA GLU B 332 -13.07 41.58 25.81
C GLU B 332 -13.30 40.08 25.72
N PRO B 333 -12.36 39.28 26.26
CA PRO B 333 -12.48 37.81 26.24
C PRO B 333 -13.58 37.30 27.16
N GLU B 334 -14.38 36.36 26.65
CA GLU B 334 -15.48 35.80 27.44
C GLU B 334 -15.61 34.32 27.11
N LYS B 335 -16.53 33.67 27.80
CA LYS B 335 -16.78 32.25 27.60
C LYS B 335 -18.09 32.12 26.85
N GLY B 336 -18.03 31.53 25.65
CA GLY B 336 -19.23 31.37 24.86
C GLY B 336 -20.13 30.24 25.32
N PRO B 337 -21.29 30.06 24.66
CA PRO B 337 -22.23 29.00 25.03
C PRO B 337 -21.69 27.60 24.76
N GLY B 338 -20.59 27.52 24.01
CA GLY B 338 -19.96 26.24 23.71
C GLY B 338 -18.75 25.99 24.59
N GLY B 339 -18.55 26.85 25.57
CA GLY B 339 -17.43 26.72 26.48
C GLY B 339 -16.09 27.13 25.90
N ALA B 340 -16.13 27.82 24.76
CA ALA B 340 -14.90 28.25 24.13
C ALA B 340 -14.63 29.74 24.33
N TRP B 341 -13.36 30.11 24.24
CA TRP B 341 -12.99 31.51 24.36
C TRP B 341 -13.38 32.26 23.09
N GLN B 342 -13.99 33.42 23.28
CA GLN B 342 -14.37 34.28 22.16
C GLN B 342 -14.47 35.69 22.71
N TRP B 343 -14.59 36.67 21.82
CA TRP B 343 -14.64 38.04 22.30
C TRP B 343 -15.96 38.75 22.03
N ALA B 344 -16.40 39.56 22.98
CA ALA B 344 -17.65 40.28 22.81
C ALA B 344 -17.37 41.77 22.89
N PRO B 345 -18.22 42.58 22.26
CA PRO B 345 -18.02 44.03 22.29
C PRO B 345 -18.49 44.62 23.63
N LYS B 346 -17.84 45.69 24.05
CA LYS B 346 -18.19 46.36 25.31
C LYS B 346 -19.47 47.15 25.17
N SER B 347 -19.52 48.03 24.19
CA SER B 347 -20.68 48.86 23.95
C SER B 347 -21.88 48.05 23.50
N GLU B 348 -23.07 48.63 23.63
CA GLU B 348 -24.31 47.97 23.24
C GLU B 348 -24.67 48.38 21.82
N GLU B 349 -23.79 49.18 21.22
CA GLU B 349 -23.98 49.67 19.86
C GLU B 349 -24.07 48.52 18.86
N LEU B 350 -23.62 47.34 19.29
CA LEU B 350 -23.64 46.16 18.43
C LEU B 350 -24.56 45.06 18.96
N LYS B 351 -25.13 45.27 20.15
CA LYS B 351 -26.02 44.27 20.72
C LYS B 351 -27.19 43.98 19.78
N ASN B 352 -27.38 42.70 19.47
CA ASN B 352 -28.47 42.28 18.58
C ASN B 352 -28.51 43.08 17.29
N SER B 353 -27.34 43.37 16.74
CA SER B 353 -27.23 44.12 15.50
C SER B 353 -27.17 43.21 14.28
N VAL B 354 -27.33 41.90 14.50
CA VAL B 354 -27.27 40.94 13.40
C VAL B 354 -28.47 39.99 13.47
N PRO B 355 -29.11 39.71 12.33
CA PRO B 355 -30.26 38.80 12.33
C PRO B 355 -29.79 37.38 12.69
N ASP B 356 -30.67 36.60 13.32
CA ASP B 356 -30.33 35.23 13.67
C ASP B 356 -30.24 34.44 12.37
N ALA B 357 -29.26 33.54 12.27
CA ALA B 357 -29.04 32.74 11.07
C ALA B 357 -30.21 31.87 10.70
N HIS B 358 -31.05 31.53 11.67
CA HIS B 358 -32.21 30.69 11.37
C HIS B 358 -33.54 31.19 11.89
N ASP B 359 -33.51 31.96 12.97
CA ASP B 359 -34.73 32.51 13.57
C ASP B 359 -34.94 33.94 13.06
N PRO B 360 -35.96 34.14 12.19
CA PRO B 360 -36.29 35.45 11.62
C PRO B 360 -36.79 36.48 12.63
N ASP B 361 -37.22 36.01 13.79
CA ASP B 361 -37.73 36.90 14.82
C ASP B 361 -36.73 37.10 15.95
N GLU B 362 -35.44 36.88 15.67
CA GLU B 362 -34.43 37.06 16.68
C GLU B 362 -33.16 37.66 16.10
N LYS B 363 -32.36 38.27 16.97
CA LYS B 363 -31.11 38.90 16.56
C LYS B 363 -29.95 38.31 17.35
N GLN B 364 -28.73 38.68 16.97
CA GLN B 364 -27.54 38.20 17.64
C GLN B 364 -26.46 39.27 17.63
N THR B 365 -25.57 39.21 18.62
CA THR B 365 -24.50 40.17 18.75
C THR B 365 -23.21 39.64 18.11
N PRO B 366 -22.50 40.50 17.35
CA PRO B 366 -21.25 40.10 16.68
C PRO B 366 -20.21 39.59 17.68
N MET B 367 -19.27 38.77 17.21
CA MET B 367 -18.20 38.26 18.05
C MET B 367 -16.89 38.24 17.28
N MET B 368 -15.77 38.13 17.99
CA MET B 368 -14.45 38.06 17.36
C MET B 368 -13.67 36.92 17.99
N LEU B 369 -12.78 36.31 17.22
CA LEU B 369 -11.94 35.24 17.72
C LEU B 369 -10.65 35.86 18.23
N THR B 370 -9.93 35.12 19.06
CA THR B 370 -8.67 35.58 19.57
C THR B 370 -7.76 35.87 18.38
N THR B 371 -7.87 35.02 17.36
CA THR B 371 -7.06 35.16 16.15
C THR B 371 -7.46 36.40 15.34
N ASP B 372 -8.66 36.93 15.57
CA ASP B 372 -9.08 38.14 14.87
C ASP B 372 -8.52 39.31 15.66
N ILE B 373 -8.63 39.24 16.98
CA ILE B 373 -8.12 40.32 17.82
C ILE B 373 -6.59 40.42 17.63
N ALA B 374 -5.96 39.29 17.33
CA ALA B 374 -4.52 39.25 17.10
C ALA B 374 -4.12 40.20 15.98
N LEU B 375 -4.99 40.36 14.99
CA LEU B 375 -4.74 41.24 13.84
C LEU B 375 -4.75 42.71 14.24
N LYS B 376 -5.48 43.00 15.30
CA LYS B 376 -5.60 44.36 15.81
C LYS B 376 -4.51 44.69 16.83
N ARG B 377 -4.14 43.71 17.65
CA ARG B 377 -3.11 43.91 18.66
C ARG B 377 -1.71 43.93 18.08
N ASP B 378 -1.41 42.98 17.19
CA ASP B 378 -0.09 42.92 16.59
C ASP B 378 0.20 44.20 15.81
N PRO B 379 1.28 44.92 16.18
CA PRO B 379 1.66 46.17 15.53
C PRO B 379 1.68 46.13 14.01
N ASP B 380 2.36 45.14 13.44
CA ASP B 380 2.46 45.01 11.99
C ASP B 380 1.12 44.71 11.32
N TYR B 381 0.35 43.79 11.88
CA TYR B 381 -0.96 43.46 11.31
C TYR B 381 -1.88 44.66 11.44
N ARG B 382 -1.80 45.35 12.58
CA ARG B 382 -2.65 46.51 12.80
C ARG B 382 -2.46 47.54 11.68
N GLU B 383 -1.20 47.80 11.32
CA GLU B 383 -0.90 48.77 10.27
C GLU B 383 -1.56 48.39 8.95
N VAL B 384 -1.57 47.09 8.66
CA VAL B 384 -2.21 46.63 7.42
C VAL B 384 -3.71 46.83 7.48
N MET B 385 -4.32 46.43 8.60
CA MET B 385 -5.77 46.56 8.74
C MET B 385 -6.23 48.01 8.70
N GLU B 386 -5.42 48.89 9.27
CA GLU B 386 -5.73 50.31 9.29
C GLU B 386 -5.77 50.81 7.86
N THR B 387 -4.76 50.46 7.09
CA THR B 387 -4.67 50.86 5.69
C THR B 387 -5.85 50.30 4.90
N PHE B 388 -6.18 49.03 5.13
CA PHE B 388 -7.31 48.43 4.45
C PHE B 388 -8.59 49.21 4.74
N GLN B 389 -8.84 49.52 6.01
CA GLN B 389 -10.04 50.25 6.40
C GLN B 389 -10.12 51.61 5.70
N GLU B 390 -8.98 52.27 5.60
CA GLU B 390 -8.88 53.58 4.95
C GLU B 390 -9.02 53.45 3.43
N ASN B 391 -8.68 52.27 2.91
CA ASN B 391 -8.73 52.05 1.46
C ASN B 391 -9.40 50.73 1.10
N PRO B 392 -10.74 50.70 1.10
CA PRO B 392 -11.47 49.47 0.76
C PRO B 392 -11.05 48.86 -0.56
N MET B 393 -10.65 49.70 -1.51
CA MET B 393 -10.23 49.22 -2.83
C MET B 393 -8.98 48.37 -2.74
N GLU B 394 -8.06 48.78 -1.88
CA GLU B 394 -6.79 48.10 -1.66
C GLU B 394 -7.07 46.77 -0.93
N PHE B 395 -8.03 46.81 -0.01
CA PHE B 395 -8.40 45.60 0.71
C PHE B 395 -8.87 44.56 -0.31
N GLY B 396 -9.78 44.98 -1.20
CA GLY B 396 -10.30 44.07 -2.21
C GLY B 396 -9.24 43.52 -3.13
N MET B 397 -8.38 44.40 -3.63
CA MET B 397 -7.30 43.97 -4.51
C MET B 397 -6.44 42.91 -3.86
N ASN B 398 -6.04 43.15 -2.62
CA ASN B 398 -5.21 42.18 -1.92
C ASN B 398 -5.92 40.88 -1.63
N PHE B 399 -7.18 40.94 -1.21
CA PHE B 399 -7.91 39.70 -0.94
C PHE B 399 -8.11 38.89 -2.22
N ALA B 400 -8.48 39.55 -3.31
CA ALA B 400 -8.70 38.80 -4.55
C ALA B 400 -7.43 38.08 -4.97
N LYS B 401 -6.31 38.80 -5.00
CA LYS B 401 -5.07 38.15 -5.42
C LYS B 401 -4.62 37.06 -4.46
N ALA B 402 -4.81 37.27 -3.15
CA ALA B 402 -4.39 36.27 -2.18
C ALA B 402 -5.24 35.02 -2.27
N TRP B 403 -6.54 35.20 -2.49
CA TRP B 403 -7.44 34.06 -2.60
C TRP B 403 -7.07 33.22 -3.81
N TYR B 404 -6.75 33.89 -4.91
CA TYR B 404 -6.34 33.18 -6.11
C TYR B 404 -5.03 32.42 -5.83
N LYS B 405 -4.08 33.07 -5.17
CA LYS B 405 -2.81 32.42 -4.86
C LYS B 405 -3.03 31.19 -3.95
N LEU B 406 -3.74 31.41 -2.85
CA LEU B 406 -4.05 30.34 -1.89
C LEU B 406 -4.60 29.07 -2.58
N THR B 407 -5.57 29.27 -3.46
CA THR B 407 -6.24 28.18 -4.14
C THR B 407 -5.56 27.63 -5.38
N HIS B 408 -4.45 28.21 -5.81
CA HIS B 408 -3.75 27.73 -7.01
C HIS B 408 -2.24 27.50 -6.84
N LEU B 409 -1.69 27.82 -5.66
CA LEU B 409 -0.24 27.69 -5.48
C LEU B 409 0.37 26.29 -5.63
N ASP B 410 -0.45 25.24 -5.55
CA ASP B 410 0.13 23.91 -5.70
C ASP B 410 -0.16 23.29 -7.05
N MET B 411 -0.59 24.11 -8.01
CA MET B 411 -0.92 23.59 -9.34
C MET B 411 0.23 23.62 -10.34
N GLY B 412 1.34 24.21 -9.94
CA GLY B 412 2.50 24.25 -10.82
C GLY B 412 2.56 25.41 -11.80
N PRO B 413 3.29 25.24 -12.90
CA PRO B 413 3.47 26.25 -13.97
C PRO B 413 2.20 26.62 -14.71
N PRO B 414 2.20 27.80 -15.35
CA PRO B 414 1.05 28.30 -16.12
C PRO B 414 0.44 27.29 -17.10
N GLU B 415 1.26 26.44 -17.69
CA GLU B 415 0.76 25.45 -18.65
C GLU B 415 -0.28 24.49 -18.05
N ARG B 416 -0.29 24.35 -16.73
CA ARG B 416 -1.24 23.47 -16.04
C ARG B 416 -2.57 24.13 -15.67
N PHE B 417 -2.65 25.46 -15.85
CA PHE B 417 -3.88 26.20 -15.53
C PHE B 417 -4.85 26.15 -16.70
N LEU B 418 -5.99 25.50 -16.51
CA LEU B 418 -6.97 25.31 -17.60
C LEU B 418 -8.25 26.10 -17.51
N GLY B 419 -8.89 26.31 -18.66
CA GLY B 419 -10.16 27.01 -18.64
C GLY B 419 -10.22 28.45 -19.08
N PRO B 420 -11.45 28.95 -19.29
CA PRO B 420 -11.70 30.31 -19.72
C PRO B 420 -11.58 31.40 -18.66
N GLU B 421 -11.43 31.02 -17.39
CA GLU B 421 -11.31 32.03 -16.36
C GLU B 421 -9.87 32.25 -15.88
N VAL B 422 -8.91 31.66 -16.57
CA VAL B 422 -7.52 31.82 -16.20
C VAL B 422 -7.09 33.24 -16.57
N PRO B 423 -6.53 33.97 -15.60
CA PRO B 423 -6.06 35.34 -15.84
C PRO B 423 -5.00 35.36 -16.92
N ASP B 424 -4.87 36.50 -17.58
CA ASP B 424 -3.86 36.63 -18.61
C ASP B 424 -2.52 36.87 -17.91
N GLU B 425 -2.58 37.49 -16.75
CA GLU B 425 -1.37 37.79 -15.99
C GLU B 425 -0.80 36.53 -15.31
N GLU B 426 0.48 36.25 -15.51
CA GLU B 426 1.09 35.10 -14.84
C GLU B 426 1.71 35.63 -13.55
N MET B 427 1.55 34.88 -12.47
CA MET B 427 2.07 35.30 -11.17
C MET B 427 3.43 34.68 -10.89
N ILE B 428 4.23 35.40 -10.11
CA ILE B 428 5.57 34.93 -9.76
C ILE B 428 5.57 33.59 -9.06
N TRP B 429 4.55 33.33 -8.25
CA TRP B 429 4.49 32.05 -7.53
C TRP B 429 4.20 30.86 -8.43
N GLN B 430 3.98 31.12 -9.72
CA GLN B 430 3.77 30.06 -10.69
C GLN B 430 5.13 29.68 -11.30
N ASP B 431 6.21 30.33 -10.87
CA ASP B 431 7.57 30.07 -11.40
C ASP B 431 7.51 29.97 -12.94
N PRO B 432 6.93 30.99 -13.59
CA PRO B 432 6.79 31.01 -15.05
C PRO B 432 8.06 30.88 -15.88
N LEU B 433 7.89 30.31 -17.07
CA LEU B 433 8.98 30.12 -18.01
C LEU B 433 8.73 30.98 -19.23
N PRO B 434 9.80 31.56 -19.80
CA PRO B 434 9.68 32.41 -21.00
C PRO B 434 9.44 31.59 -22.26
N ASP B 435 9.04 32.26 -23.34
CA ASP B 435 8.82 31.56 -24.60
C ASP B 435 10.16 31.54 -25.33
N ALA B 436 10.36 30.55 -26.20
CA ALA B 436 11.60 30.45 -26.95
C ALA B 436 11.45 31.26 -28.25
N ASP B 437 12.15 32.39 -28.33
CA ASP B 437 12.10 33.24 -29.52
C ASP B 437 13.13 32.76 -30.55
N TYR B 438 13.08 31.48 -30.89
CA TYR B 438 13.98 30.88 -31.86
C TYR B 438 13.50 29.49 -32.25
N ASP B 439 14.11 28.90 -33.27
CA ASP B 439 13.74 27.57 -33.74
C ASP B 439 14.43 26.47 -32.94
N LEU B 440 13.76 25.36 -32.70
CA LEU B 440 14.35 24.28 -31.91
C LEU B 440 15.29 23.40 -32.71
N ILE B 441 16.32 22.88 -32.06
CA ILE B 441 17.28 22.03 -32.74
C ILE B 441 16.64 20.72 -33.19
N GLY B 442 17.23 20.10 -34.21
CA GLY B 442 16.73 18.84 -34.73
C GLY B 442 17.64 17.68 -34.37
N ASP B 443 17.36 16.50 -34.93
CA ASP B 443 18.16 15.31 -34.63
C ASP B 443 19.63 15.47 -34.96
N GLU B 444 19.92 16.08 -36.10
CA GLU B 444 21.30 16.28 -36.53
C GLU B 444 22.03 17.14 -35.51
N GLU B 445 21.38 18.24 -35.11
CA GLU B 445 21.95 19.17 -34.14
C GLU B 445 22.13 18.49 -32.79
N ILE B 446 21.13 17.72 -32.39
CA ILE B 446 21.23 17.03 -31.11
C ILE B 446 22.47 16.13 -31.08
N ALA B 447 22.69 15.37 -32.15
CA ALA B 447 23.85 14.47 -32.20
C ALA B 447 25.17 15.25 -32.16
N GLU B 448 25.19 16.37 -32.86
CA GLU B 448 26.37 17.24 -32.92
C GLU B 448 26.71 17.80 -31.53
N LEU B 449 25.69 18.30 -30.84
CA LEU B 449 25.91 18.85 -29.51
C LEU B 449 26.34 17.78 -28.52
N LYS B 450 25.81 16.57 -28.71
CA LYS B 450 26.15 15.44 -27.87
C LYS B 450 27.65 15.14 -27.94
N GLU B 451 28.18 15.07 -29.16
CA GLU B 451 29.59 14.76 -29.36
C GLU B 451 30.47 15.89 -28.85
N GLU B 452 30.02 17.12 -29.06
CA GLU B 452 30.79 18.29 -28.64
C GLU B 452 30.89 18.38 -27.11
N ILE B 453 29.80 18.08 -26.41
CA ILE B 453 29.84 18.10 -24.96
C ILE B 453 30.77 17.01 -24.44
N LEU B 454 30.68 15.82 -25.01
CA LEU B 454 31.53 14.71 -24.56
C LEU B 454 33.01 14.94 -24.88
N ASP B 455 33.29 15.72 -25.91
CA ASP B 455 34.68 15.98 -26.29
C ASP B 455 35.27 17.17 -25.54
N SER B 456 34.48 17.77 -24.66
CA SER B 456 34.93 18.91 -23.88
C SER B 456 35.82 18.42 -22.72
N ASP B 457 36.20 19.34 -21.84
CA ASP B 457 37.02 19.01 -20.68
C ASP B 457 36.18 18.49 -19.53
N LEU B 458 34.89 18.30 -19.79
CA LEU B 458 33.96 17.81 -18.76
C LEU B 458 33.96 16.28 -18.74
N SER B 459 33.95 15.71 -17.54
CA SER B 459 33.95 14.27 -17.39
C SER B 459 32.52 13.76 -17.33
N VAL B 460 32.37 12.44 -17.46
CA VAL B 460 31.05 11.80 -17.38
C VAL B 460 30.44 12.14 -16.01
N SER B 461 31.24 12.05 -14.95
CA SER B 461 30.73 12.32 -13.61
C SER B 461 30.24 13.75 -13.46
N GLN B 462 31.00 14.70 -14.01
CA GLN B 462 30.63 16.10 -13.95
C GLN B 462 29.28 16.35 -14.65
N LEU B 463 29.13 15.77 -15.84
CA LEU B 463 27.92 15.92 -16.63
C LEU B 463 26.70 15.29 -15.97
N VAL B 464 26.87 14.12 -15.37
CA VAL B 464 25.75 13.43 -14.70
C VAL B 464 25.35 14.24 -13.47
N LYS B 465 26.35 14.69 -12.71
CA LYS B 465 26.11 15.44 -11.49
C LYS B 465 25.36 16.74 -11.78
N THR B 466 25.77 17.45 -12.81
CA THR B 466 25.11 18.70 -13.14
C THR B 466 23.69 18.50 -13.64
N ALA B 467 23.45 17.48 -14.47
CA ALA B 467 22.10 17.23 -14.97
C ALA B 467 21.21 16.83 -13.79
N TRP B 468 21.74 16.03 -12.87
CA TRP B 468 20.95 15.64 -11.70
C TRP B 468 20.63 16.86 -10.82
N ALA B 469 21.62 17.72 -10.61
CA ALA B 469 21.43 18.91 -9.81
C ALA B 469 20.29 19.76 -10.39
N SER B 470 20.20 19.78 -11.71
CA SER B 470 19.17 20.58 -12.38
C SER B 470 17.76 20.00 -12.25
N ALA B 471 17.63 18.71 -12.54
CA ALA B 471 16.33 18.03 -12.51
C ALA B 471 15.81 17.60 -11.16
N SER B 472 16.73 17.29 -10.25
CA SER B 472 16.33 16.76 -8.94
C SER B 472 15.54 17.63 -8.01
N THR B 473 15.37 18.91 -8.34
CA THR B 473 14.62 19.81 -7.50
C THR B 473 13.10 19.64 -7.70
N TYR B 474 12.71 18.94 -8.76
CA TYR B 474 11.29 18.73 -9.02
C TYR B 474 10.57 17.99 -7.90
N ARG B 475 9.35 18.43 -7.59
CA ARG B 475 8.57 17.69 -6.61
C ARG B 475 7.14 17.60 -7.13
N ASP B 476 6.65 16.36 -7.19
CA ASP B 476 5.32 16.14 -7.70
C ASP B 476 4.21 16.67 -6.82
N SER B 477 4.53 16.95 -5.56
CA SER B 477 3.55 17.47 -4.63
C SER B 477 2.92 18.77 -5.13
N ASP B 478 3.76 19.78 -5.40
CA ASP B 478 3.22 21.04 -5.90
C ASP B 478 3.74 21.41 -7.28
N LYS B 479 4.34 20.43 -7.96
CA LYS B 479 4.82 20.61 -9.33
C LYS B 479 5.83 21.74 -9.50
N ARG B 480 6.65 21.99 -8.48
CA ARG B 480 7.66 23.02 -8.55
C ARG B 480 9.00 22.37 -8.82
N GLY B 481 9.92 23.16 -9.37
CA GLY B 481 11.27 22.66 -9.66
C GLY B 481 11.44 21.93 -10.97
N GLY B 482 12.63 21.37 -11.15
CA GLY B 482 12.91 20.63 -12.38
C GLY B 482 13.96 21.32 -13.23
N ALA B 483 14.33 20.65 -14.31
CA ALA B 483 15.36 21.15 -15.21
C ALA B 483 14.91 22.24 -16.19
N ASN B 484 13.61 22.34 -16.47
CA ASN B 484 13.20 23.38 -17.40
C ASN B 484 13.37 24.75 -16.76
N GLY B 485 14.05 25.65 -17.47
CA GLY B 485 14.27 26.97 -16.91
C GLY B 485 15.70 27.22 -16.48
N ALA B 486 16.45 26.13 -16.28
CA ALA B 486 17.84 26.18 -15.85
C ALA B 486 18.03 27.13 -14.67
N ARG B 487 17.12 27.04 -13.71
CA ARG B 487 17.22 27.87 -12.53
C ARG B 487 18.41 27.44 -11.66
N LEU B 488 19.00 26.30 -12.00
CA LEU B 488 20.19 25.83 -11.30
C LEU B 488 21.29 26.90 -11.37
N ARG B 489 21.32 27.65 -12.48
CA ARG B 489 22.36 28.69 -12.66
C ARG B 489 22.05 30.01 -11.98
N LEU B 490 20.86 30.12 -11.38
CA LEU B 490 20.44 31.34 -10.73
C LEU B 490 20.42 31.19 -9.21
N GLU B 491 20.23 32.31 -8.51
CA GLU B 491 20.13 32.25 -7.06
C GLU B 491 18.77 31.61 -6.79
N PRO B 492 18.67 30.79 -5.74
CA PRO B 492 19.75 30.52 -4.80
C PRO B 492 20.47 29.20 -5.13
N GLN B 493 19.92 28.44 -6.06
CA GLN B 493 20.54 27.14 -6.38
C GLN B 493 22.03 27.19 -6.75
N LYS B 494 22.44 28.23 -7.46
CA LYS B 494 23.85 28.33 -7.88
C LYS B 494 24.81 28.32 -6.70
N ASN B 495 24.31 28.69 -5.53
CA ASN B 495 25.16 28.73 -4.34
C ASN B 495 24.83 27.69 -3.27
N TRP B 496 23.95 26.74 -3.56
CA TRP B 496 23.65 25.71 -2.58
C TRP B 496 24.90 24.85 -2.38
N GLU B 497 25.20 24.54 -1.14
CA GLU B 497 26.35 23.70 -0.82
C GLU B 497 26.34 22.39 -1.59
N VAL B 498 25.18 21.74 -1.63
CA VAL B 498 25.08 20.45 -2.31
C VAL B 498 25.45 20.54 -3.78
N ASN B 499 25.25 21.71 -4.39
CA ASN B 499 25.57 21.85 -5.80
C ASN B 499 27.04 22.22 -6.05
N GLU B 500 27.82 22.37 -4.99
CA GLU B 500 29.25 22.71 -5.10
C GLU B 500 29.45 23.91 -6.03
N PRO B 501 29.05 25.10 -5.58
CA PRO B 501 29.14 26.35 -6.33
C PRO B 501 30.33 26.54 -7.26
N GLU B 502 31.53 26.36 -6.74
CA GLU B 502 32.74 26.53 -7.52
C GLU B 502 32.81 25.55 -8.68
N GLN B 503 32.50 24.28 -8.40
CA GLN B 503 32.53 23.24 -9.42
C GLN B 503 31.45 23.53 -10.45
N LEU B 504 30.25 23.85 -9.98
CA LEU B 504 29.14 24.15 -10.87
C LEU B 504 29.48 25.25 -11.86
N GLU B 505 30.13 26.30 -11.38
CA GLU B 505 30.52 27.42 -12.22
C GLU B 505 31.36 26.95 -13.40
N THR B 506 32.32 26.07 -13.12
CA THR B 506 33.21 25.54 -14.13
C THR B 506 32.44 24.80 -15.20
N VAL B 507 31.54 23.92 -14.78
CA VAL B 507 30.73 23.16 -15.72
C VAL B 507 29.84 24.07 -16.55
N LEU B 508 29.12 24.97 -15.89
CA LEU B 508 28.22 25.86 -16.61
C LEU B 508 28.94 26.72 -17.62
N GLY B 509 30.15 27.17 -17.28
CA GLY B 509 30.90 28.02 -18.19
C GLY B 509 31.26 27.25 -19.44
N THR B 510 31.63 25.98 -19.28
CA THR B 510 31.97 25.16 -20.43
C THR B 510 30.72 24.94 -21.30
N LEU B 511 29.57 24.66 -20.68
CA LEU B 511 28.36 24.47 -21.45
C LEU B 511 27.91 25.76 -22.13
N GLU B 512 28.07 26.88 -21.44
CA GLU B 512 27.70 28.19 -22.01
C GLU B 512 28.57 28.47 -23.24
N ASN B 513 29.84 28.08 -23.18
CA ASN B 513 30.75 28.29 -24.31
C ASN B 513 30.27 27.46 -25.52
N ILE B 514 29.79 26.25 -25.26
CA ILE B 514 29.27 25.38 -26.33
C ILE B 514 28.02 26.02 -26.92
N GLN B 515 27.16 26.53 -26.04
CA GLN B 515 25.91 27.17 -26.45
C GLN B 515 26.24 28.33 -27.37
N THR B 516 27.21 29.16 -26.96
CA THR B 516 27.63 30.32 -27.75
C THR B 516 28.14 29.92 -29.12
N GLU B 517 29.02 28.93 -29.16
CA GLU B 517 29.59 28.47 -30.43
C GLU B 517 28.51 27.85 -31.32
N PHE B 518 27.57 27.13 -30.72
CA PHE B 518 26.50 26.54 -31.49
C PHE B 518 25.60 27.63 -32.09
N ASN B 519 25.15 28.54 -31.25
CA ASN B 519 24.28 29.63 -31.69
C ASN B 519 24.93 30.51 -32.77
N ASP B 520 26.22 30.81 -32.62
CA ASP B 520 26.88 31.66 -33.62
C ASP B 520 27.17 30.97 -34.95
N SER B 521 27.19 29.63 -34.93
CA SER B 521 27.45 28.84 -36.14
C SER B 521 26.20 28.59 -36.98
N ARG B 522 25.05 28.99 -36.47
CA ARG B 522 23.79 28.80 -37.19
C ARG B 522 23.40 29.97 -38.10
N SER B 523 22.70 29.65 -39.18
CA SER B 523 22.27 30.69 -40.11
C SER B 523 20.82 30.50 -40.49
N ASP B 524 20.01 29.99 -39.57
CA ASP B 524 18.60 29.73 -39.86
C ASP B 524 17.67 30.02 -38.69
N GLY B 525 18.15 30.76 -37.70
CA GLY B 525 17.31 31.09 -36.58
C GLY B 525 17.32 30.06 -35.46
N THR B 526 17.96 28.92 -35.69
CA THR B 526 18.03 27.87 -34.67
C THR B 526 18.96 28.24 -33.50
N GLN B 527 18.54 27.96 -32.27
CA GLN B 527 19.36 28.20 -31.08
C GLN B 527 19.11 27.07 -30.10
N VAL B 528 19.97 26.97 -29.08
CA VAL B 528 19.84 25.98 -28.02
C VAL B 528 19.93 26.68 -26.66
N SER B 529 19.12 26.23 -25.72
CA SER B 529 19.13 26.80 -24.39
C SER B 529 20.13 26.06 -23.53
N LEU B 530 20.56 26.71 -22.46
CA LEU B 530 21.49 26.09 -21.52
C LEU B 530 20.70 24.99 -20.80
N ALA B 531 19.39 25.19 -20.64
CA ALA B 531 18.57 24.18 -19.98
C ALA B 531 18.66 22.87 -20.74
N ASP B 532 18.49 22.91 -22.06
CA ASP B 532 18.58 21.67 -22.84
C ASP B 532 19.99 21.11 -22.86
N LEU B 533 21.02 21.95 -22.97
CA LEU B 533 22.38 21.42 -22.97
C LEU B 533 22.73 20.70 -21.67
N ILE B 534 22.24 21.18 -20.54
CA ILE B 534 22.52 20.53 -19.25
C ILE B 534 21.97 19.11 -19.27
N VAL B 535 20.71 18.99 -19.70
CA VAL B 535 20.09 17.69 -19.76
C VAL B 535 20.71 16.82 -20.84
N LEU B 536 20.96 17.42 -22.00
CA LEU B 536 21.56 16.65 -23.09
C LEU B 536 22.95 16.15 -22.70
N GLY B 537 23.70 16.97 -21.95
CA GLY B 537 25.02 16.56 -21.50
C GLY B 537 24.91 15.36 -20.55
N GLY B 538 23.95 15.41 -19.64
CA GLY B 538 23.72 14.30 -18.72
C GLY B 538 23.40 13.05 -19.49
N ASN B 539 22.49 13.15 -20.46
CA ASN B 539 22.12 12.01 -21.27
C ASN B 539 23.32 11.44 -22.02
N ALA B 540 24.13 12.33 -22.61
CA ALA B 540 25.29 11.86 -23.36
C ALA B 540 26.23 11.12 -22.46
N ALA B 541 26.41 11.63 -21.25
CA ALA B 541 27.30 11.00 -20.29
C ALA B 541 26.80 9.62 -19.86
N VAL B 542 25.48 9.47 -19.73
CA VAL B 542 24.94 8.16 -19.33
C VAL B 542 25.12 7.17 -20.48
N GLU B 543 24.87 7.63 -21.70
CA GLU B 543 25.05 6.77 -22.86
C GLU B 543 26.51 6.34 -22.93
N GLN B 544 27.42 7.26 -22.64
CA GLN B 544 28.85 6.95 -22.68
C GLN B 544 29.23 5.91 -21.62
N ALA B 545 28.70 6.09 -20.41
CA ALA B 545 29.01 5.15 -19.33
C ALA B 545 28.50 3.78 -19.71
N ALA B 546 27.32 3.72 -20.35
CA ALA B 546 26.77 2.43 -20.75
C ALA B 546 27.67 1.85 -21.85
N ALA B 547 28.08 2.69 -22.80
CA ALA B 547 28.95 2.24 -23.88
C ALA B 547 30.24 1.64 -23.33
N ASN B 548 30.78 2.25 -22.28
CA ASN B 548 32.01 1.74 -21.67
C ASN B 548 31.83 0.33 -21.12
N ALA B 549 30.59 0.00 -20.78
CA ALA B 549 30.26 -1.33 -20.24
C ALA B 549 29.84 -2.29 -21.33
N GLY B 550 29.82 -1.81 -22.58
CA GLY B 550 29.44 -2.66 -23.70
C GLY B 550 27.98 -2.66 -24.10
N TYR B 551 27.22 -1.68 -23.62
CA TYR B 551 25.80 -1.58 -23.95
C TYR B 551 25.49 -0.34 -24.76
N ASP B 552 24.76 -0.53 -25.86
CA ASP B 552 24.37 0.56 -26.73
C ASP B 552 22.98 1.03 -26.36
N VAL B 553 22.92 2.19 -25.71
CA VAL B 553 21.65 2.75 -25.30
C VAL B 553 21.45 4.13 -25.88
N GLU B 554 20.22 4.44 -26.25
CA GLU B 554 19.89 5.74 -26.82
C GLU B 554 18.74 6.29 -25.97
N ILE B 555 19.07 7.27 -25.12
CA ILE B 555 18.06 7.86 -24.25
C ILE B 555 17.19 8.86 -25.02
N PRO B 556 15.86 8.74 -24.89
CA PRO B 556 15.01 9.68 -25.59
C PRO B 556 15.25 11.10 -25.07
N PHE B 557 15.33 12.06 -25.99
CA PHE B 557 15.58 13.45 -25.61
C PHE B 557 14.48 14.35 -26.12
N GLU B 558 13.97 15.21 -25.24
CA GLU B 558 12.89 16.14 -25.58
C GLU B 558 13.41 17.58 -25.57
N PRO B 559 13.69 18.15 -26.75
CA PRO B 559 14.20 19.52 -26.84
C PRO B 559 13.08 20.52 -26.60
N GLY B 560 13.43 21.72 -26.14
CA GLY B 560 12.41 22.72 -25.92
C GLY B 560 12.48 23.42 -24.58
N ARG B 561 13.36 22.97 -23.70
CA ARG B 561 13.47 23.62 -22.41
C ARG B 561 14.01 25.03 -22.65
N VAL B 562 13.61 25.96 -21.80
CA VAL B 562 14.05 27.34 -21.95
C VAL B 562 14.85 27.78 -20.75
N ASP B 563 15.49 28.95 -20.86
CA ASP B 563 16.28 29.47 -19.75
C ASP B 563 15.52 30.60 -19.07
N ALA B 564 15.11 30.38 -17.83
CA ALA B 564 14.36 31.41 -17.09
C ALA B 564 15.32 32.44 -16.50
N GLY B 565 14.84 33.67 -16.33
CA GLY B 565 15.68 34.72 -15.77
C GLY B 565 15.40 35.04 -14.31
N PRO B 566 16.25 35.87 -13.68
CA PRO B 566 16.07 36.26 -12.28
C PRO B 566 14.80 37.06 -12.04
N GLU B 567 14.40 37.83 -13.04
CA GLU B 567 13.22 38.67 -12.92
C GLU B 567 11.96 37.87 -12.65
N HIS B 568 11.90 36.66 -13.22
CA HIS B 568 10.74 35.78 -13.04
C HIS B 568 11.02 34.61 -12.10
N THR B 569 11.89 34.82 -11.11
CA THR B 569 12.24 33.79 -10.14
C THR B 569 12.24 34.40 -8.75
N ASP B 570 11.39 33.88 -7.86
CA ASP B 570 11.31 34.36 -6.48
C ASP B 570 12.37 33.52 -5.76
N ALA B 571 13.60 34.00 -5.73
CA ALA B 571 14.71 33.26 -5.14
C ALA B 571 14.44 32.69 -3.75
N PRO B 572 13.96 33.53 -2.82
CA PRO B 572 13.68 33.06 -1.46
C PRO B 572 12.73 31.85 -1.42
N SER B 573 11.75 31.82 -2.32
CA SER B 573 10.80 30.70 -2.35
C SER B 573 11.42 29.37 -2.81
N PHE B 574 12.56 29.42 -3.49
CA PHE B 574 13.20 28.18 -3.92
C PHE B 574 14.01 27.51 -2.79
N ASP B 575 14.20 28.22 -1.69
CA ASP B 575 14.95 27.62 -0.58
C ASP B 575 14.24 26.36 -0.09
N ALA B 576 12.93 26.31 -0.25
CA ALA B 576 12.16 25.15 0.19
C ALA B 576 12.51 23.88 -0.60
N LEU B 577 13.12 24.06 -1.77
CA LEU B 577 13.49 22.92 -2.60
C LEU B 577 14.90 22.42 -2.30
N LYS B 578 15.61 23.10 -1.40
CA LYS B 578 16.98 22.74 -1.03
C LYS B 578 16.97 21.41 -0.32
N PRO B 579 17.70 20.42 -0.86
CA PRO B 579 17.80 19.07 -0.30
C PRO B 579 18.65 19.02 0.96
N LYS B 580 18.26 18.16 1.90
CA LYS B 580 19.02 17.98 3.13
C LYS B 580 19.82 16.68 2.89
N VAL B 581 19.30 15.84 2.03
CA VAL B 581 19.94 14.59 1.70
C VAL B 581 19.80 14.40 0.19
N ASP B 582 20.84 13.90 -0.47
CA ASP B 582 20.76 13.63 -1.90
C ASP B 582 21.42 12.28 -2.16
N GLY B 583 20.59 11.29 -2.45
CA GLY B 583 21.10 9.94 -2.67
C GLY B 583 21.99 9.74 -3.86
N VAL B 584 21.65 10.34 -4.99
CA VAL B 584 22.45 10.19 -6.20
C VAL B 584 23.86 10.73 -5.98
N ARG B 585 23.96 11.81 -5.21
CA ARG B 585 25.26 12.44 -4.94
C ARG B 585 25.85 12.05 -3.59
N ASN B 586 25.17 11.17 -2.87
CA ASN B 586 25.61 10.71 -1.56
C ASN B 586 25.96 11.91 -0.68
N TYR B 587 25.01 12.85 -0.61
CA TYR B 587 25.17 14.04 0.20
C TYR B 587 24.24 13.93 1.40
N ILE B 588 24.77 14.17 2.60
CA ILE B 588 23.99 14.12 3.83
C ILE B 588 24.30 15.35 4.68
N GLN B 589 23.35 16.26 4.78
CA GLN B 589 23.54 17.47 5.56
C GLN B 589 23.80 17.06 7.00
N ASP B 590 24.86 17.61 7.59
CA ASP B 590 25.22 17.26 8.96
C ASP B 590 24.43 18.07 9.96
N ASP B 591 23.17 17.70 10.12
CA ASP B 591 22.27 18.39 11.04
C ASP B 591 20.87 17.77 11.00
N ILE B 592 20.65 16.86 10.05
CA ILE B 592 19.33 16.24 9.92
C ILE B 592 18.95 15.45 11.16
N THR B 593 17.66 15.43 11.47
CA THR B 593 17.17 14.72 12.63
C THR B 593 16.87 13.25 12.31
N ARG B 594 16.08 13.02 11.27
CA ARG B 594 15.73 11.66 10.88
C ARG B 594 16.92 10.91 10.29
N PRO B 595 16.87 9.56 10.27
CA PRO B 595 17.96 8.77 9.71
C PRO B 595 18.03 9.14 8.22
N ALA B 596 19.24 9.14 7.65
CA ALA B 596 19.42 9.53 6.26
C ALA B 596 18.51 8.78 5.29
N GLU B 597 18.32 7.48 5.52
CA GLU B 597 17.49 6.70 4.60
C GLU B 597 16.02 7.10 4.61
N GLU B 598 15.54 7.63 5.72
CA GLU B 598 14.15 8.07 5.79
C GLU B 598 13.99 9.29 4.92
N VAL B 599 14.99 10.17 4.93
CA VAL B 599 14.93 11.38 4.10
C VAL B 599 15.00 10.95 2.64
N LEU B 600 15.87 9.98 2.34
CA LEU B 600 16.05 9.45 1.00
C LEU B 600 14.69 8.99 0.43
N VAL B 601 13.95 8.24 1.24
CA VAL B 601 12.64 7.76 0.78
C VAL B 601 11.65 8.92 0.56
N ASP B 602 11.65 9.88 1.48
CA ASP B 602 10.77 11.05 1.39
C ASP B 602 11.06 11.79 0.08
N ASN B 603 12.35 11.99 -0.20
CA ASN B 603 12.73 12.69 -1.43
C ASN B 603 12.40 11.86 -2.66
N ALA B 604 12.57 10.54 -2.56
CA ALA B 604 12.29 9.70 -3.72
C ALA B 604 10.81 9.81 -4.09
N ASP B 605 9.97 9.96 -3.08
CA ASP B 605 8.53 10.10 -3.33
C ASP B 605 8.23 11.35 -4.15
N LEU B 606 8.95 12.42 -3.85
CA LEU B 606 8.72 13.67 -4.59
C LEU B 606 9.07 13.52 -6.06
N LEU B 607 9.95 12.57 -6.40
CA LEU B 607 10.33 12.33 -7.79
C LEU B 607 9.45 11.22 -8.38
N ASN B 608 8.40 10.84 -7.66
CA ASN B 608 7.46 9.81 -8.11
C ASN B 608 8.11 8.45 -8.33
N LEU B 609 9.19 8.18 -7.61
CA LEU B 609 9.90 6.91 -7.79
C LEU B 609 9.34 5.76 -6.95
N THR B 610 9.38 4.55 -7.50
CA THR B 610 9.01 3.35 -6.77
C THR B 610 10.31 2.85 -6.10
N ALA B 611 10.19 1.89 -5.19
CA ALA B 611 11.36 1.33 -4.50
C ALA B 611 12.32 0.73 -5.51
N SER B 612 11.78 0.06 -6.55
CA SER B 612 12.65 -0.56 -7.55
C SER B 612 13.37 0.48 -8.39
N GLU B 613 12.68 1.58 -8.72
CA GLU B 613 13.33 2.64 -9.51
C GLU B 613 14.41 3.32 -8.70
N LEU B 614 14.11 3.59 -7.43
CA LEU B 614 15.08 4.22 -6.55
C LEU B 614 16.33 3.31 -6.45
N THR B 615 16.09 1.99 -6.32
CA THR B 615 17.21 1.06 -6.21
C THR B 615 18.07 1.03 -7.48
N ALA B 616 17.44 0.96 -8.64
CA ALA B 616 18.18 0.97 -9.91
C ALA B 616 18.97 2.27 -10.05
N LEU B 617 18.33 3.37 -9.69
CA LEU B 617 18.96 4.68 -9.79
C LEU B 617 20.22 4.79 -8.93
N ILE B 618 20.08 4.50 -7.63
CA ILE B 618 21.22 4.60 -6.74
C ILE B 618 22.31 3.62 -7.13
N GLY B 619 21.95 2.37 -7.36
CA GLY B 619 22.95 1.37 -7.70
C GLY B 619 23.68 1.66 -9.00
N GLY B 620 22.94 2.06 -10.02
CA GLY B 620 23.57 2.37 -11.29
C GLY B 620 24.46 3.57 -11.11
N MET B 621 23.95 4.59 -10.42
CA MET B 621 24.72 5.82 -10.20
C MET B 621 26.07 5.55 -9.54
N ARG B 622 26.09 4.65 -8.55
CA ARG B 622 27.36 4.37 -7.87
C ARG B 622 28.42 3.77 -8.79
N SER B 623 28.02 3.10 -9.87
CA SER B 623 29.01 2.56 -10.82
C SER B 623 29.59 3.69 -11.69
N ILE B 624 28.82 4.75 -11.85
CA ILE B 624 29.28 5.88 -12.63
C ILE B 624 30.17 6.73 -11.72
N GLY B 625 29.71 6.91 -10.50
CA GLY B 625 30.42 7.69 -9.51
C GLY B 625 30.21 9.17 -9.70
N ALA B 626 29.10 9.69 -9.16
CA ALA B 626 28.82 11.12 -9.28
C ALA B 626 28.61 11.72 -7.90
N ASN B 627 29.51 11.42 -6.97
CA ASN B 627 29.36 11.93 -5.62
C ASN B 627 29.78 13.36 -5.34
N TYR B 628 29.14 13.90 -4.31
CA TYR B 628 29.40 15.23 -3.80
C TYR B 628 30.84 15.21 -3.32
N GLN B 629 31.61 16.23 -3.67
CA GLN B 629 33.03 16.34 -3.30
C GLN B 629 33.84 15.15 -3.84
N ASP B 630 33.28 14.47 -4.84
CA ASP B 630 33.94 13.34 -5.47
C ASP B 630 34.46 12.28 -4.52
N THR B 631 33.69 11.94 -3.50
CA THR B 631 34.13 10.91 -2.57
C THR B 631 33.91 9.54 -3.22
N ASP B 632 34.44 8.50 -2.59
CA ASP B 632 34.26 7.15 -3.12
C ASP B 632 33.23 6.37 -2.32
N LEU B 633 32.43 7.10 -1.56
CA LEU B 633 31.39 6.50 -0.74
C LEU B 633 30.38 5.74 -1.60
N GLY B 634 30.25 4.44 -1.34
CA GLY B 634 29.31 3.61 -2.08
C GLY B 634 29.75 3.28 -3.49
N VAL B 635 30.93 3.75 -3.90
CA VAL B 635 31.40 3.48 -5.24
C VAL B 635 32.12 2.15 -5.24
N PHE B 636 31.33 1.07 -5.16
CA PHE B 636 31.86 -0.29 -5.08
C PHE B 636 32.21 -0.86 -6.44
N THR B 637 33.20 -0.24 -7.09
CA THR B 637 33.63 -0.72 -8.39
C THR B 637 35.07 -0.29 -8.63
N ASP B 638 35.78 -1.08 -9.44
CA ASP B 638 37.16 -0.79 -9.78
C ASP B 638 37.24 0.00 -11.09
N GLU B 639 36.10 0.18 -11.74
CA GLU B 639 36.03 0.92 -13.00
C GLU B 639 34.94 2.00 -13.01
N PRO B 640 35.20 3.13 -12.34
CA PRO B 640 34.25 4.25 -12.29
C PRO B 640 33.86 4.72 -13.70
N GLU B 641 32.69 5.33 -13.82
CA GLU B 641 32.19 5.84 -15.10
C GLU B 641 31.87 4.74 -16.09
N THR B 642 31.61 3.55 -15.56
CA THR B 642 31.25 2.40 -16.37
C THR B 642 29.98 1.85 -15.72
N LEU B 643 28.85 2.02 -16.41
CA LEU B 643 27.55 1.58 -15.89
C LEU B 643 27.41 0.07 -15.85
N THR B 644 27.43 -0.50 -14.65
CA THR B 644 27.32 -1.95 -14.47
C THR B 644 26.54 -2.21 -13.18
N ASN B 645 26.40 -3.48 -12.80
CA ASN B 645 25.73 -3.81 -11.57
C ASN B 645 26.76 -4.08 -10.45
N ASP B 646 27.98 -3.54 -10.60
CA ASP B 646 29.02 -3.77 -9.58
C ASP B 646 28.59 -3.37 -8.17
N PHE B 647 27.78 -2.31 -8.04
CA PHE B 647 27.35 -1.90 -6.71
C PHE B 647 26.66 -3.06 -5.99
N PHE B 648 25.75 -3.73 -6.68
CA PHE B 648 25.00 -4.81 -6.05
C PHE B 648 25.85 -6.05 -5.82
N VAL B 649 26.65 -6.41 -6.81
CA VAL B 649 27.50 -7.58 -6.69
C VAL B 649 28.42 -7.41 -5.49
N ASN B 650 29.01 -6.22 -5.35
CA ASN B 650 29.91 -6.01 -4.22
C ASN B 650 29.21 -5.76 -2.90
N LEU B 651 28.04 -5.16 -2.96
CA LEU B 651 27.30 -4.90 -1.73
C LEU B 651 26.84 -6.23 -1.10
N LEU B 652 26.44 -7.16 -1.96
CA LEU B 652 25.91 -8.45 -1.46
C LEU B 652 26.96 -9.48 -1.12
N ASP B 653 28.21 -9.24 -1.49
CA ASP B 653 29.29 -10.19 -1.24
C ASP B 653 29.57 -10.41 0.25
N MET B 654 29.29 -11.61 0.76
CA MET B 654 29.50 -11.87 2.18
C MET B 654 30.97 -11.87 2.58
N GLY B 655 31.86 -11.87 1.61
CA GLY B 655 33.28 -11.83 1.92
C GLY B 655 33.67 -10.51 2.58
N THR B 656 32.74 -9.56 2.56
CA THR B 656 32.96 -8.24 3.15
C THR B 656 32.05 -8.03 4.35
N GLU B 657 32.59 -7.48 5.42
CA GLU B 657 31.83 -7.21 6.64
C GLU B 657 31.80 -5.70 6.84
N TRP B 658 30.68 -5.17 7.29
CA TRP B 658 30.54 -3.72 7.49
C TRP B 658 30.46 -3.29 8.95
N GLU B 659 30.92 -2.07 9.24
CA GLU B 659 30.88 -1.54 10.60
C GLU B 659 30.98 -0.02 10.55
N PRO B 660 30.45 0.66 11.57
CA PRO B 660 30.54 2.12 11.59
C PRO B 660 31.96 2.60 11.71
N ALA B 661 32.28 3.66 10.97
CA ALA B 661 33.63 4.22 10.97
C ALA B 661 33.83 4.98 12.27
N ALA B 662 34.96 4.71 12.92
CA ALA B 662 35.32 5.36 14.16
C ALA B 662 35.63 6.81 13.86
N ASP B 663 35.22 7.70 14.78
CA ASP B 663 35.46 9.13 14.62
C ASP B 663 34.80 9.62 13.33
N SER B 664 33.56 9.20 13.13
CA SER B 664 32.81 9.59 11.94
C SER B 664 31.35 9.83 12.30
N GLU B 665 30.63 10.47 11.39
CA GLU B 665 29.23 10.76 11.63
C GLU B 665 28.32 10.01 10.67
N HIS B 666 28.73 9.94 9.42
CA HIS B 666 27.91 9.29 8.40
C HIS B 666 28.61 8.15 7.65
N ARG B 667 29.87 7.86 8.01
CA ARG B 667 30.58 6.80 7.30
C ARG B 667 30.66 5.41 7.96
N TYR B 668 30.73 4.41 7.09
CA TYR B 668 30.86 3.00 7.46
C TYR B 668 31.99 2.42 6.62
N LYS B 669 32.69 1.43 7.15
CA LYS B 669 33.77 0.79 6.42
C LYS B 669 33.42 -0.65 6.04
N GLY B 670 33.78 -1.03 4.83
CA GLY B 670 33.56 -2.39 4.34
C GLY B 670 34.92 -3.07 4.38
N LEU B 671 35.09 -3.95 5.36
CA LEU B 671 36.36 -4.66 5.57
C LEU B 671 36.33 -6.10 5.09
N ASP B 672 37.46 -6.58 4.57
CA ASP B 672 37.50 -7.96 4.13
C ASP B 672 37.30 -8.79 5.40
N ARG B 673 36.23 -9.58 5.44
CA ARG B 673 35.88 -10.38 6.62
C ARG B 673 37.02 -11.24 7.17
N ASP B 674 37.96 -11.60 6.30
CA ASP B 674 39.10 -12.40 6.69
C ASP B 674 40.32 -11.60 7.15
N THR B 675 40.90 -10.84 6.23
CA THR B 675 42.09 -10.03 6.51
C THR B 675 41.87 -8.75 7.30
N GLY B 676 40.69 -8.17 7.17
CA GLY B 676 40.42 -6.94 7.89
C GLY B 676 40.82 -5.75 7.04
N GLU B 677 41.26 -6.02 5.83
CA GLU B 677 41.64 -4.97 4.88
C GLU B 677 40.42 -4.12 4.53
N VAL B 678 40.57 -2.80 4.54
CA VAL B 678 39.47 -1.91 4.20
C VAL B 678 39.25 -2.03 2.70
N LYS B 679 38.06 -2.49 2.32
CA LYS B 679 37.74 -2.67 0.91
C LYS B 679 36.95 -1.50 0.35
N TRP B 680 35.97 -1.03 1.12
CA TRP B 680 35.11 0.07 0.68
C TRP B 680 34.70 0.97 1.83
N GLU B 681 34.13 2.12 1.47
CA GLU B 681 33.59 3.06 2.43
C GLU B 681 32.18 3.39 1.91
N ALA B 682 31.26 3.65 2.84
CA ALA B 682 29.87 3.95 2.45
C ALA B 682 29.09 4.71 3.50
N THR B 683 27.87 5.12 3.13
CA THR B 683 26.98 5.80 4.06
C THR B 683 25.74 4.93 4.19
N ARG B 684 24.81 5.36 5.05
CA ARG B 684 23.57 4.62 5.23
C ARG B 684 22.75 4.60 3.93
N ILE B 685 22.96 5.60 3.09
CA ILE B 685 22.24 5.64 1.82
C ILE B 685 22.58 4.41 1.00
N ASP B 686 23.86 4.05 1.00
CA ASP B 686 24.31 2.89 0.25
C ASP B 686 23.92 1.60 0.94
N LEU B 687 24.17 1.54 2.24
CA LEU B 687 23.90 0.30 2.97
C LEU B 687 22.45 -0.08 3.19
N ILE B 688 21.53 0.88 3.07
CA ILE B 688 20.14 0.52 3.30
C ILE B 688 19.66 -0.51 2.27
N PHE B 689 20.26 -0.48 1.08
CA PHE B 689 19.87 -1.41 0.03
C PHE B 689 20.30 -2.84 0.29
N GLY B 690 21.13 -3.01 1.31
CA GLY B 690 21.57 -4.35 1.69
C GLY B 690 21.09 -4.73 3.09
N SER B 691 20.29 -3.86 3.71
CA SER B 691 19.75 -4.08 5.06
C SER B 691 18.24 -4.29 5.13
N ASN B 692 17.50 -3.36 4.52
CA ASN B 692 16.05 -3.43 4.51
C ASN B 692 15.62 -4.69 3.75
N ASP B 693 14.66 -5.42 4.32
CA ASP B 693 14.21 -6.69 3.73
C ASP B 693 13.73 -6.55 2.30
N ARG B 694 12.90 -5.54 2.04
CA ARG B 694 12.41 -5.37 0.70
C ARG B 694 13.45 -4.86 -0.28
N LEU B 695 14.25 -3.90 0.14
CA LEU B 695 15.27 -3.36 -0.77
C LEU B 695 16.29 -4.43 -1.09
N ARG B 696 16.61 -5.25 -0.11
CA ARG B 696 17.57 -6.32 -0.37
C ARG B 696 17.05 -7.29 -1.43
N ALA B 697 15.74 -7.58 -1.42
CA ALA B 697 15.21 -8.48 -2.43
C ALA B 697 15.38 -7.86 -3.84
N ILE B 698 15.26 -6.54 -3.95
CA ILE B 698 15.47 -5.86 -5.25
C ILE B 698 16.95 -5.95 -5.60
N SER B 699 17.80 -5.63 -4.62
CA SER B 699 19.25 -5.68 -4.83
C SER B 699 19.71 -7.06 -5.31
N GLU B 700 19.11 -8.11 -4.77
CA GLU B 700 19.50 -9.45 -5.18
C GLU B 700 19.19 -9.70 -6.65
N VAL B 701 18.09 -9.15 -7.15
CA VAL B 701 17.75 -9.33 -8.56
C VAL B 701 18.83 -8.69 -9.41
N TYR B 702 19.12 -7.42 -9.11
CA TYR B 702 20.12 -6.68 -9.91
C TYR B 702 21.55 -7.19 -9.77
N GLY B 703 21.83 -7.82 -8.63
CA GLY B 703 23.15 -8.36 -8.40
C GLY B 703 23.34 -9.78 -8.91
N SER B 704 22.38 -10.31 -9.65
CA SER B 704 22.49 -11.65 -10.17
C SER B 704 23.34 -11.71 -11.43
N ALA B 705 23.87 -12.89 -11.71
CA ALA B 705 24.76 -13.11 -12.83
C ALA B 705 24.30 -12.56 -14.16
N ASP B 706 23.04 -12.77 -14.51
CA ASP B 706 22.57 -12.28 -15.80
C ASP B 706 21.62 -11.11 -15.71
N ALA B 707 21.86 -10.21 -14.79
CA ALA B 707 20.97 -9.07 -14.62
C ALA B 707 21.59 -7.71 -14.98
N GLU B 708 22.83 -7.72 -15.45
CA GLU B 708 23.48 -6.44 -15.76
C GLU B 708 22.74 -5.62 -16.80
N LYS B 709 22.36 -6.24 -17.91
CA LYS B 709 21.67 -5.53 -18.97
C LYS B 709 20.36 -4.96 -18.42
N LYS B 710 19.63 -5.75 -17.63
CA LYS B 710 18.38 -5.25 -17.08
C LYS B 710 18.62 -4.03 -16.18
N LEU B 711 19.64 -4.07 -15.34
CA LEU B 711 19.92 -2.93 -14.47
C LEU B 711 20.25 -1.70 -15.30
N VAL B 712 21.07 -1.88 -16.34
CA VAL B 712 21.40 -0.75 -17.21
C VAL B 712 20.13 -0.13 -17.83
N HIS B 713 19.27 -0.98 -18.37
CA HIS B 713 18.05 -0.48 -18.98
C HIS B 713 17.14 0.19 -17.95
N ASP B 714 17.02 -0.40 -16.76
CA ASP B 714 16.19 0.19 -15.72
C ASP B 714 16.76 1.51 -15.19
N PHE B 715 18.09 1.60 -15.09
CA PHE B 715 18.73 2.83 -14.63
C PHE B 715 18.44 3.93 -15.66
N VAL B 716 18.64 3.60 -16.93
CA VAL B 716 18.40 4.57 -17.98
C VAL B 716 16.94 5.03 -18.01
N ASP B 717 16.01 4.08 -17.87
CA ASP B 717 14.60 4.46 -17.86
C ASP B 717 14.27 5.41 -16.72
N THR B 718 14.85 5.19 -15.55
CA THR B 718 14.58 6.06 -14.39
C THR B 718 15.24 7.43 -14.58
N TRP B 719 16.45 7.42 -15.13
CA TRP B 719 17.18 8.66 -15.40
C TRP B 719 16.33 9.53 -16.34
N SER B 720 15.89 8.94 -17.46
CA SER B 720 15.06 9.64 -18.45
C SER B 720 13.79 10.17 -17.80
N LYS B 721 13.14 9.31 -17.01
CA LYS B 721 11.92 9.73 -16.32
C LYS B 721 12.12 11.00 -15.49
N VAL B 722 13.18 11.01 -14.69
CA VAL B 722 13.45 12.15 -13.82
C VAL B 722 13.76 13.41 -14.64
N MET B 723 14.51 13.24 -15.72
CA MET B 723 14.86 14.40 -16.52
C MET B 723 13.63 15.07 -17.10
N LYS B 724 12.58 14.28 -17.34
CA LYS B 724 11.36 14.78 -17.97
C LYS B 724 10.20 15.09 -17.03
N LEU B 725 10.40 14.98 -15.72
CA LEU B 725 9.28 15.23 -14.80
C LEU B 725 8.54 16.54 -14.94
N ASP B 726 9.25 17.63 -15.24
CA ASP B 726 8.56 18.90 -15.37
C ASP B 726 8.14 19.28 -16.78
N ARG B 727 8.22 18.33 -17.71
CA ARG B 727 7.83 18.61 -19.09
C ARG B 727 6.35 18.29 -19.23
N PHE B 728 5.51 19.29 -19.00
CA PHE B 728 4.07 19.11 -19.13
C PHE B 728 3.63 19.40 -20.57
N ASP B 729 4.56 19.31 -21.52
CA ASP B 729 4.24 19.57 -22.92
C ASP B 729 3.56 18.36 -23.56
N LEU B 730 3.05 17.46 -22.72
CA LEU B 730 2.38 16.25 -23.19
C LEU B 730 1.04 16.06 -22.48
N GLU B 731 0.79 16.89 -21.48
CA GLU B 731 -0.45 16.82 -20.70
C GLU B 731 -1.66 17.04 -21.60
CHA HEM C . 15.27 -28.03 14.86
CHB HEM C . 11.01 -27.76 17.14
CHC HEM C . 8.78 -30.09 13.57
CHD HEM C . 13.12 -30.58 11.34
C1A HEM C . 14.20 -27.62 15.67
C2A HEM C . 14.37 -26.85 16.87
C3A HEM C . 13.31 -26.73 17.67
C4A HEM C . 12.35 -27.50 16.90
CMA HEM C . 12.89 -25.94 18.91
CAA HEM C . 15.73 -26.22 17.24
CBA HEM C . 16.13 -24.83 16.66
CGA HEM C . 17.48 -24.56 17.05
O1A HEM C . 17.70 -24.29 18.34
O2A HEM C . 18.44 -24.56 16.28
C1B HEM C . 9.98 -28.41 16.43
C2B HEM C . 8.59 -28.56 16.85
C3B HEM C . 8.06 -29.25 15.81
C4B HEM C . 9.06 -29.50 14.81
CMB HEM C . 8.12 -28.03 18.18
CAB HEM C . 6.60 -29.70 15.84
CBB HEM C . 5.68 -30.17 16.99
C1C HEM C . 9.77 -30.33 12.66
C2C HEM C . 9.47 -30.88 11.35
C3C HEM C . 10.63 -30.95 10.69
C4C HEM C . 11.76 -30.47 11.45
CMC HEM C . 8.06 -31.22 10.82
CAC HEM C . 11.04 -31.43 9.28
CBC HEM C . 10.28 -32.57 8.60
C1D HEM C . 14.10 -29.95 12.11
C2D HEM C . 15.51 -30.04 11.83
C3D HEM C . 16.06 -29.36 12.85
C4D HEM C . 15.03 -28.87 13.75
CMD HEM C . 16.12 -30.84 10.70
CAD HEM C . 17.55 -29.31 13.22
CBD HEM C . 18.26 -27.93 12.78
CGD HEM C . 19.70 -27.82 12.82
O1D HEM C . 20.36 -28.91 12.99
O2D HEM C . 20.22 -26.69 12.65
NA HEM C . 12.89 -28.00 15.74
NB HEM C . 10.29 -28.95 15.21
NC HEM C . 11.16 -30.11 12.65
ND HEM C . 13.82 -29.25 13.26
FE HEM C . 12.06 -29.28 14.31
C CYN D . 11.63 -26.69 13.35
N CYN D . 11.94 -26.87 12.34
CHA HEM E . -15.18 30.06 9.87
CHB HEM E . -11.07 30.14 12.09
CHC HEM E . -8.85 31.88 8.46
CHD HEM E . -13.04 31.84 6.20
C1A HEM E . -14.31 29.74 10.91
C2A HEM E . -14.46 29.14 12.22
C3A HEM E . -13.36 29.13 12.99
C4A HEM E . -12.41 29.77 12.13
CMA HEM E . -13.07 28.58 14.37
CAA HEM E . -15.86 28.61 12.50
CBA HEM E . -16.07 27.09 12.20
CGA HEM E . -17.41 26.93 12.52
O1A HEM E . -17.81 26.82 13.77
O2A HEM E . -18.47 26.83 11.87
C1B HEM E . -9.93 30.58 11.40
C2B HEM E . -8.57 30.77 11.85
C3B HEM E . -7.94 31.37 10.80
C4B HEM E . -8.99 31.50 9.81
CMB HEM E . -7.96 30.40 13.18
CAB HEM E . -6.52 31.83 10.59
CBB HEM E . -5.56 32.50 11.59
C1C HEM E . -9.67 31.92 7.37
C2C HEM E . -9.47 32.27 5.96
C3C HEM E . -10.64 32.26 5.34
C4C HEM E . -11.65 31.90 6.28
CMC HEM E . -8.05 32.54 5.50
CAC HEM E . -10.98 32.49 3.86
CBC HEM E . -10.31 33.42 2.81
C1D HEM E . -14.14 31.49 7.03
C2D HEM E . -15.52 31.59 6.59
C3D HEM E . -16.09 31.08 7.72
C4D HEM E . -15.00 30.75 8.65
CMD HEM E . -16.17 32.13 5.36
CAD HEM E . -17.54 30.91 8.04
CBD HEM E . -18.16 29.49 7.68
CGD HEM E . -19.55 29.52 7.87
O1D HEM E . -20.36 30.52 7.96
O2D HEM E . -20.17 28.42 7.99
NA HEM E . -13.00 30.11 10.92
NB HEM E . -10.27 31.03 10.12
NC HEM E . -11.05 31.71 7.50
ND HEM E . -13.71 30.99 8.27
FE HEM E . -12.10 31.18 9.23
C CYN F . -11.75 28.36 8.83
N CYN F . -12.33 28.40 7.94
#